data_6IZS
# 
_entry.id   6IZS 
# 
_audit_conform.dict_name       mmcif_pdbx.dic 
_audit_conform.dict_version    5.380 
_audit_conform.dict_location   http://mmcif.pdb.org/dictionaries/ascii/mmcif_pdbx.dic 
# 
loop_
_database_2.database_id 
_database_2.database_code 
_database_2.pdbx_database_accession 
_database_2.pdbx_DOI 
PDB   6IZS         pdb_00006izs 10.2210/pdb6izs/pdb 
WWPDB D_1300010222 ?            ?                   
# 
_pdbx_database_status.status_code                     REL 
_pdbx_database_status.status_code_sf                  REL 
_pdbx_database_status.status_code_mr                  ? 
_pdbx_database_status.entry_id                        6IZS 
_pdbx_database_status.recvd_initial_deposition_date   2018-12-20 
_pdbx_database_status.SG_entry                        N 
_pdbx_database_status.deposit_site                    PDBJ 
_pdbx_database_status.process_site                    PDBJ 
_pdbx_database_status.status_code_cs                  ? 
_pdbx_database_status.methods_development_category    ? 
_pdbx_database_status.pdb_format_compatible           Y 
_pdbx_database_status.status_code_nmr_data            ? 
# 
loop_
_audit_author.name 
_audit_author.pdbx_ordinal 
_audit_author.identifier_ORCID 
'Ma, X.'   1 ?                   
'Wang, Q.' 2 ?                   
'Li, Y.'   3 ?                   
'Tan, P.'  4 ?                   
'Wu, H.'   5 ?                   
'Wang, P.' 6 ?                   
'Dong, X.' 7 ?                   
'Hong, L.' 8 ?                   
'Meng, G.' 9 0000-0001-7904-2382 
# 
_citation.abstract                  ? 
_citation.abstract_id_CAS           ? 
_citation.book_id_ISBN              ? 
_citation.book_publisher            ? 
_citation.book_publisher_city       ? 
_citation.book_title                ? 
_citation.coordinate_linkage        ? 
_citation.country                   US 
_citation.database_id_Medline       ? 
_citation.details                   ? 
_citation.id                        primary 
_citation.journal_abbrev            'Faseb J.' 
_citation.journal_id_ASTM           FAJOEC 
_citation.journal_id_CSD            2074 
_citation.journal_id_ISSN           1530-6860 
_citation.journal_full              ? 
_citation.journal_issue             ? 
_citation.journal_volume            33 
_citation.language                  ? 
_citation.page_first                14690 
_citation.page_last                 14702 
_citation.title                     'How BamA recruits OMP substratesviapoly-POTRAs domain.' 
_citation.year                      2019 
_citation.database_id_CSD           ? 
_citation.pdbx_database_id_DOI      10.1096/fj.201900681RR 
_citation.pdbx_database_id_PubMed   31702961 
_citation.unpublished_flag          ? 
# 
loop_
_citation_author.citation_id 
_citation_author.name 
_citation_author.ordinal 
_citation_author.identifier_ORCID 
primary 'Ma, X.'   1 ? 
primary 'Wang, Q.' 2 ? 
primary 'Li, Y.'   3 ? 
primary 'Tan, P.'  4 ? 
primary 'Wu, H.'   5 ? 
primary 'Wang, P.' 6 ? 
primary 'Dong, X.' 7 ? 
primary 'Hong, L.' 8 ? 
primary 'Meng, G.' 9 ? 
# 
_cell.angle_alpha                  90.00 
_cell.angle_alpha_esd              ? 
_cell.angle_beta                   90.00 
_cell.angle_beta_esd               ? 
_cell.angle_gamma                  120.00 
_cell.angle_gamma_esd              ? 
_cell.entry_id                     6IZS 
_cell.details                      ? 
_cell.formula_units_Z              ? 
_cell.length_a                     80.530 
_cell.length_a_esd                 ? 
_cell.length_b                     80.530 
_cell.length_b_esd                 ? 
_cell.length_c                     105.141 
_cell.length_c_esd                 ? 
_cell.volume                       ? 
_cell.volume_esd                   ? 
_cell.Z_PDB                        12 
_cell.reciprocal_angle_alpha       ? 
_cell.reciprocal_angle_beta        ? 
_cell.reciprocal_angle_gamma       ? 
_cell.reciprocal_angle_alpha_esd   ? 
_cell.reciprocal_angle_beta_esd    ? 
_cell.reciprocal_angle_gamma_esd   ? 
_cell.reciprocal_length_a          ? 
_cell.reciprocal_length_b          ? 
_cell.reciprocal_length_c          ? 
_cell.reciprocal_length_a_esd      ? 
_cell.reciprocal_length_b_esd      ? 
_cell.reciprocal_length_c_esd      ? 
_cell.pdbx_unique_axis             ? 
# 
_symmetry.entry_id                         6IZS 
_symmetry.cell_setting                     ? 
_symmetry.Int_Tables_number                179 
_symmetry.space_group_name_Hall            ? 
_symmetry.space_group_name_H-M             'P 65 2 2' 
_symmetry.pdbx_full_space_group_name_H-M   ? 
# 
loop_
_entity.id 
_entity.type 
_entity.src_method 
_entity.pdbx_description 
_entity.formula_weight 
_entity.pdbx_number_of_molecules 
_entity.pdbx_ec 
_entity.pdbx_mutation 
_entity.pdbx_fragment 
_entity.details 
1 polymer man 'Outer membrane protein assembly factor BamA' 12906.374 1  ? ? ? ? 
2 water   nat water                                         18.015    97 ? ? ? ? 
# 
_entity_name_com.entity_id   1 
_entity_name_com.name        '80 kDa D15 antigen,D-15-Ag,Outer membrane protein D15,Protective surface antigen D15' 
# 
_entity_poly.entity_id                      1 
_entity_poly.type                           'polypeptide(L)' 
_entity_poly.nstd_linkage                   no 
_entity_poly.nstd_monomer                   no 
_entity_poly.pdbx_seq_one_letter_code       
;MGSSHHHHHHSSGLVPRGSHMLQYDLRSARIIGNLGGMSAELEPLLSALHLNDTFRRSDIADVENAIKAKLGERGYGSAT
VNSVPDFDDANKTLAITLVVDAGRRLGSGSGSGVAAGVGYQW
;
_entity_poly.pdbx_seq_one_letter_code_can   
;MGSSHHHHHHSSGLVPRGSHMLQYDLRSARIIGNLGGMSAELEPLLSALHLNDTFRRSDIADVENAIKAKLGERGYGSAT
VNSVPDFDDANKTLAITLVVDAGRRLGSGSGSGVAAGVGYQW
;
_entity_poly.pdbx_strand_id                 A 
_entity_poly.pdbx_target_identifier         ? 
# 
loop_
_entity_poly_seq.entity_id 
_entity_poly_seq.num 
_entity_poly_seq.mon_id 
_entity_poly_seq.hetero 
1 1   MET n 
1 2   GLY n 
1 3   SER n 
1 4   SER n 
1 5   HIS n 
1 6   HIS n 
1 7   HIS n 
1 8   HIS n 
1 9   HIS n 
1 10  HIS n 
1 11  SER n 
1 12  SER n 
1 13  GLY n 
1 14  LEU n 
1 15  VAL n 
1 16  PRO n 
1 17  ARG n 
1 18  GLY n 
1 19  SER n 
1 20  HIS n 
1 21  MET n 
1 22  LEU n 
1 23  GLN n 
1 24  TYR n 
1 25  ASP n 
1 26  LEU n 
1 27  ARG n 
1 28  SER n 
1 29  ALA n 
1 30  ARG n 
1 31  ILE n 
1 32  ILE n 
1 33  GLY n 
1 34  ASN n 
1 35  LEU n 
1 36  GLY n 
1 37  GLY n 
1 38  MET n 
1 39  SER n 
1 40  ALA n 
1 41  GLU n 
1 42  LEU n 
1 43  GLU n 
1 44  PRO n 
1 45  LEU n 
1 46  LEU n 
1 47  SER n 
1 48  ALA n 
1 49  LEU n 
1 50  HIS n 
1 51  LEU n 
1 52  ASN n 
1 53  ASP n 
1 54  THR n 
1 55  PHE n 
1 56  ARG n 
1 57  ARG n 
1 58  SER n 
1 59  ASP n 
1 60  ILE n 
1 61  ALA n 
1 62  ASP n 
1 63  VAL n 
1 64  GLU n 
1 65  ASN n 
1 66  ALA n 
1 67  ILE n 
1 68  LYS n 
1 69  ALA n 
1 70  LYS n 
1 71  LEU n 
1 72  GLY n 
1 73  GLU n 
1 74  ARG n 
1 75  GLY n 
1 76  TYR n 
1 77  GLY n 
1 78  SER n 
1 79  ALA n 
1 80  THR n 
1 81  VAL n 
1 82  ASN n 
1 83  SER n 
1 84  VAL n 
1 85  PRO n 
1 86  ASP n 
1 87  PHE n 
1 88  ASP n 
1 89  ASP n 
1 90  ALA n 
1 91  ASN n 
1 92  LYS n 
1 93  THR n 
1 94  LEU n 
1 95  ALA n 
1 96  ILE n 
1 97  THR n 
1 98  LEU n 
1 99  VAL n 
1 100 VAL n 
1 101 ASP n 
1 102 ALA n 
1 103 GLY n 
1 104 ARG n 
1 105 ARG n 
1 106 LEU n 
1 107 GLY n 
1 108 SER n 
1 109 GLY n 
1 110 SER n 
1 111 GLY n 
1 112 SER n 
1 113 GLY n 
1 114 VAL n 
1 115 ALA n 
1 116 ALA n 
1 117 GLY n 
1 118 VAL n 
1 119 GLY n 
1 120 TYR n 
1 121 GLN n 
1 122 TRP n 
# 
_entity_src_gen.entity_id                          1 
_entity_src_gen.pdbx_src_id                        1 
_entity_src_gen.pdbx_alt_source_flag               sample 
_entity_src_gen.pdbx_seq_type                      'Biological sequence' 
_entity_src_gen.pdbx_beg_seq_num                   1 
_entity_src_gen.pdbx_end_seq_num                   122 
_entity_src_gen.gene_src_common_name               ? 
_entity_src_gen.gene_src_genus                     ? 
_entity_src_gen.pdbx_gene_src_gene                 bamA 
_entity_src_gen.gene_src_species                   ? 
_entity_src_gen.gene_src_strain                    ? 
_entity_src_gen.gene_src_tissue                    ? 
_entity_src_gen.gene_src_tissue_fraction           ? 
_entity_src_gen.gene_src_details                   ? 
_entity_src_gen.pdbx_gene_src_fragment             ? 
_entity_src_gen.pdbx_gene_src_scientific_name      'Haemophilus influenzae' 
_entity_src_gen.pdbx_gene_src_ncbi_taxonomy_id     727 
_entity_src_gen.pdbx_gene_src_variant              ? 
_entity_src_gen.pdbx_gene_src_cell_line            ? 
_entity_src_gen.pdbx_gene_src_atcc                 ? 
_entity_src_gen.pdbx_gene_src_organ                ? 
_entity_src_gen.pdbx_gene_src_organelle            ? 
_entity_src_gen.pdbx_gene_src_cell                 ? 
_entity_src_gen.pdbx_gene_src_cellular_location    ? 
_entity_src_gen.host_org_common_name               ? 
_entity_src_gen.pdbx_host_org_scientific_name      'Escherichia coli' 
_entity_src_gen.pdbx_host_org_ncbi_taxonomy_id     562 
_entity_src_gen.host_org_genus                     ? 
_entity_src_gen.pdbx_host_org_gene                 ? 
_entity_src_gen.pdbx_host_org_organ                ? 
_entity_src_gen.host_org_species                   ? 
_entity_src_gen.pdbx_host_org_tissue               ? 
_entity_src_gen.pdbx_host_org_tissue_fraction      ? 
_entity_src_gen.pdbx_host_org_strain               ? 
_entity_src_gen.pdbx_host_org_variant              ? 
_entity_src_gen.pdbx_host_org_cell_line            ? 
_entity_src_gen.pdbx_host_org_atcc                 ? 
_entity_src_gen.pdbx_host_org_culture_collection   ? 
_entity_src_gen.pdbx_host_org_cell                 ? 
_entity_src_gen.pdbx_host_org_organelle            ? 
_entity_src_gen.pdbx_host_org_cellular_location    ? 
_entity_src_gen.pdbx_host_org_vector_type          ? 
_entity_src_gen.pdbx_host_org_vector               ? 
_entity_src_gen.host_org_details                   ? 
_entity_src_gen.expression_system_id               ? 
_entity_src_gen.plasmid_name                       ? 
_entity_src_gen.plasmid_details                    ? 
_entity_src_gen.pdbx_description                   ? 
# 
_struct_ref.id                         1 
_struct_ref.db_name                    UNP 
_struct_ref.db_code                    BAMA1_HAEIF 
_struct_ref.pdbx_db_accession          P46024 
_struct_ref.pdbx_db_isoform            ? 
_struct_ref.entity_id                  1 
_struct_ref.pdbx_seq_one_letter_code   
;LQYDLRSARIIGNLGGMSAELEPLLSALHLNDTFRRSDIADVENAIKAKLGERGYGSATVNSVPDFDDANKTLAITLVVD
AGRRL
;
_struct_ref.pdbx_align_begin           260 
# 
_struct_ref_seq.align_id                      1 
_struct_ref_seq.ref_id                        1 
_struct_ref_seq.pdbx_PDB_id_code              6IZS 
_struct_ref_seq.pdbx_strand_id                A 
_struct_ref_seq.seq_align_beg                 22 
_struct_ref_seq.pdbx_seq_align_beg_ins_code   ? 
_struct_ref_seq.seq_align_end                 106 
_struct_ref_seq.pdbx_seq_align_end_ins_code   ? 
_struct_ref_seq.pdbx_db_accession             P46024 
_struct_ref_seq.db_align_beg                  260 
_struct_ref_seq.pdbx_db_align_beg_ins_code    ? 
_struct_ref_seq.db_align_end                  344 
_struct_ref_seq.pdbx_db_align_end_ins_code    ? 
_struct_ref_seq.pdbx_auth_seq_align_beg       22 
_struct_ref_seq.pdbx_auth_seq_align_end       106 
# 
loop_
_struct_ref_seq_dif.align_id 
_struct_ref_seq_dif.pdbx_pdb_id_code 
_struct_ref_seq_dif.mon_id 
_struct_ref_seq_dif.pdbx_pdb_strand_id 
_struct_ref_seq_dif.seq_num 
_struct_ref_seq_dif.pdbx_pdb_ins_code 
_struct_ref_seq_dif.pdbx_seq_db_name 
_struct_ref_seq_dif.pdbx_seq_db_accession_code 
_struct_ref_seq_dif.db_mon_id 
_struct_ref_seq_dif.pdbx_seq_db_seq_num 
_struct_ref_seq_dif.details 
_struct_ref_seq_dif.pdbx_auth_seq_num 
_struct_ref_seq_dif.pdbx_ordinal 
1 6IZS MET A 1   ? UNP P46024 ? ? 'initiating methionine' 1   1  
1 6IZS GLY A 2   ? UNP P46024 ? ? 'expression tag'        2   2  
1 6IZS SER A 3   ? UNP P46024 ? ? 'expression tag'        3   3  
1 6IZS SER A 4   ? UNP P46024 ? ? 'expression tag'        4   4  
1 6IZS HIS A 5   ? UNP P46024 ? ? 'expression tag'        5   5  
1 6IZS HIS A 6   ? UNP P46024 ? ? 'expression tag'        6   6  
1 6IZS HIS A 7   ? UNP P46024 ? ? 'expression tag'        7   7  
1 6IZS HIS A 8   ? UNP P46024 ? ? 'expression tag'        8   8  
1 6IZS HIS A 9   ? UNP P46024 ? ? 'expression tag'        9   9  
1 6IZS HIS A 10  ? UNP P46024 ? ? 'expression tag'        10  10 
1 6IZS SER A 11  ? UNP P46024 ? ? 'expression tag'        11  11 
1 6IZS SER A 12  ? UNP P46024 ? ? 'expression tag'        12  12 
1 6IZS GLY A 13  ? UNP P46024 ? ? 'expression tag'        13  13 
1 6IZS LEU A 14  ? UNP P46024 ? ? 'expression tag'        14  14 
1 6IZS VAL A 15  ? UNP P46024 ? ? 'expression tag'        15  15 
1 6IZS PRO A 16  ? UNP P46024 ? ? 'expression tag'        16  16 
1 6IZS ARG A 17  ? UNP P46024 ? ? 'expression tag'        17  17 
1 6IZS GLY A 18  ? UNP P46024 ? ? 'expression tag'        18  18 
1 6IZS SER A 19  ? UNP P46024 ? ? 'expression tag'        19  19 
1 6IZS HIS A 20  ? UNP P46024 ? ? 'expression tag'        20  20 
1 6IZS MET A 21  ? UNP P46024 ? ? 'expression tag'        21  21 
1 6IZS GLY A 107 ? UNP P46024 ? ? 'expression tag'        107 22 
1 6IZS SER A 108 ? UNP P46024 ? ? 'expression tag'        108 23 
1 6IZS GLY A 109 ? UNP P46024 ? ? 'expression tag'        109 24 
1 6IZS SER A 110 ? UNP P46024 ? ? 'expression tag'        110 25 
1 6IZS GLY A 111 ? UNP P46024 ? ? 'expression tag'        111 26 
1 6IZS SER A 112 ? UNP P46024 ? ? 'expression tag'        112 27 
1 6IZS GLY A 113 ? UNP P46024 ? ? 'expression tag'        113 28 
1 6IZS VAL A 114 ? UNP P46024 ? ? 'expression tag'        114 29 
1 6IZS ALA A 115 ? UNP P46024 ? ? 'expression tag'        115 30 
1 6IZS ALA A 116 ? UNP P46024 ? ? 'expression tag'        116 31 
1 6IZS GLY A 117 ? UNP P46024 ? ? 'expression tag'        117 32 
1 6IZS VAL A 118 ? UNP P46024 ? ? 'expression tag'        118 33 
1 6IZS GLY A 119 ? UNP P46024 ? ? 'expression tag'        119 34 
1 6IZS TYR A 120 ? UNP P46024 ? ? 'expression tag'        120 35 
1 6IZS GLN A 121 ? UNP P46024 ? ? 'expression tag'        121 36 
1 6IZS TRP A 122 ? UNP P46024 ? ? 'expression tag'        122 37 
# 
loop_
_chem_comp.id 
_chem_comp.type 
_chem_comp.mon_nstd_flag 
_chem_comp.name 
_chem_comp.pdbx_synonyms 
_chem_comp.formula 
_chem_comp.formula_weight 
ALA 'L-peptide linking' y ALANINE         ? 'C3 H7 N O2'     89.093  
ARG 'L-peptide linking' y ARGININE        ? 'C6 H15 N4 O2 1' 175.209 
ASN 'L-peptide linking' y ASPARAGINE      ? 'C4 H8 N2 O3'    132.118 
ASP 'L-peptide linking' y 'ASPARTIC ACID' ? 'C4 H7 N O4'     133.103 
GLN 'L-peptide linking' y GLUTAMINE       ? 'C5 H10 N2 O3'   146.144 
GLU 'L-peptide linking' y 'GLUTAMIC ACID' ? 'C5 H9 N O4'     147.129 
GLY 'peptide linking'   y GLYCINE         ? 'C2 H5 N O2'     75.067  
HIS 'L-peptide linking' y HISTIDINE       ? 'C6 H10 N3 O2 1' 156.162 
HOH non-polymer         . WATER           ? 'H2 O'           18.015  
ILE 'L-peptide linking' y ISOLEUCINE      ? 'C6 H13 N O2'    131.173 
LEU 'L-peptide linking' y LEUCINE         ? 'C6 H13 N O2'    131.173 
LYS 'L-peptide linking' y LYSINE          ? 'C6 H15 N2 O2 1' 147.195 
MET 'L-peptide linking' y METHIONINE      ? 'C5 H11 N O2 S'  149.211 
PHE 'L-peptide linking' y PHENYLALANINE   ? 'C9 H11 N O2'    165.189 
PRO 'L-peptide linking' y PROLINE         ? 'C5 H9 N O2'     115.130 
SER 'L-peptide linking' y SERINE          ? 'C3 H7 N O3'     105.093 
THR 'L-peptide linking' y THREONINE       ? 'C4 H9 N O3'     119.119 
TRP 'L-peptide linking' y TRYPTOPHAN      ? 'C11 H12 N2 O2'  204.225 
TYR 'L-peptide linking' y TYROSINE        ? 'C9 H11 N O3'    181.189 
VAL 'L-peptide linking' y VALINE          ? 'C5 H11 N O2'    117.146 
# 
_exptl.absorpt_coefficient_mu     ? 
_exptl.absorpt_correction_T_max   ? 
_exptl.absorpt_correction_T_min   ? 
_exptl.absorpt_correction_type    ? 
_exptl.absorpt_process_details    ? 
_exptl.entry_id                   6IZS 
_exptl.crystals_number            1 
_exptl.details                    ? 
_exptl.method                     'X-RAY DIFFRACTION' 
_exptl.method_details             ? 
# 
_exptl_crystal.colour                      ? 
_exptl_crystal.density_diffrn              ? 
_exptl_crystal.density_Matthews            3.81 
_exptl_crystal.density_method              ? 
_exptl_crystal.density_percent_sol         67.74 
_exptl_crystal.description                 ? 
_exptl_crystal.F_000                       ? 
_exptl_crystal.id                          1 
_exptl_crystal.preparation                 ? 
_exptl_crystal.size_max                    ? 
_exptl_crystal.size_mid                    ? 
_exptl_crystal.size_min                    ? 
_exptl_crystal.size_rad                    ? 
_exptl_crystal.colour_lustre               ? 
_exptl_crystal.colour_modifier             ? 
_exptl_crystal.colour_primary              ? 
_exptl_crystal.density_meas                ? 
_exptl_crystal.density_meas_esd            ? 
_exptl_crystal.density_meas_gt             ? 
_exptl_crystal.density_meas_lt             ? 
_exptl_crystal.density_meas_temp           ? 
_exptl_crystal.density_meas_temp_esd       ? 
_exptl_crystal.density_meas_temp_gt        ? 
_exptl_crystal.density_meas_temp_lt        ? 
_exptl_crystal.pdbx_crystal_image_url      ? 
_exptl_crystal.pdbx_crystal_image_format   ? 
_exptl_crystal.pdbx_mosaicity              ? 
_exptl_crystal.pdbx_mosaicity_esd          ? 
# 
_exptl_crystal_grow.apparatus       ? 
_exptl_crystal_grow.atmosphere      ? 
_exptl_crystal_grow.crystal_id      1 
_exptl_crystal_grow.details         ? 
_exptl_crystal_grow.method          'VAPOR DIFFUSION, HANGING DROP' 
_exptl_crystal_grow.method_ref      ? 
_exptl_crystal_grow.pH              ? 
_exptl_crystal_grow.pressure        ? 
_exptl_crystal_grow.pressure_esd    ? 
_exptl_crystal_grow.seeding         ? 
_exptl_crystal_grow.seeding_ref     ? 
_exptl_crystal_grow.temp            298 
_exptl_crystal_grow.temp_details    ? 
_exptl_crystal_grow.temp_esd        ? 
_exptl_crystal_grow.time            ? 
_exptl_crystal_grow.pdbx_details    'ammonium sulfate' 
_exptl_crystal_grow.pdbx_pH_range   ? 
# 
_diffrn.ambient_environment              ? 
_diffrn.ambient_temp                     100 
_diffrn.ambient_temp_details             ? 
_diffrn.ambient_temp_esd                 ? 
_diffrn.crystal_id                       1 
_diffrn.crystal_support                  ? 
_diffrn.crystal_treatment                ? 
_diffrn.details                          ? 
_diffrn.id                               1 
_diffrn.ambient_pressure                 ? 
_diffrn.ambient_pressure_esd             ? 
_diffrn.ambient_pressure_gt              ? 
_diffrn.ambient_pressure_lt              ? 
_diffrn.ambient_temp_gt                  ? 
_diffrn.ambient_temp_lt                  ? 
_diffrn.pdbx_serial_crystal_experiment   N 
# 
_diffrn_detector.details                      ? 
_diffrn_detector.detector                     CCD 
_diffrn_detector.diffrn_id                    1 
_diffrn_detector.type                         'MAR CCD 165 mm' 
_diffrn_detector.area_resol_mean              ? 
_diffrn_detector.dtime                        ? 
_diffrn_detector.pdbx_frames_total            ? 
_diffrn_detector.pdbx_collection_time_total   ? 
_diffrn_detector.pdbx_collection_date         2017-11-03 
_diffrn_detector.pdbx_frequency               ? 
# 
_diffrn_radiation.collimation                      ? 
_diffrn_radiation.diffrn_id                        1 
_diffrn_radiation.filter_edge                      ? 
_diffrn_radiation.inhomogeneity                    ? 
_diffrn_radiation.monochromator                    ? 
_diffrn_radiation.polarisn_norm                    ? 
_diffrn_radiation.polarisn_ratio                   ? 
_diffrn_radiation.probe                            ? 
_diffrn_radiation.type                             ? 
_diffrn_radiation.xray_symbol                      ? 
_diffrn_radiation.wavelength_id                    1 
_diffrn_radiation.pdbx_monochromatic_or_laue_m_l   M 
_diffrn_radiation.pdbx_wavelength_list             ? 
_diffrn_radiation.pdbx_wavelength                  ? 
_diffrn_radiation.pdbx_diffrn_protocol             'SINGLE WAVELENGTH' 
_diffrn_radiation.pdbx_analyzer                    ? 
_diffrn_radiation.pdbx_scattering_type             x-ray 
# 
_diffrn_radiation_wavelength.id           1 
_diffrn_radiation_wavelength.wavelength   0.9785 
_diffrn_radiation_wavelength.wt           1.0 
# 
_diffrn_source.current                     ? 
_diffrn_source.details                     ? 
_diffrn_source.diffrn_id                   1 
_diffrn_source.power                       ? 
_diffrn_source.size                        ? 
_diffrn_source.source                      SYNCHROTRON 
_diffrn_source.target                      ? 
_diffrn_source.type                        'NFPSS BEAMLINE BL19U1' 
_diffrn_source.voltage                     ? 
_diffrn_source.take-off_angle              ? 
_diffrn_source.pdbx_wavelength_list        0.9785 
_diffrn_source.pdbx_wavelength             ? 
_diffrn_source.pdbx_synchrotron_beamline   BL19U1 
_diffrn_source.pdbx_synchrotron_site       NFPSS 
# 
_reflns.B_iso_Wilson_estimate            ? 
_reflns.entry_id                         6IZS 
_reflns.data_reduction_details           ? 
_reflns.data_reduction_method            ? 
_reflns.d_resolution_high                2.03 
_reflns.d_resolution_low                 42 
_reflns.details                          ? 
_reflns.limit_h_max                      ? 
_reflns.limit_h_min                      ? 
_reflns.limit_k_max                      ? 
_reflns.limit_k_min                      ? 
_reflns.limit_l_max                      ? 
_reflns.limit_l_min                      ? 
_reflns.number_all                       ? 
_reflns.number_obs                       13557 
_reflns.observed_criterion               ? 
_reflns.observed_criterion_F_max         ? 
_reflns.observed_criterion_F_min         ? 
_reflns.observed_criterion_I_max         ? 
_reflns.observed_criterion_I_min         ? 
_reflns.observed_criterion_sigma_F       ? 
_reflns.observed_criterion_sigma_I       ? 
_reflns.percent_possible_obs             99.8 
_reflns.R_free_details                   ? 
_reflns.Rmerge_F_all                     ? 
_reflns.Rmerge_F_obs                     ? 
_reflns.Friedel_coverage                 ? 
_reflns.number_gt                        ? 
_reflns.threshold_expression             ? 
_reflns.pdbx_redundancy                  35.1 
_reflns.pdbx_Rmerge_I_obs                ? 
_reflns.pdbx_Rmerge_I_all                ? 
_reflns.pdbx_Rsym_value                  0.12 
_reflns.pdbx_netI_over_av_sigmaI         ? 
_reflns.pdbx_netI_over_sigmaI            21.6 
_reflns.pdbx_res_netI_over_av_sigmaI_2   ? 
_reflns.pdbx_res_netI_over_sigmaI_2      ? 
_reflns.pdbx_chi_squared                 ? 
_reflns.pdbx_scaling_rejects             ? 
_reflns.pdbx_d_res_high_opt              ? 
_reflns.pdbx_d_res_low_opt               ? 
_reflns.pdbx_d_res_opt_method            ? 
_reflns.phase_calculation_details        ? 
_reflns.pdbx_Rrim_I_all                  ? 
_reflns.pdbx_Rpim_I_all                  ? 
_reflns.pdbx_d_opt                       ? 
_reflns.pdbx_number_measured_all         ? 
_reflns.pdbx_diffrn_id                   1 
_reflns.pdbx_ordinal                     1 
_reflns.pdbx_CC_half                     0.99 
_reflns.pdbx_R_split                     ? 
# 
_reflns_shell.d_res_high                  2.03 
_reflns_shell.d_res_low                   2.10 
_reflns_shell.meanI_over_sigI_all         ? 
_reflns_shell.meanI_over_sigI_obs         ? 
_reflns_shell.number_measured_all         ? 
_reflns_shell.number_measured_obs         ? 
_reflns_shell.number_possible             ? 
_reflns_shell.number_unique_all           ? 
_reflns_shell.number_unique_obs           1310 
_reflns_shell.percent_possible_all        99.7 
_reflns_shell.percent_possible_obs        ? 
_reflns_shell.Rmerge_F_all                ? 
_reflns_shell.Rmerge_F_obs                ? 
_reflns_shell.Rmerge_I_all                ? 
_reflns_shell.Rmerge_I_obs                1.77 
_reflns_shell.meanI_over_sigI_gt          ? 
_reflns_shell.meanI_over_uI_all           ? 
_reflns_shell.meanI_over_uI_gt            ? 
_reflns_shell.number_measured_gt          ? 
_reflns_shell.number_unique_gt            ? 
_reflns_shell.percent_possible_gt         ? 
_reflns_shell.Rmerge_F_gt                 ? 
_reflns_shell.Rmerge_I_gt                 ? 
_reflns_shell.pdbx_redundancy             ? 
_reflns_shell.pdbx_Rsym_value             1.77 
_reflns_shell.pdbx_chi_squared            ? 
_reflns_shell.pdbx_netI_over_sigmaI_all   ? 
_reflns_shell.pdbx_netI_over_sigmaI_obs   ? 
_reflns_shell.pdbx_Rrim_I_all             ? 
_reflns_shell.pdbx_Rpim_I_all             ? 
_reflns_shell.pdbx_rejects                ? 
_reflns_shell.pdbx_ordinal                1 
_reflns_shell.pdbx_diffrn_id              1 
_reflns_shell.pdbx_CC_half                0.75 
_reflns_shell.pdbx_R_split                ? 
# 
_refine.aniso_B[1][1]                            0.15 
_refine.aniso_B[1][2]                            0.07 
_refine.aniso_B[1][3]                            0.00 
_refine.aniso_B[2][2]                            0.15 
_refine.aniso_B[2][3]                            0.00 
_refine.aniso_B[3][3]                            -0.48 
_refine.B_iso_max                                ? 
_refine.B_iso_mean                               57.090 
_refine.B_iso_min                                ? 
_refine.correlation_coeff_Fo_to_Fc               0.968 
_refine.correlation_coeff_Fo_to_Fc_free          0.961 
_refine.details                                  'HYDROGENS HAVE BEEN ADDED IN THE RIDING POSITIONS' 
_refine.diff_density_max                         ? 
_refine.diff_density_max_esd                     ? 
_refine.diff_density_min                         ? 
_refine.diff_density_min_esd                     ? 
_refine.diff_density_rms                         ? 
_refine.diff_density_rms_esd                     ? 
_refine.entry_id                                 6IZS 
_refine.pdbx_refine_id                           'X-RAY DIFFRACTION' 
_refine.ls_abs_structure_details                 ? 
_refine.ls_abs_structure_Flack                   ? 
_refine.ls_abs_structure_Flack_esd               ? 
_refine.ls_abs_structure_Rogers                  ? 
_refine.ls_abs_structure_Rogers_esd              ? 
_refine.ls_d_res_high                            2.03 
_refine.ls_d_res_low                             42 
_refine.ls_extinction_coef                       ? 
_refine.ls_extinction_coef_esd                   ? 
_refine.ls_extinction_expression                 ? 
_refine.ls_extinction_method                     ? 
_refine.ls_goodness_of_fit_all                   ? 
_refine.ls_goodness_of_fit_all_esd               ? 
_refine.ls_goodness_of_fit_obs                   ? 
_refine.ls_goodness_of_fit_obs_esd               ? 
_refine.ls_hydrogen_treatment                    ? 
_refine.ls_matrix_type                           ? 
_refine.ls_number_constraints                    ? 
_refine.ls_number_parameters                     ? 
_refine.ls_number_reflns_all                     ? 
_refine.ls_number_reflns_obs                     12912 
_refine.ls_number_reflns_R_free                  640 
_refine.ls_number_reflns_R_work                  ? 
_refine.ls_number_restraints                     ? 
_refine.ls_percent_reflns_obs                    99.62 
_refine.ls_percent_reflns_R_free                 4.7 
_refine.ls_R_factor_all                          ? 
_refine.ls_R_factor_obs                          0.17999 
_refine.ls_R_factor_R_free                       0.21765 
_refine.ls_R_factor_R_free_error                 ? 
_refine.ls_R_factor_R_free_error_details         ? 
_refine.ls_R_factor_R_work                       0.17828 
_refine.ls_R_Fsqd_factor_obs                     ? 
_refine.ls_R_I_factor_obs                        ? 
_refine.ls_redundancy_reflns_all                 ? 
_refine.ls_redundancy_reflns_obs                 ? 
_refine.ls_restrained_S_all                      ? 
_refine.ls_restrained_S_obs                      ? 
_refine.ls_shift_over_esd_max                    ? 
_refine.ls_shift_over_esd_mean                   ? 
_refine.ls_structure_factor_coef                 ? 
_refine.ls_weighting_details                     ? 
_refine.ls_weighting_scheme                      ? 
_refine.ls_wR_factor_all                         ? 
_refine.ls_wR_factor_obs                         ? 
_refine.ls_wR_factor_R_free                      ? 
_refine.ls_wR_factor_R_work                      ? 
_refine.occupancy_max                            ? 
_refine.occupancy_min                            ? 
_refine.solvent_model_details                    ? 
_refine.solvent_model_param_bsol                 ? 
_refine.solvent_model_param_ksol                 ? 
_refine.ls_R_factor_gt                           ? 
_refine.ls_goodness_of_fit_gt                    ? 
_refine.ls_goodness_of_fit_ref                   ? 
_refine.ls_shift_over_su_max                     ? 
_refine.ls_shift_over_su_max_lt                  ? 
_refine.ls_shift_over_su_mean                    ? 
_refine.ls_shift_over_su_mean_lt                 ? 
_refine.pdbx_ls_sigma_I                          ? 
_refine.pdbx_ls_sigma_F                          ? 
_refine.pdbx_ls_sigma_Fsqd                       ? 
_refine.pdbx_data_cutoff_high_absF               ? 
_refine.pdbx_data_cutoff_high_rms_absF           ? 
_refine.pdbx_data_cutoff_low_absF                ? 
_refine.pdbx_isotropic_thermal_model             ? 
_refine.pdbx_ls_cross_valid_method               THROUGHOUT 
_refine.pdbx_method_to_determine_struct          'MOLECULAR REPLACEMENT' 
_refine.pdbx_starting_model                      2QDF 
_refine.pdbx_stereochemistry_target_values       ? 
_refine.pdbx_R_Free_selection_details            RANDOM 
_refine.pdbx_stereochem_target_val_spec_case     ? 
_refine.pdbx_overall_ESU_R                       0.102 
_refine.pdbx_overall_ESU_R_Free                  0.109 
_refine.pdbx_solvent_vdw_probe_radii             1.20 
_refine.pdbx_solvent_ion_probe_radii             0.80 
_refine.pdbx_solvent_shrinkage_radii             0.80 
_refine.pdbx_real_space_R                        ? 
_refine.pdbx_density_correlation                 ? 
_refine.pdbx_pd_number_of_powder_patterns        ? 
_refine.pdbx_pd_number_of_points                 ? 
_refine.pdbx_pd_meas_number_of_points            ? 
_refine.pdbx_pd_proc_ls_prof_R_factor            ? 
_refine.pdbx_pd_proc_ls_prof_wR_factor           ? 
_refine.pdbx_pd_Marquardt_correlation_coeff      ? 
_refine.pdbx_pd_Fsqrd_R_factor                   ? 
_refine.pdbx_pd_ls_matrix_band_width             ? 
_refine.pdbx_overall_phase_error                 ? 
_refine.pdbx_overall_SU_R_free_Cruickshank_DPI   ? 
_refine.pdbx_overall_SU_R_free_Blow_DPI          ? 
_refine.pdbx_overall_SU_R_Blow_DPI               ? 
_refine.pdbx_TLS_residual_ADP_flag               ? 
_refine.pdbx_diffrn_id                           1 
_refine.overall_SU_B                             6.232 
_refine.overall_SU_ML                            0.087 
_refine.overall_SU_R_Cruickshank_DPI             ? 
_refine.overall_SU_R_free                        ? 
_refine.overall_FOM_free_R_set                   ? 
_refine.overall_FOM_work_R_set                   ? 
_refine.pdbx_average_fsc_overall                 ? 
_refine.pdbx_average_fsc_work                    ? 
_refine.pdbx_average_fsc_free                    ? 
# 
_refine_hist.pdbx_refine_id                   'X-RAY DIFFRACTION' 
_refine_hist.cycle_id                         1 
_refine_hist.pdbx_number_atoms_protein        656 
_refine_hist.pdbx_number_atoms_nucleic_acid   0 
_refine_hist.pdbx_number_atoms_ligand         0 
_refine_hist.number_atoms_solvent             99 
_refine_hist.number_atoms_total               755 
_refine_hist.d_res_high                       2.03 
_refine_hist.d_res_low                        42 
# 
loop_
_refine_ls_restr.pdbx_refine_id 
_refine_ls_restr.criterion 
_refine_ls_restr.dev_ideal 
_refine_ls_restr.dev_ideal_target 
_refine_ls_restr.number 
_refine_ls_restr.rejects 
_refine_ls_restr.type 
_refine_ls_restr.weight 
_refine_ls_restr.pdbx_restraint_function 
'X-RAY DIFFRACTION' ? 0.032  0.019  662  ? r_bond_refined_d             ? ? 
'X-RAY DIFFRACTION' ? 0.003  0.020  640  ? r_bond_other_d               ? ? 
'X-RAY DIFFRACTION' ? 2.909  1.985  893  ? r_angle_refined_deg          ? ? 
'X-RAY DIFFRACTION' ? 1.374  3.000  1473 ? r_angle_other_deg            ? ? 
'X-RAY DIFFRACTION' ? 6.411  5.000  86   ? r_dihedral_angle_1_deg       ? ? 
'X-RAY DIFFRACTION' ? 29.629 23.667 30   ? r_dihedral_angle_2_deg       ? ? 
'X-RAY DIFFRACTION' ? 17.698 15.000 116  ? r_dihedral_angle_3_deg       ? ? 
'X-RAY DIFFRACTION' ? 19.271 15.000 7    ? r_dihedral_angle_4_deg       ? ? 
'X-RAY DIFFRACTION' ? 0.162  0.200  105  ? r_chiral_restr               ? ? 
'X-RAY DIFFRACTION' ? 0.012  0.020  747  ? r_gen_planes_refined         ? ? 
'X-RAY DIFFRACTION' ? 0.001  0.020  132  ? r_gen_planes_other           ? ? 
'X-RAY DIFFRACTION' ? ?      ?      ?    ? r_nbd_refined                ? ? 
'X-RAY DIFFRACTION' ? ?      ?      ?    ? r_nbd_other                  ? ? 
'X-RAY DIFFRACTION' ? ?      ?      ?    ? r_nbtor_refined              ? ? 
'X-RAY DIFFRACTION' ? ?      ?      ?    ? r_nbtor_other                ? ? 
'X-RAY DIFFRACTION' ? ?      ?      ?    ? r_xyhbond_nbd_refined        ? ? 
'X-RAY DIFFRACTION' ? ?      ?      ?    ? r_xyhbond_nbd_other          ? ? 
'X-RAY DIFFRACTION' ? ?      ?      ?    ? r_metal_ion_refined          ? ? 
'X-RAY DIFFRACTION' ? ?      ?      ?    ? r_metal_ion_other            ? ? 
'X-RAY DIFFRACTION' ? ?      ?      ?    ? r_symmetry_vdw_refined       ? ? 
'X-RAY DIFFRACTION' ? ?      ?      ?    ? r_symmetry_vdw_other         ? ? 
'X-RAY DIFFRACTION' ? ?      ?      ?    ? r_symmetry_hbond_refined     ? ? 
'X-RAY DIFFRACTION' ? ?      ?      ?    ? r_symmetry_hbond_other       ? ? 
'X-RAY DIFFRACTION' ? ?      ?      ?    ? r_symmetry_metal_ion_refined ? ? 
'X-RAY DIFFRACTION' ? ?      ?      ?    ? r_symmetry_metal_ion_other   ? ? 
'X-RAY DIFFRACTION' ? 3.709  3.710  347  ? r_mcbond_it                  ? ? 
'X-RAY DIFFRACTION' ? 3.713  3.695  346  ? r_mcbond_other               ? ? 
'X-RAY DIFFRACTION' ? 5.144  5.513  432  ? r_mcangle_it                 ? ? 
'X-RAY DIFFRACTION' ? 5.138  5.532  433  ? r_mcangle_other              ? ? 
'X-RAY DIFFRACTION' ? 5.551  4.348  315  ? r_scbond_it                  ? ? 
'X-RAY DIFFRACTION' ? 5.543  4.363  316  ? r_scbond_other               ? ? 
'X-RAY DIFFRACTION' ? ?      ?      ?    ? r_scangle_it                 ? ? 
'X-RAY DIFFRACTION' ? 8.251  6.243  462  ? r_scangle_other              ? ? 
'X-RAY DIFFRACTION' ? 10.552 47.092 758  ? r_long_range_B_refined       ? ? 
'X-RAY DIFFRACTION' ? 10.463 46.468 742  ? r_long_range_B_other         ? ? 
'X-RAY DIFFRACTION' ? ?      ?      ?    ? r_rigid_bond_restr           ? ? 
'X-RAY DIFFRACTION' ? ?      ?      ?    ? r_sphericity_free            ? ? 
'X-RAY DIFFRACTION' ? ?      ?      ?    ? r_sphericity_bonded          ? ? 
# 
_refine_ls_shell.pdbx_refine_id                   'X-RAY DIFFRACTION' 
_refine_ls_shell.d_res_high                       2.029 
_refine_ls_shell.d_res_low                        2.082 
_refine_ls_shell.number_reflns_all                ? 
_refine_ls_shell.number_reflns_obs                ? 
_refine_ls_shell.number_reflns_R_free             46 
_refine_ls_shell.number_reflns_R_work             915 
_refine_ls_shell.percent_reflns_obs               99.48 
_refine_ls_shell.percent_reflns_R_free            ? 
_refine_ls_shell.R_factor_all                     ? 
_refine_ls_shell.R_factor_obs                     ? 
_refine_ls_shell.R_factor_R_free                  0.313 
_refine_ls_shell.R_factor_R_free_error            ? 
_refine_ls_shell.R_factor_R_work                  0.266 
_refine_ls_shell.redundancy_reflns_all            ? 
_refine_ls_shell.redundancy_reflns_obs            ? 
_refine_ls_shell.wR_factor_all                    ? 
_refine_ls_shell.wR_factor_obs                    ? 
_refine_ls_shell.wR_factor_R_free                 ? 
_refine_ls_shell.wR_factor_R_work                 ? 
_refine_ls_shell.pdbx_total_number_of_bins_used   20 
_refine_ls_shell.pdbx_phase_error                 ? 
_refine_ls_shell.pdbx_fsc_work                    ? 
_refine_ls_shell.pdbx_fsc_free                    ? 
# 
_struct.entry_id                     6IZS 
_struct.title                        'Crystal structure of Haemophilus influenzae BamA POTRA4' 
_struct.pdbx_model_details           ? 
_struct.pdbx_formula_weight          ? 
_struct.pdbx_formula_weight_method   ? 
_struct.pdbx_model_type_details      ? 
_struct.pdbx_CASP_flag               N 
# 
_struct_keywords.entry_id        6IZS 
_struct_keywords.text            'beta-barrel assembly machinery, poly-POTRAs, OMP recruitment, lipo-partners, TRANSPORT PROTEIN' 
_struct_keywords.pdbx_keywords   'TRANSPORT PROTEIN' 
# 
loop_
_struct_asym.id 
_struct_asym.pdbx_blank_PDB_chainid_flag 
_struct_asym.pdbx_modified 
_struct_asym.entity_id 
_struct_asym.details 
A N N 1 ? 
B N N 2 ? 
# 
loop_
_struct_conf.conf_type_id 
_struct_conf.id 
_struct_conf.pdbx_PDB_helix_id 
_struct_conf.beg_label_comp_id 
_struct_conf.beg_label_asym_id 
_struct_conf.beg_label_seq_id 
_struct_conf.pdbx_beg_PDB_ins_code 
_struct_conf.end_label_comp_id 
_struct_conf.end_label_asym_id 
_struct_conf.end_label_seq_id 
_struct_conf.pdbx_end_PDB_ins_code 
_struct_conf.beg_auth_comp_id 
_struct_conf.beg_auth_asym_id 
_struct_conf.beg_auth_seq_id 
_struct_conf.end_auth_comp_id 
_struct_conf.end_auth_asym_id 
_struct_conf.end_auth_seq_id 
_struct_conf.pdbx_PDB_helix_class 
_struct_conf.details 
_struct_conf.pdbx_PDB_helix_length 
HELX_P HELX_P1 AA1 MET A 38 ? GLU A 43 ? MET A 38 GLU A 43 1 ? 6  
HELX_P HELX_P2 AA2 PRO A 44 ? LEU A 49 ? PRO A 44 LEU A 49 5 ? 6  
HELX_P HELX_P3 AA3 ARG A 56 ? GLU A 73 ? ARG A 56 GLU A 73 1 ? 18 
# 
_struct_conf_type.id          HELX_P 
_struct_conf_type.criteria    ? 
_struct_conf_type.reference   ? 
# 
_struct_sheet.id               AA1 
_struct_sheet.type             ? 
_struct_sheet.number_strands   3 
_struct_sheet.details          ? 
# 
loop_
_struct_sheet_order.sheet_id 
_struct_sheet_order.range_id_1 
_struct_sheet_order.range_id_2 
_struct_sheet_order.offset 
_struct_sheet_order.sense 
AA1 1 2 ? parallel      
AA1 2 3 ? anti-parallel 
# 
loop_
_struct_sheet_range.sheet_id 
_struct_sheet_range.id 
_struct_sheet_range.beg_label_comp_id 
_struct_sheet_range.beg_label_asym_id 
_struct_sheet_range.beg_label_seq_id 
_struct_sheet_range.pdbx_beg_PDB_ins_code 
_struct_sheet_range.end_label_comp_id 
_struct_sheet_range.end_label_asym_id 
_struct_sheet_range.end_label_seq_id 
_struct_sheet_range.pdbx_end_PDB_ins_code 
_struct_sheet_range.beg_auth_comp_id 
_struct_sheet_range.beg_auth_asym_id 
_struct_sheet_range.beg_auth_seq_id 
_struct_sheet_range.end_auth_comp_id 
_struct_sheet_range.end_auth_asym_id 
_struct_sheet_range.end_auth_seq_id 
AA1 1 ASP A 25 ? ASN A 34  ? ASP A 25 ASN A 34  
AA1 2 THR A 93 ? ASP A 101 ? THR A 93 ASP A 101 
AA1 3 THR A 80 ? ASP A 88  ? THR A 80 ASP A 88  
# 
loop_
_pdbx_struct_sheet_hbond.sheet_id 
_pdbx_struct_sheet_hbond.range_id_1 
_pdbx_struct_sheet_hbond.range_id_2 
_pdbx_struct_sheet_hbond.range_1_label_atom_id 
_pdbx_struct_sheet_hbond.range_1_label_comp_id 
_pdbx_struct_sheet_hbond.range_1_label_asym_id 
_pdbx_struct_sheet_hbond.range_1_label_seq_id 
_pdbx_struct_sheet_hbond.range_1_PDB_ins_code 
_pdbx_struct_sheet_hbond.range_1_auth_atom_id 
_pdbx_struct_sheet_hbond.range_1_auth_comp_id 
_pdbx_struct_sheet_hbond.range_1_auth_asym_id 
_pdbx_struct_sheet_hbond.range_1_auth_seq_id 
_pdbx_struct_sheet_hbond.range_2_label_atom_id 
_pdbx_struct_sheet_hbond.range_2_label_comp_id 
_pdbx_struct_sheet_hbond.range_2_label_asym_id 
_pdbx_struct_sheet_hbond.range_2_label_seq_id 
_pdbx_struct_sheet_hbond.range_2_PDB_ins_code 
_pdbx_struct_sheet_hbond.range_2_auth_atom_id 
_pdbx_struct_sheet_hbond.range_2_auth_comp_id 
_pdbx_struct_sheet_hbond.range_2_auth_asym_id 
_pdbx_struct_sheet_hbond.range_2_auth_seq_id 
AA1 1 2 N ARG A 30 ? N ARG A 30 O LEU A 98 ? O LEU A 98 
AA1 2 3 O THR A 97 ? O THR A 97 N VAL A 84 ? N VAL A 84 
# 
_atom_sites.entry_id                    6IZS 
_atom_sites.fract_transf_matrix[1][1]   -0.00587771 
_atom_sites.fract_transf_matrix[1][2]   0.00298036 
_atom_sites.fract_transf_matrix[1][3]   -0.01273465 
_atom_sites.fract_transf_matrix[2][1]   -0.00660990 
_atom_sites.fract_transf_matrix[2][2]   0.01255289 
_atom_sites.fract_transf_matrix[2][3]   -0.00208354 
_atom_sites.fract_transf_matrix[3][1]   0.00820691 
_atom_sites.fract_transf_matrix[3][2]   0.00384199 
_atom_sites.fract_transf_matrix[3][3]   -0.00288876 
_atom_sites.fract_transf_vector[1]      0.317426 
_atom_sites.fract_transf_vector[2]      0.455116 
_atom_sites.fract_transf_vector[3]      0.184447 
# 
loop_
_atom_type.symbol 
C 
N 
O 
S 
# 
loop_
_atom_site.group_PDB 
_atom_site.id 
_atom_site.type_symbol 
_atom_site.label_atom_id 
_atom_site.label_alt_id 
_atom_site.label_comp_id 
_atom_site.label_asym_id 
_atom_site.label_entity_id 
_atom_site.label_seq_id 
_atom_site.pdbx_PDB_ins_code 
_atom_site.Cartn_x 
_atom_site.Cartn_y 
_atom_site.Cartn_z 
_atom_site.occupancy 
_atom_site.B_iso_or_equiv 
_atom_site.pdbx_formal_charge 
_atom_site.auth_seq_id 
_atom_site.auth_comp_id 
_atom_site.auth_asym_id 
_atom_site.auth_atom_id 
_atom_site.pdbx_PDB_model_num 
ATOM   1   N N   . MET A 1 21  ? -10.711 -4.946  17.089  1.00 89.88  ? 21  MET A N   1 
ATOM   2   C CA  . MET A 1 21  ? -11.284 -3.779  17.874  1.00 86.25  ? 21  MET A CA  1 
ATOM   3   C C   . MET A 1 21  ? -10.679 -2.350  17.612  1.00 73.56  ? 21  MET A C   1 
ATOM   4   O O   . MET A 1 21  ? -11.092 -1.288  18.273  1.00 74.58  ? 21  MET A O   1 
ATOM   5   C CB  . MET A 1 21  ? -11.253 -4.013  19.336  1.00 93.99  ? 21  MET A CB  1 
ATOM   6   C CG  . MET A 1 21  ? -10.479 -5.203  19.809  1.00 105.93 ? 21  MET A CG  1 
ATOM   7   S SD  . MET A 1 21  ? -11.149 -5.350  21.471  1.00 131.18 ? 21  MET A SD  1 
ATOM   8   C CE  . MET A 1 21  ? -12.996 -5.315  21.430  1.00 120.54 ? 21  MET A CE  1 
ATOM   9   N N   . LEU A 1 22  ? -9.714  -2.319  16.694  1.00 69.66  ? 22  LEU A N   1 
ATOM   10  C CA  . LEU A 1 22  ? -9.069  -0.988  16.265  1.00 68.59  ? 22  LEU A CA  1 
ATOM   11  C C   . LEU A 1 22  ? -10.058 0.031   15.728  1.00 69.55  ? 22  LEU A C   1 
ATOM   12  O O   . LEU A 1 22  ? -10.526 -0.182  14.675  1.00 69.12  ? 22  LEU A O   1 
ATOM   13  C CB  . LEU A 1 22  ? -7.964  -1.225  15.273  1.00 62.01  ? 22  LEU A CB  1 
ATOM   14  C CG  . LEU A 1 22  ? -7.253  0.092   14.838  1.00 64.39  ? 22  LEU A CG  1 
ATOM   15  C CD1 . LEU A 1 22  ? -6.806  1.110   15.932  1.00 68.01  ? 22  LEU A CD1 1 
ATOM   16  C CD2 . LEU A 1 22  ? -6.065  -0.199  13.939  1.00 60.39  ? 22  LEU A CD2 1 
ATOM   17  N N   . GLN A 1 23  ? -10.404 1.113   16.394  1.00 66.20  ? 23  GLN A N   1 
ATOM   18  C CA  . GLN A 1 23  ? -11.432 1.952   15.791  1.00 67.58  ? 23  GLN A CA  1 
ATOM   19  C C   . GLN A 1 23  ? -10.848 3.278   15.221  1.00 61.24  ? 23  GLN A C   1 
ATOM   20  O O   . GLN A 1 23  ? -11.565 4.181   14.897  1.00 62.16  ? 23  GLN A O   1 
ATOM   21  C CB  . GLN A 1 23  ? -12.711 2.117   16.736  1.00 82.27  ? 23  GLN A CB  1 
ATOM   22  C CG  . GLN A 1 23  ? -13.715 0.892   16.859  1.00 79.76  ? 23  GLN A CG  1 
ATOM   23  C CD  . GLN A 1 23  ? -14.412 0.507   15.503  1.00 86.91  ? 23  GLN A CD  1 
ATOM   24  O OE1 . GLN A 1 23  ? -14.348 -0.631  15.025  1.00 90.41  ? 23  GLN A OE1 1 
ATOM   25  N NE2 . GLN A 1 23  ? -15.047 1.471   14.873  1.00 86.74  ? 23  GLN A NE2 1 
ATOM   26  N N   . TYR A 1 24  ? -9.569  3.339   14.968  1.00 55.48  ? 24  TYR A N   1 
ATOM   27  C CA  . TYR A 1 24  ? -9.009  4.539   14.365  1.00 50.40  ? 24  TYR A CA  1 
ATOM   28  C C   . TYR A 1 24  ? -9.414  4.625   12.874  1.00 48.80  ? 24  TYR A C   1 
ATOM   29  O O   . TYR A 1 24  ? -9.654  3.638   12.270  1.00 47.78  ? 24  TYR A O   1 
ATOM   30  C CB  . TYR A 1 24  ? -7.511  4.488   14.462  1.00 53.31  ? 24  TYR A CB  1 
ATOM   31  C CG  . TYR A 1 24  ? -6.891  4.745   15.837  1.00 57.60  ? 24  TYR A CG  1 
ATOM   32  C CD1 . TYR A 1 24  ? -7.586  4.543   17.045  1.00 64.64  ? 24  TYR A CD1 1 
ATOM   33  C CD2 . TYR A 1 24  ? -5.606  5.184   15.946  1.00 58.51  ? 24  TYR A CD2 1 
ATOM   34  C CE1 . TYR A 1 24  ? -6.969  4.819   18.301  1.00 65.73  ? 24  TYR A CE1 1 
ATOM   35  C CE2 . TYR A 1 24  ? -4.988  5.455   17.192  1.00 66.05  ? 24  TYR A CE2 1 
ATOM   36  C CZ  . TYR A 1 24  ? -5.692  5.271   18.378  1.00 66.58  ? 24  TYR A CZ  1 
ATOM   37  O OH  . TYR A 1 24  ? -5.110  5.516   19.580  1.00 67.24  ? 24  TYR A OH  1 
ATOM   38  N N   . ASP A 1 25  ? -9.488  5.809   12.326  1.00 44.58  ? 25  ASP A N   1 
ATOM   39  C CA  . ASP A 1 25  ? -9.724  5.974   10.962  1.00 47.60  ? 25  ASP A CA  1 
ATOM   40  C C   . ASP A 1 25  ? -8.395  6.002   10.209  1.00 47.10  ? 25  ASP A C   1 
ATOM   41  O O   . ASP A 1 25  ? -7.394  6.543   10.705  1.00 43.00  ? 25  ASP A O   1 
ATOM   42  C CB  . ASP A 1 25  ? -10.369 7.315   10.795  1.00 47.03  ? 25  ASP A CB  1 
ATOM   43  C CG  . ASP A 1 25  ? -11.804 7.356   11.400  1.00 53.07  ? 25  ASP A CG  1 
ATOM   44  O OD1 . ASP A 1 25  ? -12.554 6.394   11.254  1.00 45.66  ? 25  ASP A OD1 1 
ATOM   45  O OD2 . ASP A 1 25  ? -12.158 8.386   11.868  1.00 52.17  ? 25  ASP A OD2 1 
ATOM   46  N N   . LEU A 1 26  ? -8.468  5.595   8.947   1.00 42.85  ? 26  LEU A N   1 
ATOM   47  C CA  . LEU A 1 26  ? -7.376  5.713   8.033   1.00 40.70  ? 26  LEU A CA  1 
ATOM   48  C C   . LEU A 1 26  ? -7.394  7.105   7.480   1.00 43.63  ? 26  LEU A C   1 
ATOM   49  O O   . LEU A 1 26  ? -8.213  7.513   6.664   1.00 41.06  ? 26  LEU A O   1 
ATOM   50  C CB  . LEU A 1 26  ? -7.504  4.641   6.947   1.00 40.43  ? 26  LEU A CB  1 
ATOM   51  C CG  . LEU A 1 26  ? -6.405  4.702   5.873   1.00 38.45  ? 26  LEU A CG  1 
ATOM   52  C CD1 . LEU A 1 26  ? -5.088  4.245   6.474   1.00 38.36  ? 26  LEU A CD1 1 
ATOM   53  C CD2 . LEU A 1 26  ? -6.806  3.699   4.791   1.00 41.09  ? 26  LEU A CD2 1 
ATOM   54  N N   . ARG A 1 27  ? -6.412  7.884   7.853   1.00 40.03  ? 27  ARG A N   1 
ATOM   55  C CA  . ARG A 1 27  ? -6.344  9.262   7.303   1.00 39.35  ? 27  ARG A CA  1 
ATOM   56  C C   . ARG A 1 27  ? -5.734  9.515   5.976   1.00 38.31  ? 27  ARG A C   1 
ATOM   57  O O   . ARG A 1 27  ? -6.078  10.472  5.346   1.00 40.80  ? 27  ARG A O   1 
ATOM   58  C CB  . ARG A 1 27  ? -5.804  10.263  8.359   1.00 41.98  ? 27  ARG A CB  1 
ATOM   59  C CG  . ARG A 1 27  ? -4.250  10.242  8.501   1.00 41.85  ? 27  ARG A CG  1 
ATOM   60  C CD  . ARG A 1 27  ? -3.684  11.142  9.604   1.00 48.34  ? 27  ARG A CD  1 
ATOM   61  N NE  . ARG A 1 27  ? -2.241  10.980  9.749   1.00 46.41  ? 27  ARG A NE  1 
ATOM   62  C CZ  . ARG A 1 27  ? -1.589  10.299  10.696  1.00 50.84  ? 27  ARG A CZ  1 
ATOM   63  N NH1 . ARG A 1 27  ? -2.213  9.658   11.642  1.00 50.41  ? 27  ARG A NH1 1 
ATOM   64  N NH2 . ARG A 1 27  ? -0.244  10.166  10.576  1.00 53.61  ? 27  ARG A NH2 1 
ATOM   65  N N   . SER A 1 28  ? -4.818  8.660   5.550   1.00 36.44  ? 28  SER A N   1 
ATOM   66  C CA  . SER A 1 28  ? -4.072  8.839   4.355   1.00 35.27  ? 28  SER A CA  1 
ATOM   67  C C   . SER A 1 28  ? -3.319  7.614   4.069   1.00 31.53  ? 28  SER A C   1 
ATOM   68  O O   . SER A 1 28  ? -3.134  6.711   4.907   1.00 34.57  ? 28  SER A O   1 
ATOM   69  C CB  . SER A 1 28  ? -3.014  10.025  4.553   1.00 41.45  ? 28  SER A CB  1 
ATOM   70  O OG  . SER A 1 28  ? -1.964  9.491   5.382   1.00 40.92  ? 28  SER A OG  1 
ATOM   71  N N   . ALA A 1 29  ? -2.898  7.497   2.831   1.00 34.08  ? 29  ALA A N   1 
ATOM   72  C CA  . ALA A 1 29  ? -2.113  6.388   2.375   1.00 34.15  ? 29  ALA A CA  1 
ATOM   73  C C   . ALA A 1 29  ? -1.165  6.821   1.275   1.00 34.99  ? 29  ALA A C   1 
ATOM   74  O O   . ALA A 1 29  ? -1.503  7.724   0.552   1.00 38.48  ? 29  ALA A O   1 
ATOM   75  C CB  . ALA A 1 29  ? -3.026  5.312   1.791   1.00 36.66  ? 29  ALA A CB  1 
ATOM   76  N N   . ARG A 1 30  ? 0.017   6.177   1.151   1.00 31.81  ? 30  ARG A N   1 
ATOM   77  C CA  . ARG A 1 30  ? 0.966   6.431   0.148   1.00 30.93  ? 30  ARG A CA  1 
ATOM   78  C C   . ARG A 1 30  ? 1.723   5.259   -0.154  1.00 31.47  ? 30  ARG A C   1 
ATOM   79  O O   . ARG A 1 30  ? 1.815   4.326   0.641   1.00 33.71  ? 30  ARG A O   1 
ATOM   80  C CB  . ARG A 1 30  ? 1.952   7.590   0.502   1.00 33.88  ? 30  ARG A CB  1 
ATOM   81  C CG  . ARG A 1 30  ? 2.766   7.217   1.745   1.00 36.23  ? 30  ARG A CG  1 
ATOM   82  C CD  . ARG A 1 30  ? 3.873   8.298   2.033   1.00 39.36  ? 30  ARG A CD  1 
ATOM   83  N NE  . ARG A 1 30  ? 3.287   9.456   2.613   1.00 38.44  ? 30  ARG A NE  1 
ATOM   84  C CZ  . ARG A 1 30  ? 2.949   9.605   3.903   1.00 44.67  ? 30  ARG A CZ  1 
ATOM   85  N NH1 . ARG A 1 30  ? 2.422   10.797  4.246   1.00 44.66  ? 30  ARG A NH1 1 
ATOM   86  N NH2 . ARG A 1 30  ? 3.165   8.683   4.829   1.00 46.85  ? 30  ARG A NH2 1 
ATOM   87  N N   . ILE A 1 31  ? 2.332   5.271   -1.340  1.00 33.19  ? 31  ILE A N   1 
ATOM   88  C CA  . ILE A 1 31  ? 3.194   4.164   -1.786  1.00 34.85  ? 31  ILE A CA  1 
ATOM   89  C C   . ILE A 1 31  ? 4.619   4.810   -1.950  1.00 36.95  ? 31  ILE A C   1 
ATOM   90  O O   . ILE A 1 31  ? 4.727   5.849   -2.619  1.00 37.82  ? 31  ILE A O   1 
ATOM   91  C CB  . ILE A 1 31  ? 2.708   3.680   -3.180  1.00 38.75  ? 31  ILE A CB  1 
ATOM   92  C CG1 . ILE A 1 31  ? 1.406   2.915   -2.978  1.00 41.77  ? 31  ILE A CG1 1 
ATOM   93  C CG2 . ILE A 1 31  ? 3.670   2.696   -3.856  1.00 43.03  ? 31  ILE A CG2 1 
ATOM   94  C CD1 . ILE A 1 31  ? 0.676   2.706   -4.263  1.00 45.88  ? 31  ILE A CD1 1 
ATOM   95  N N   . ILE A 1 32  ? 5.650   4.134   -1.501  1.00 36.17  ? 32  ILE A N   1 
ATOM   96  C CA  . ILE A 1 32  ? 7.039   4.728   -1.730  1.00 39.05  ? 32  ILE A CA  1 
ATOM   97  C C   . ILE A 1 32  ? 7.880   3.495   -1.913  1.00 40.63  ? 32  ILE A C   1 
ATOM   98  O O   . ILE A 1 32  ? 7.378   2.383   -1.660  1.00 37.85  ? 32  ILE A O   1 
ATOM   99  C CB  . ILE A 1 32  ? 7.493   5.499   -0.405  1.00 38.15  ? 32  ILE A CB  1 
ATOM   100 C CG1 . ILE A 1 32  ? 7.575   4.523   0.798   1.00 36.62  ? 32  ILE A CG1 1 
ATOM   101 C CG2 . ILE A 1 32  ? 6.581   6.640   -0.146  1.00 39.61  ? 32  ILE A CG2 1 
ATOM   102 C CD1 . ILE A 1 32  ? 8.261   5.105   2.101   1.00 38.99  ? 32  ILE A CD1 1 
ATOM   103 N N   . GLY A 1 33  ? 9.143   3.710   -2.292  1.00 38.69  ? 33  GLY A N   1 
ATOM   104 C CA  . GLY A 1 33  ? 10.192  2.718   -2.333  1.00 40.95  ? 33  GLY A CA  1 
ATOM   105 C C   . GLY A 1 33  ? 10.685  2.584   -3.758  1.00 44.69  ? 33  GLY A C   1 
ATOM   106 O O   . GLY A 1 33  ? 10.670  3.554   -4.522  1.00 42.88  ? 33  GLY A O   1 
ATOM   107 N N   . ASN A 1 34  ? 10.858  1.343   -4.173  1.00 44.37  ? 34  ASN A N   1 
ATOM   108 C CA  . ASN A 1 34  ? 11.359  1.067   -5.544  1.00 45.98  ? 34  ASN A CA  1 
ATOM   109 C C   . ASN A 1 34  ? 10.163  0.434   -6.328  1.00 42.06  ? 34  ASN A C   1 
ATOM   110 O O   . ASN A 1 34  ? 9.795   -0.680  -6.048  1.00 42.23  ? 34  ASN A O   1 
ATOM   111 C CB  . ASN A 1 34  ? 12.490  0.070   -5.447  1.00 50.59  ? 34  ASN A CB  1 
ATOM   112 C CG  . ASN A 1 34  ? 12.809  -0.600  -6.837  1.00 59.77  ? 34  ASN A CG  1 
ATOM   113 O OD1 . ASN A 1 34  ? 12.496  -0.084  -7.974  1.00 65.65  ? 34  ASN A OD1 1 
ATOM   114 N ND2 . ASN A 1 34  ? 13.387  -1.801  -6.738  1.00 60.32  ? 34  ASN A ND2 1 
ATOM   115 N N   . LEU A 1 35  ? 9.544   1.233   -7.173  1.00 43.48  ? 35  LEU A N   1 
ATOM   116 C CA  . LEU A 1 35  ? 8.279   0.950   -7.815  1.00 46.71  ? 35  LEU A CA  1 
ATOM   117 C C   . LEU A 1 35  ? 8.444   0.372   -9.274  1.00 52.19  ? 35  LEU A C   1 
ATOM   118 O O   . LEU A 1 35  ? 7.512   0.400   -9.994  1.00 45.41  ? 35  LEU A O   1 
ATOM   119 C CB  . LEU A 1 35  ? 7.481   2.225   -7.856  1.00 45.40  ? 35  LEU A CB  1 
ATOM   120 C CG  . LEU A 1 35  ? 7.298   2.857   -6.459  1.00 49.83  ? 35  LEU A CG  1 
ATOM   121 C CD1 . LEU A 1 35  ? 6.314   3.995   -6.558  1.00 52.56  ? 35  LEU A CD1 1 
ATOM   122 C CD2 . LEU A 1 35  ? 6.881   1.902   -5.411  1.00 49.35  ? 35  LEU A CD2 1 
ATOM   123 N N   . GLY A 1 36  ? 9.663   -0.029  -9.672  1.00 49.73  ? 36  GLY A N   1 
ATOM   124 C CA  . GLY A 1 36  ? 9.973   -0.565  -11.007 1.00 55.00  ? 36  GLY A CA  1 
ATOM   125 C C   . GLY A 1 36  ? 9.527   0.278   -12.159 1.00 53.76  ? 36  GLY A C   1 
ATOM   126 O O   . GLY A 1 36  ? 9.025   -0.262  -13.132 1.00 62.61  ? 36  GLY A O   1 
ATOM   127 N N   . GLY A 1 37  ? 9.506   1.561   -11.968 1.00 51.19  ? 37  GLY A N   1 
ATOM   128 C CA  . GLY A 1 37  ? 9.015   2.447   -12.990 1.00 54.78  ? 37  GLY A CA  1 
ATOM   129 C C   . GLY A 1 37  ? 7.519   2.563   -13.013 1.00 56.24  ? 37  GLY A C   1 
ATOM   130 O O   . GLY A 1 37  ? 7.001   3.342   -13.760 1.00 57.95  ? 37  GLY A O   1 
ATOM   131 N N   . MET A 1 38  ? 6.780   1.906   -12.111 1.00 51.23  ? 38  MET A N   1 
ATOM   132 C CA  . MET A 1 38  ? 5.305   1.813   -12.307 1.00 51.77  ? 38  MET A CA  1 
ATOM   133 C C   . MET A 1 38  ? 4.512   2.682   -11.406 1.00 54.48  ? 38  MET A C   1 
ATOM   134 O O   . MET A 1 38  ? 3.320   2.482   -11.175 1.00 49.87  ? 38  MET A O   1 
ATOM   135 C CB  . MET A 1 38  ? 4.883   0.408   -12.024 1.00 50.69  ? 38  MET A CB  1 
ATOM   136 C CG  . MET A 1 38  ? 5.556   -0.514  -13.065 1.00 56.22  ? 38  MET A CG  1 
ATOM   137 S SD  . MET A 1 38  ? 4.641   -2.087  -12.875 1.00 62.91  ? 38  MET A SD  1 
ATOM   138 C CE  . MET A 1 38  ? 3.012   -1.653  -13.612 1.00 59.23  ? 38  MET A CE  1 
ATOM   139 N N   . SER A 1 39  ? 5.154   3.745   -10.957 1.00 50.79  ? 39  SER A N   1 
ATOM   140 C CA  . SER A 1 39  ? 4.557   4.582   -10.017 1.00 53.47  ? 39  SER A CA  1 
ATOM   141 C C   . SER A 1 39  ? 3.171   5.099   -10.473 1.00 58.74  ? 39  SER A C   1 
ATOM   142 O O   . SER A 1 39  ? 2.246   5.103   -9.746  1.00 51.38  ? 39  SER A O   1 
ATOM   143 C CB  . SER A 1 39  ? 5.525   5.742   -9.795  1.00 63.09  ? 39  SER A CB  1 
ATOM   144 O OG  . SER A 1 39  ? 4.820   6.615   -9.089  1.00 67.21  ? 39  SER A OG  1 
ATOM   145 N N   . ALA A 1 40  ? 3.048   5.577   -11.686 1.00 56.43  ? 40  ALA A N   1 
ATOM   146 C CA  . ALA A 1 40  ? 1.787   6.032   -12.167 1.00 56.47  ? 40  ALA A CA  1 
ATOM   147 C C   . ALA A 1 40  ? 0.747   4.936   -12.305 1.00 55.68  ? 40  ALA A C   1 
ATOM   148 O O   . ALA A 1 40  ? -0.444  5.231   -12.330 1.00 53.12  ? 40  ALA A O   1 
ATOM   149 C CB  . ALA A 1 40  ? 1.980   6.689   -13.529 1.00 66.37  ? 40  ALA A CB  1 
ATOM   150 N N   . GLU A 1 41  ? 1.135   3.692   -12.478 1.00 49.89  ? 41  GLU A N   1 
ATOM   151 C CA  . GLU A 1 41  ? 0.127   2.651   -12.622 1.00 51.04  ? 41  GLU A CA  1 
ATOM   152 C C   . GLU A 1 41  ? -0.218  2.163   -11.216 1.00 52.46  ? 41  GLU A C   1 
ATOM   153 O O   . GLU A 1 41  ? -1.268  1.623   -11.018 1.00 46.82  ? 41  GLU A O   1 
ATOM   154 C CB  . GLU A 1 41  ? 0.713   1.445   -13.396 1.00 58.11  ? 41  GLU A CB  1 
ATOM   155 C CG  . GLU A 1 41  ? 0.868   1.669   -14.877 1.00 68.07  ? 41  GLU A CG  1 
ATOM   156 C CD  . GLU A 1 41  ? 2.142   2.416   -15.308 1.00 79.90  ? 41  GLU A CD  1 
ATOM   157 O OE1 . GLU A 1 41  ? 3.022   2.945   -14.558 1.00 85.09  ? 41  GLU A OE1 1 
ATOM   158 O OE2 . GLU A 1 41  ? 2.258   2.494   -16.508 1.00 97.64  ? 41  GLU A OE2 1 
ATOM   159 N N   . LEU A 1 42  ? 0.662   2.306   -10.209 1.00 45.40  ? 42  LEU A N   1 
ATOM   160 C CA  . LEU A 1 42  ? 0.309   1.842   -8.861  1.00 43.22  ? 42  LEU A CA  1 
ATOM   161 C C   . LEU A 1 42  ? -0.534  2.806   -8.096  1.00 41.89  ? 42  LEU A C   1 
ATOM   162 O O   . LEU A 1 42  ? -1.385  2.477   -7.270  1.00 41.02  ? 42  LEU A O   1 
ATOM   163 C CB  . LEU A 1 42  ? 1.558   1.583   -8.096  1.00 42.71  ? 42  LEU A CB  1 
ATOM   164 C CG  . LEU A 1 42  ? 2.435   0.525   -8.736  1.00 46.72  ? 42  LEU A CG  1 
ATOM   165 C CD1 . LEU A 1 42  ? 3.690   0.319   -7.906  1.00 46.26  ? 42  LEU A CD1 1 
ATOM   166 C CD2 . LEU A 1 42  ? 1.801   -0.864  -8.905  1.00 47.09  ? 42  LEU A CD2 1 
ATOM   167 N N   . GLU A 1 43  ? -0.236  4.069   -8.243  1.00 41.05  ? 43  GLU A N   1 
ATOM   168 C CA  . GLU A 1 43  ? -0.914  5.090   -7.482  1.00 40.93  ? 43  GLU A CA  1 
ATOM   169 C C   . GLU A 1 43  ? -2.457  5.025   -7.485  1.00 46.17  ? 43  GLU A C   1 
ATOM   170 O O   . GLU A 1 43  ? -3.118  5.188   -6.457  1.00 45.19  ? 43  GLU A O   1 
ATOM   171 C CB  . GLU A 1 43  ? -0.422  6.397   -8.021  1.00 45.74  ? 43  GLU A CB  1 
ATOM   172 C CG  . GLU A 1 43  ? -0.864  7.577   -7.243  1.00 55.37  ? 43  GLU A CG  1 
ATOM   173 C CD  . GLU A 1 43  ? -0.146  7.686   -5.844  1.00 59.19  ? 43  GLU A CD  1 
ATOM   174 O OE1 . GLU A 1 43  ? 0.881   6.990   -5.539  1.00 58.43  ? 43  GLU A OE1 1 
ATOM   175 O OE2 . GLU A 1 43  ? -0.679  8.465   -5.035  1.00 61.41  ? 43  GLU A OE2 1 
ATOM   176 N N   . PRO A 1 44  ? -3.074  4.720   -8.618  1.00 45.75  ? 44  PRO A N   1 
ATOM   177 C CA  . PRO A 1 44  ? -4.552  4.626   -8.589  1.00 45.39  ? 44  PRO A CA  1 
ATOM   178 C C   . PRO A 1 44  ? -5.112  3.520   -7.771  1.00 40.88  ? 44  PRO A C   1 
ATOM   179 O O   . PRO A 1 44  ? -6.276  3.632   -7.296  1.00 40.89  ? 44  PRO A O   1 
ATOM   180 C CB  . PRO A 1 44  ? -4.901  4.366   -10.093 1.00 50.74  ? 44  PRO A CB  1 
ATOM   181 C CG  . PRO A 1 44  ? -3.766  4.992   -10.787 1.00 51.60  ? 44  PRO A CG  1 
ATOM   182 C CD  . PRO A 1 44  ? -2.561  4.549   -10.011 1.00 50.12  ? 44  PRO A CD  1 
ATOM   183 N N   . LEU A 1 45  ? -4.311  2.530   -7.446  1.00 39.14  ? 45  LEU A N   1 
ATOM   184 C CA  . LEU A 1 45  ? -4.782  1.439   -6.611  1.00 40.62  ? 45  LEU A CA  1 
ATOM   185 C C   . LEU A 1 45  ? -5.109  1.913   -5.212  1.00 40.75  ? 45  LEU A C   1 
ATOM   186 O O   . LEU A 1 45  ? -5.996  1.351   -4.515  1.00 39.91  ? 45  LEU A O   1 
ATOM   187 C CB  . LEU A 1 45  ? -3.725  0.406   -6.457  1.00 42.20  ? 45  LEU A CB  1 
ATOM   188 C CG  . LEU A 1 45  ? -3.274  -0.177  -7.722  1.00 42.66  ? 45  LEU A CG  1 
ATOM   189 C CD1 . LEU A 1 45  ? -2.130  -1.187  -7.546  1.00 46.24  ? 45  LEU A CD1 1 
ATOM   190 C CD2 . LEU A 1 45  ? -4.466  -0.853  -8.449  1.00 50.73  ? 45  LEU A CD2 1 
ATOM   191 N N   . LEU A 1 46  ? -4.567  3.067   -4.838  1.00 38.75  ? 46  LEU A N   1 
ATOM   192 C CA  . LEU A 1 46  ? -4.847  3.595   -3.498  1.00 37.07  ? 46  LEU A CA  1 
ATOM   193 C C   . LEU A 1 46  ? -6.251  4.098   -3.401  1.00 43.03  ? 46  LEU A C   1 
ATOM   194 O O   . LEU A 1 46  ? -6.776  4.250   -2.312  1.00 37.63  ? 46  LEU A O   1 
ATOM   195 C CB  . LEU A 1 46  ? -3.985  4.786   -3.155  1.00 38.93  ? 46  LEU A CB  1 
ATOM   196 C CG  . LEU A 1 46  ? -2.550  4.265   -3.031  1.00 38.03  ? 46  LEU A CG  1 
ATOM   197 C CD1 . LEU A 1 46  ? -1.680  5.494   -2.807  1.00 46.14  ? 46  LEU A CD1 1 
ATOM   198 C CD2 . LEU A 1 46  ? -2.327  3.376   -1.903  1.00 36.77  ? 46  LEU A CD2 1 
ATOM   199 N N   . SER A 1 47  ? -6.919  4.309   -4.517  1.00 42.16  ? 47  SER A N   1 
ATOM   200 C CA  . SER A 1 47  ? -8.296  4.842   -4.480  1.00 43.62  ? 47  SER A CA  1 
ATOM   201 C C   . SER A 1 47  ? -9.313  3.816   -3.959  1.00 42.37  ? 47  SER A C   1 
ATOM   202 O O   . SER A 1 47  ? -10.438 4.160   -3.531  1.00 46.14  ? 47  SER A O   1 
ATOM   203 C CB  . SER A 1 47  ? -8.643  5.411   -5.925  1.00 49.78  ? 47  SER A CB  1 
ATOM   204 O OG  . SER A 1 47  ? -9.170  4.166   -6.452  1.00 56.56  ? 47  SER A OG  1 
ATOM   205 N N   . ALA A 1 48  ? -8.906  2.557   -3.788  1.00 39.93  ? 48  ALA A N   1 
ATOM   206 C CA  . ALA A 1 48  ? -9.709  1.598   -3.117  1.00 42.89  ? 48  ALA A CA  1 
ATOM   207 C C   . ALA A 1 48  ? -9.832  1.738   -1.574  1.00 44.71  ? 48  ALA A C   1 
ATOM   208 O O   . ALA A 1 48  ? -10.701 1.112   -0.898  1.00 47.21  ? 48  ALA A O   1 
ATOM   209 C CB  . ALA A 1 48  ? -9.092  0.271   -3.356  1.00 46.85  ? 48  ALA A CB  1 
ATOM   210 N N   . LEU A 1 49  ? -8.910  2.547   -1.016  1.00 36.63  ? 49  LEU A N   1 
ATOM   211 C CA  . LEU A 1 49  ? -8.934  2.696   0.441   1.00 38.01  ? 49  LEU A CA  1 
ATOM   212 C C   . LEU A 1 49  ? -9.945  3.731   0.838   1.00 35.89  ? 49  LEU A C   1 
ATOM   213 O O   . LEU A 1 49  ? -10.132 4.754   0.105   1.00 39.64  ? 49  LEU A O   1 
ATOM   214 C CB  . LEU A 1 49  ? -7.508  3.042   0.899   1.00 36.24  ? 49  LEU A CB  1 
ATOM   215 C CG  . LEU A 1 49  ? -6.470  2.002   0.565   1.00 36.30  ? 49  LEU A CG  1 
ATOM   216 C CD1 . LEU A 1 49  ? -5.101  2.414   1.017   1.00 36.74  ? 49  LEU A CD1 1 
ATOM   217 C CD2 . LEU A 1 49  ? -6.805  0.742   1.255   1.00 37.61  ? 49  LEU A CD2 1 
ATOM   218 N N   . HIS A 1 50  ? -10.575 3.459   2.012   1.00 37.42  ? 50  HIS A N   1 
ATOM   219 C CA  . HIS A 1 50  ? -11.645 4.242   2.546   1.00 38.75  ? 50  HIS A CA  1 
ATOM   220 C C   . HIS A 1 50  ? -11.086 5.244   3.574   1.00 35.24  ? 50  HIS A C   1 
ATOM   221 O O   . HIS A 1 50  ? -11.053 5.065   4.818   1.00 40.08  ? 50  HIS A O   1 
ATOM   222 C CB  . HIS A 1 50  ? -12.806 3.386   3.143   1.00 38.90  ? 50  HIS A CB  1 
ATOM   223 C CG  . HIS A 1 50  ? -13.604 2.596   2.133   1.00 38.92  ? 50  HIS A CG  1 
ATOM   224 N ND1 . HIS A 1 50  ? -13.059 1.869   1.111   1.00 45.10  ? 50  HIS A ND1 1 
ATOM   225 C CD2 . HIS A 1 50  ? -14.915 2.396   2.044   1.00 39.55  ? 50  HIS A CD2 1 
ATOM   226 C CE1 . HIS A 1 50  ? -14.023 1.295   0.385   1.00 39.64  ? 50  HIS A CE1 1 
ATOM   227 N NE2 . HIS A 1 50  ? -15.143 1.615   0.919   1.00 44.10  ? 50  HIS A NE2 1 
ATOM   228 N N   . LEU A 1 51  ? -10.673 6.372   3.040   1.00 39.09  ? 51  LEU A N   1 
ATOM   229 C CA  . LEU A 1 51  ? -10.053 7.419   3.897   1.00 37.69  ? 51  LEU A CA  1 
ATOM   230 C C   . LEU A 1 51  ? -11.085 8.078   4.755   1.00 42.64  ? 51  LEU A C   1 
ATOM   231 O O   . LEU A 1 51  ? -12.287 8.322   4.423   1.00 39.69  ? 51  LEU A O   1 
ATOM   232 C CB  . LEU A 1 51  ? -9.319  8.464   3.081   1.00 37.77  ? 51  LEU A CB  1 
ATOM   233 C CG  . LEU A 1 51  ? -8.323  7.984   2.090   1.00 39.19  ? 51  LEU A CG  1 
ATOM   234 C CD1 . LEU A 1 51  ? -7.772  9.198   1.326   1.00 44.61  ? 51  LEU A CD1 1 
ATOM   235 C CD2 . LEU A 1 51  ? -7.239  7.184   2.741   1.00 40.45  ? 51  LEU A CD2 1 
ATOM   236 N N   . ASN A 1 52  ? -10.653 8.404   5.929   1.00 41.24  ? 52  ASN A N   1 
ATOM   237 C CA  . ASN A 1 52  ? -11.494 9.094   6.911   1.00 44.68  ? 52  ASN A CA  1 
ATOM   238 C C   . ASN A 1 52  ? -12.554 8.147   7.459   1.00 43.40  ? 52  ASN A C   1 
ATOM   239 O O   . ASN A 1 52  ? -13.452 8.554   8.095   1.00 46.77  ? 52  ASN A O   1 
ATOM   240 C CB  . ASN A 1 52  ? -12.034 10.456  6.429   1.00 44.92  ? 52  ASN A CB  1 
ATOM   241 C CG  . ASN A 1 52  ? -10.915 11.364  5.945   1.00 51.64  ? 52  ASN A CG  1 
ATOM   242 O OD1 . ASN A 1 52  ? -10.898 11.896  4.818   1.00 53.30  ? 52  ASN A OD1 1 
ATOM   243 N ND2 . ASN A 1 52  ? -9.926  11.498  6.795   1.00 47.07  ? 52  ASN A ND2 1 
ATOM   244 N N   . ASP A 1 53  ? -12.328 6.855   7.293   1.00 46.95  ? 53  ASP A N   1 
ATOM   245 C CA  . ASP A 1 53  ? -13.233 5.905   7.847   1.00 45.51  ? 53  ASP A CA  1 
ATOM   246 C C   . ASP A 1 53  ? -12.425 4.884   8.554   1.00 46.15  ? 53  ASP A C   1 
ATOM   247 O O   . ASP A 1 53  ? -11.149 4.806   8.442   1.00 40.85  ? 53  ASP A O   1 
ATOM   248 C CB  . ASP A 1 53  ? -14.052 5.273   6.702   1.00 42.83  ? 53  ASP A CB  1 
ATOM   249 C CG  . ASP A 1 53  ? -15.323 4.506   7.194   1.00 50.40  ? 53  ASP A CG  1 
ATOM   250 O OD1 . ASP A 1 53  ? -15.796 4.810   8.265   1.00 47.95  ? 53  ASP A OD1 1 
ATOM   251 O OD2 . ASP A 1 53  ? -15.909 3.661   6.509   1.00 48.53  ? 53  ASP A OD2 1 
ATOM   252 N N   . THR A 1 54  ? -13.110 4.035   9.286   1.00 43.92  ? 54  THR A N   1 
ATOM   253 C CA  . THR A 1 54  ? -12.411 3.043   10.123  1.00 47.24  ? 54  THR A CA  1 
ATOM   254 C C   . THR A 1 54  ? -11.484 2.229   9.316   1.00 45.38  ? 54  THR A C   1 
ATOM   255 O O   . THR A 1 54  ? -11.801 1.652   8.209   1.00 41.42  ? 54  THR A O   1 
ATOM   256 C CB  . THR A 1 54  ? -13.458 2.064   10.705  1.00 52.15  ? 54  THR A CB  1 
ATOM   257 O OG1 . THR A 1 54  ? -14.485 2.860   11.319  1.00 51.55  ? 54  THR A OG1 1 
ATOM   258 C CG2 . THR A 1 54  ? -12.857 1.143   11.743  1.00 52.50  ? 54  THR A CG2 1 
ATOM   259 N N   . PHE A 1 55  ? -10.312 2.112   9.867   1.00 44.70  ? 55  PHE A N   1 
ATOM   260 C CA  . PHE A 1 55  ? -9.263  1.297   9.250   1.00 46.00  ? 55  PHE A CA  1 
ATOM   261 C C   . PHE A 1 55  ? -9.707  -0.128  8.986   1.00 48.45  ? 55  PHE A C   1 
ATOM   262 O O   . PHE A 1 55  ? -10.309 -0.716  9.858   1.00 47.61  ? 55  PHE A O   1 
ATOM   263 C CB  . PHE A 1 55  ? -8.050  1.220   10.181  1.00 48.58  ? 55  PHE A CB  1 
ATOM   264 C CG  . PHE A 1 55  ? -6.934  0.359   9.666   1.00 45.57  ? 55  PHE A CG  1 
ATOM   265 C CD1 . PHE A 1 55  ? -6.083  0.850   8.681   1.00 48.55  ? 55  PHE A CD1 1 
ATOM   266 C CD2 . PHE A 1 55  ? -6.717  -0.848  10.192  1.00 51.58  ? 55  PHE A CD2 1 
ATOM   267 C CE1 . PHE A 1 55  ? -5.045  0.067   8.201   1.00 49.59  ? 55  PHE A CE1 1 
ATOM   268 C CE2 . PHE A 1 55  ? -5.724  -1.629  9.758   1.00 51.08  ? 55  PHE A CE2 1 
ATOM   269 C CZ  . PHE A 1 55  ? -4.861  -1.191  8.788   1.00 48.99  ? 55  PHE A CZ  1 
ATOM   270 N N   . ARG A 1 56  ? -9.317  -0.715  7.864   1.00 46.94  ? 56  ARG A N   1 
ATOM   271 C CA  . ARG A 1 56  ? -9.693  -2.070  7.515   1.00 52.67  ? 56  ARG A CA  1 
ATOM   272 C C   . ARG A 1 56  ? -8.501  -2.802  6.900   1.00 52.09  ? 56  ARG A C   1 
ATOM   273 O O   . ARG A 1 56  ? -7.987  -2.464  5.867   1.00 44.07  ? 56  ARG A O   1 
ATOM   274 C CB  . ARG A 1 56  ? -10.814 -1.983  6.497   1.00 58.81  ? 56  ARG A CB  1 
ATOM   275 C CG  . ARG A 1 56  ? -11.751 -3.113  6.591   1.00 78.90  ? 56  ARG A CG  1 
ATOM   276 C CD  . ARG A 1 56  ? -12.641 -3.200  5.325   1.00 95.63  ? 56  ARG A CD  1 
ATOM   277 N NE  . ARG A 1 56  ? -13.900 -3.892  5.549   1.00 108.34 ? 56  ARG A NE  1 
ATOM   278 C CZ  . ARG A 1 56  ? -14.874 -3.416  6.331   1.00 117.23 ? 56  ARG A CZ  1 
ATOM   279 N NH1 . ARG A 1 56  ? -14.754 -2.238  6.969   1.00 113.69 ? 56  ARG A NH1 1 
ATOM   280 N NH2 . ARG A 1 56  ? -15.990 -4.118  6.479   1.00 128.56 ? 56  ARG A NH2 1 
ATOM   281 N N   . ARG A 1 57  ? -8.020  -3.749  7.643   1.00 49.20  ? 57  ARG A N   1 
ATOM   282 C CA  . ARG A 1 57  ? -6.825  -4.540  7.322   1.00 54.79  ? 57  ARG A CA  1 
ATOM   283 C C   . ARG A 1 57  ? -6.974  -5.188  5.965   1.00 53.75  ? 57  ARG A C   1 
ATOM   284 O O   . ARG A 1 57  ? -6.036  -5.142  5.083   1.00 48.41  ? 57  ARG A O   1 
ATOM   285 C CB  . ARG A 1 57  ? -6.542  -5.507  8.487   1.00 62.26  ? 57  ARG A CB  1 
ATOM   286 C CG  . ARG A 1 57  ? -7.240  -5.096  9.916   1.00 81.82  ? 57  ARG A CG  1 
ATOM   287 C CD  . ARG A 1 57  ? -8.878  -4.988  10.361  1.00 71.85  ? 57  ARG A CD  1 
ATOM   288 N NE  . ARG A 1 57  ? -10.083 -5.160  9.414   1.00 72.16  ? 57  ARG A NE  1 
ATOM   289 C CZ  . ARG A 1 57  ? -10.425 -6.227  8.679   1.00 67.99  ? 57  ARG A CZ  1 
ATOM   290 N NH1 . ARG A 1 57  ? -9.780  -7.322  8.722   1.00 76.94  ? 57  ARG A NH1 1 
ATOM   291 N NH2 . ARG A 1 57  ? -11.456 -6.238  7.960   1.00 75.83  ? 57  ARG A NH2 1 
ATOM   292 N N   . SER A 1 58  ? -8.188  -5.686  5.666   1.00 48.78  ? 58  SER A N   1 
ATOM   293 C CA  . SER A 1 58  ? -8.323  -6.412  4.454   1.00 49.18  ? 58  SER A CA  1 
ATOM   294 C C   . SER A 1 58  ? -8.253  -5.489  3.253   1.00 45.42  ? 58  SER A C   1 
ATOM   295 O O   . SER A 1 58  ? -7.850  -5.945  2.200   1.00 48.69  ? 58  SER A O   1 
ATOM   296 C CB  . SER A 1 58  ? -9.649  -7.191  4.468   1.00 53.50  ? 58  SER A CB  1 
ATOM   297 O OG  . SER A 1 58  ? -10.712 -6.270  4.499   1.00 51.62  ? 58  SER A OG  1 
ATOM   298 N N   . ASP A 1 59  ? -8.700  -4.211  3.370   1.00 44.16  ? 59  ASP A N   1 
ATOM   299 C CA  . ASP A 1 59  ? -8.529  -3.229  2.303   1.00 42.33  ? 59  ASP A CA  1 
ATOM   300 C C   . ASP A 1 59  ? -7.016  -3.038  2.017   1.00 40.49  ? 59  ASP A C   1 
ATOM   301 O O   . ASP A 1 59  ? -6.613  -2.934  0.862   1.00 39.01  ? 59  ASP A O   1 
ATOM   302 C CB  . ASP A 1 59  ? -9.153  -1.853  2.595   1.00 42.16  ? 59  ASP A CB  1 
ATOM   303 C CG  . ASP A 1 59  ? -10.722 -1.831  2.592   1.00 50.63  ? 59  ASP A CG  1 
ATOM   304 O OD1 . ASP A 1 59  ? -11.253 -2.842  2.248   1.00 48.40  ? 59  ASP A OD1 1 
ATOM   305 O OD2 . ASP A 1 59  ? -11.329 -0.876  3.140   1.00 46.36  ? 59  ASP A OD2 1 
ATOM   306 N N   . ILE A 1 60  ? -6.195  -3.007  3.065   1.00 41.63  ? 60  ILE A N   1 
ATOM   307 C CA  . ILE A 1 60  ? -4.709  -2.795  2.855   1.00 42.27  ? 60  ILE A CA  1 
ATOM   308 C C   . ILE A 1 60  ? -4.156  -4.056  2.183   1.00 45.46  ? 60  ILE A C   1 
ATOM   309 O O   . ILE A 1 60  ? -3.444  -3.996  1.171   1.00 42.24  ? 60  ILE A O   1 
ATOM   310 C CB  . ILE A 1 60  ? -3.983  -2.567  4.183   1.00 42.71  ? 60  ILE A CB  1 
ATOM   311 C CG1 . ILE A 1 60  ? -4.508  -1.348  4.951   1.00 42.36  ? 60  ILE A CG1 1 
ATOM   312 C CG2 . ILE A 1 60  ? -2.463  -2.480  3.965   1.00 42.27  ? 60  ILE A CG2 1 
ATOM   313 C CD1 . ILE A 1 60  ? -4.424  -0.072  4.159   1.00 42.36  ? 60  ILE A CD1 1 
ATOM   314 N N   . ALA A 1 61  ? -4.510  -5.232  2.680   1.00 45.74  ? 61  ALA A N   1 
ATOM   315 C CA  . ALA A 1 61  ? -4.064  -6.495  1.975   1.00 45.70  ? 61  ALA A CA  1 
ATOM   316 C C   . ALA A 1 61  ? -4.430  -6.558  0.499   1.00 46.51  ? 61  ALA A C   1 
ATOM   317 O O   . ALA A 1 61  ? -3.603  -6.948  -0.330  1.00 47.32  ? 61  ALA A O   1 
ATOM   318 C CB  . ALA A 1 61  ? -4.650  -7.683  2.692   1.00 53.82  ? 61  ALA A CB  1 
ATOM   319 N N   . ASP A 1 62  ? -5.654  -6.110  0.169   1.00 44.79  ? 62  ASP A N   1 
ATOM   320 C CA  . ASP A 1 62  ? -6.057  -6.105  -1.186  1.00 48.16  ? 62  ASP A CA  1 
ATOM   321 C C   . ASP A 1 62  ? -5.183  -5.196  -2.036  1.00 49.95  ? 62  ASP A C   1 
ATOM   322 O O   . ASP A 1 62  ? -4.827  -5.524  -3.213  1.00 43.79  ? 62  ASP A O   1 
ATOM   323 C CB  . ASP A 1 62  ? -7.488  -5.625  -1.318  1.00 46.52  ? 62  ASP A CB  1 
ATOM   324 C CG  . ASP A 1 62  ? -8.529  -6.713  -0.878  1.00 56.47  ? 62  ASP A CG  1 
ATOM   325 O OD1 . ASP A 1 62  ? -8.117  -7.897  -0.611  1.00 55.43  ? 62  ASP A OD1 1 
ATOM   326 O OD2 . ASP A 1 62  ? -9.704  -6.347  -0.615  1.00 57.44  ? 62  ASP A OD2 1 
ATOM   327 N N   . VAL A 1 63  ? -4.797  -4.049  -1.470  1.00 47.91  ? 63  VAL A N   1 
ATOM   328 C CA  . VAL A 1 63  ? -3.925  -3.132  -2.229  1.00 38.75  ? 63  VAL A CA  1 
ATOM   329 C C   . VAL A 1 63  ? -2.573  -3.708  -2.394  1.00 40.27  ? 63  VAL A C   1 
ATOM   330 O O   . VAL A 1 63  ? -1.984  -3.600  -3.472  1.00 41.26  ? 63  VAL A O   1 
ATOM   331 C CB  . VAL A 1 63  ? -3.925  -1.676  -1.611  1.00 41.73  ? 63  VAL A CB  1 
ATOM   332 C CG1 . VAL A 1 63  ? -2.835  -0.821  -2.262  1.00 40.93  ? 63  VAL A CG1 1 
ATOM   333 C CG2 . VAL A 1 63  ? -5.251  -1.115  -1.872  1.00 47.30  ? 63  VAL A CG2 1 
ATOM   334 N N   . GLU A 1 64  ? -2.033  -4.266  -1.327  1.00 40.57  ? 64  GLU A N   1 
ATOM   335 C CA  . GLU A 1 64  ? -0.754  -4.925  -1.396  1.00 45.15  ? 64  GLU A CA  1 
ATOM   336 C C   . GLU A 1 64  ? -0.728  -6.026  -2.469  1.00 47.99  ? 64  GLU A C   1 
ATOM   337 O O   . GLU A 1 64  ? 0.195   -6.094  -3.278  1.00 43.86  ? 64  GLU A O   1 
ATOM   338 C CB  . GLU A 1 64  ? -0.443  -5.559  -0.086  1.00 44.91  ? 64  GLU A CB  1 
ATOM   339 C CG  . GLU A 1 64  ? -0.095  -4.566  0.987   1.00 47.82  ? 64  GLU A CG  1 
ATOM   340 C CD  . GLU A 1 64  ? 0.125   -5.225  2.347   1.00 52.46  ? 64  GLU A CD  1 
ATOM   341 O OE1 . GLU A 1 64  ? 0.132   -6.419  2.388   1.00 57.41  ? 64  GLU A OE1 1 
ATOM   342 O OE2 . GLU A 1 64  ? 0.325   -4.656  3.403   1.00 55.09  ? 64  GLU A OE2 1 
ATOM   343 N N   . ASN A 1 65  ? -1.794  -6.823  -2.515  1.00 50.60  ? 65  ASN A N   1 
ATOM   344 C CA  . ASN A 1 65  ? -1.874  -7.838  -3.575  1.00 48.41  ? 65  ASN A CA  1 
ATOM   345 C C   . ASN A 1 65  ? -1.992  -7.255  -4.952  1.00 47.01  ? 65  ASN A C   1 
ATOM   346 O O   . ASN A 1 65  ? -1.365  -7.762  -5.898  1.00 46.66  ? 65  ASN A O   1 
ATOM   347 C CB  . ASN A 1 65  ? -3.036  -8.823  -3.271  1.00 53.12  ? 65  ASN A CB  1 
ATOM   348 C CG  . ASN A 1 65  ? -2.693  -9.692  -2.078  1.00 62.10  ? 65  ASN A CG  1 
ATOM   349 O OD1 . ASN A 1 65  ? -1.533  -9.976  -1.777  1.00 66.63  ? 65  ASN A OD1 1 
ATOM   350 N ND2 . ASN A 1 65  ? -3.694  -10.082 -1.358  1.00 66.42  ? 65  ASN A ND2 1 
ATOM   351 N N   . ALA A 1 66  ? -2.763  -6.158  -5.096  1.00 44.43  ? 66  ALA A N   1 
ATOM   352 C CA  . ALA A 1 66  ? -2.863  -5.617  -6.376  1.00 44.72  ? 66  ALA A CA  1 
ATOM   353 C C   . ALA A 1 66  ? -1.546  -5.041  -6.842  1.00 48.99  ? 66  ALA A C   1 
ATOM   354 O O   . ALA A 1 66  ? -1.191  -4.999  -8.082  1.00 47.02  ? 66  ALA A O   1 
ATOM   355 C CB  . ALA A 1 66  ? -3.933  -4.507  -6.365  1.00 44.98  ? 66  ALA A CB  1 
ATOM   356 N N   . ILE A 1 67  ? -0.846  -4.428  -5.898  1.00 44.43  ? 67  ILE A N   1 
ATOM   357 C CA  . ILE A 1 67  ? 0.488   -3.906  -6.283  1.00 40.21  ? 67  ILE A CA  1 
ATOM   358 C C   . ILE A 1 67  ? 1.393   -5.010  -6.832  1.00 40.22  ? 67  ILE A C   1 
ATOM   359 O O   . ILE A 1 67  ? 2.089   -4.879  -7.848  1.00 43.88  ? 67  ILE A O   1 
ATOM   360 C CB  . ILE A 1 67  ? 1.171   -3.204  -5.047  1.00 40.41  ? 67  ILE A CB  1 
ATOM   361 C CG1 . ILE A 1 67  ? 0.447   -1.859  -4.728  1.00 39.08  ? 67  ILE A CG1 1 
ATOM   362 C CG2 . ILE A 1 67  ? 2.619   -2.886  -5.405  1.00 42.77  ? 67  ILE A CG2 1 
ATOM   363 C CD1 . ILE A 1 67  ? 0.840   -1.289  -3.363  1.00 45.05  ? 67  ILE A CD1 1 
ATOM   364 N N   . LYS A 1 68  ? 1.456   -6.094  -6.091  1.00 45.92  ? 68  LYS A N   1 
ATOM   365 C CA  . LYS A 1 68  ? 2.338   -7.138  -6.496  1.00 47.51  ? 68  LYS A CA  1 
ATOM   366 C C   . LYS A 1 68  ? 1.939   -7.798  -7.864  1.00 49.63  ? 68  LYS A C   1 
ATOM   367 O O   . LYS A 1 68  ? 2.834   -8.252  -8.655  1.00 52.65  ? 68  LYS A O   1 
ATOM   368 C CB  . LYS A 1 68  ? 2.284   -8.156  -5.487  1.00 49.77  ? 68  LYS A CB  1 
ATOM   369 C CG  . LYS A 1 68  ? 3.051   -7.827  -4.262  1.00 54.13  ? 68  LYS A CG  1 
ATOM   370 C CD  . LYS A 1 68  ? 2.599   -8.867  -3.240  1.00 59.10  ? 68  LYS A CD  1 
ATOM   371 C CE  . LYS A 1 68  ? 3.381   -8.880  -1.983  1.00 61.17  ? 68  LYS A CE  1 
ATOM   372 N NZ  . LYS A 1 68  ? 2.607   -9.495  -0.943  1.00 64.26  ? 68  LYS A NZ  1 
ATOM   373 N N   . ALA A 1 69  ? 0.641   -7.822  -8.102  1.00 50.21  ? 69  ALA A N   1 
ATOM   374 C CA  . ALA A 1 69  ? 0.113   -8.342  -9.343  1.00 55.48  ? 69  ALA A CA  1 
ATOM   375 C C   . ALA A 1 69  ? 0.445   -7.378  -10.496 1.00 55.04  ? 69  ALA A C   1 
ATOM   376 O O   . ALA A 1 69  ? 0.928   -7.811  -11.544 1.00 53.02  ? 69  ALA A O   1 
ATOM   377 C CB  . ALA A 1 69  ? -1.423  -8.570  -9.224  1.00 57.63  ? 69  ALA A CB  1 
ATOM   378 N N   . LYS A 1 70  ? 0.283   -6.081  -10.298 1.00 49.72  ? 70  LYS A N   1 
ATOM   379 C CA  . LYS A 1 70  ? 0.739   -5.176  -11.339 1.00 55.09  ? 70  LYS A CA  1 
ATOM   380 C C   . LYS A 1 70  ? 2.237   -5.221  -11.693 1.00 53.19  ? 70  LYS A C   1 
ATOM   381 O O   . LYS A 1 70  ? 2.670   -5.308  -12.893 1.00 53.37  ? 70  LYS A O   1 
ATOM   382 C CB  . LYS A 1 70  ? 0.437   -3.793  -10.983 1.00 57.43  ? 70  LYS A CB  1 
ATOM   383 C CG  . LYS A 1 70  ? -0.919  -3.499  -11.375 1.00 73.88  ? 70  LYS A CG  1 
ATOM   384 C CD  . LYS A 1 70  ? -0.875  -2.188  -12.130 1.00 83.17  ? 70  LYS A CD  1 
ATOM   385 C CE  . LYS A 1 70  ? -2.318  -1.719  -12.280 1.00 89.19  ? 70  LYS A CE  1 
ATOM   386 N NZ  . LYS A 1 70  ? -2.762  -2.251  -13.592 1.00 96.52  ? 70  LYS A NZ  1 
ATOM   387 N N   . LEU A 1 71  ? 2.996   -5.327  -10.644 1.00 52.81  ? 71  LEU A N   1 
ATOM   388 C CA  . LEU A 1 71  ? 4.410   -5.452  -10.824 1.00 52.94  ? 71  LEU A CA  1 
ATOM   389 C C   . LEU A 1 71  ? 4.787   -6.844  -11.475 1.00 55.76  ? 71  LEU A C   1 
ATOM   390 O O   . LEU A 1 71  ? 5.723   -6.926  -12.233 1.00 55.90  ? 71  LEU A O   1 
ATOM   391 C CB  . LEU A 1 71  ? 5.102   -5.307  -9.494  1.00 50.56  ? 71  LEU A CB  1 
ATOM   392 C CG  . LEU A 1 71  ? 5.213   -3.836  -8.972  1.00 51.47  ? 71  LEU A CG  1 
ATOM   393 C CD1 . LEU A 1 71  ? 5.640   -3.881  -7.511  1.00 52.13  ? 71  LEU A CD1 1 
ATOM   394 C CD2 . LEU A 1 71  ? 6.180   -2.996  -9.814  1.00 56.27  ? 71  LEU A CD2 1 
ATOM   395 N N   . GLY A 1 72  ? 4.160   -7.908  -11.029 1.00 55.94  ? 72  GLY A N   1 
ATOM   396 C CA  . GLY A 1 72  ? 4.280   -9.261  -11.661 1.00 61.32  ? 72  GLY A CA  1 
ATOM   397 C C   . GLY A 1 72  ? 4.090   -9.202  -13.167 1.00 59.64  ? 72  GLY A C   1 
ATOM   398 O O   . GLY A 1 72  ? 4.810   -9.824  -13.915 1.00 64.42  ? 72  GLY A O   1 
ATOM   399 N N   . GLU A 1 73  ? 3.142   -8.393  -13.595 1.00 62.98  ? 73  GLU A N   1 
ATOM   400 C CA  . GLU A 1 73  ? 2.813   -8.287  -14.993 1.00 70.01  ? 73  GLU A CA  1 
ATOM   401 C C   . GLU A 1 73  ? 3.949   -7.717  -15.831 1.00 71.02  ? 73  GLU A C   1 
ATOM   402 O O   . GLU A 1 73  ? 3.927   -7.923  -17.045 1.00 67.61  ? 73  GLU A O   1 
ATOM   403 C CB  . GLU A 1 73  ? 1.555   -7.474  -15.294 1.00 68.44  ? 73  GLU A CB  1 
ATOM   404 C CG  . GLU A 1 73  ? 0.261   -8.162  -14.787 1.00 78.78  ? 73  GLU A CG  1 
ATOM   405 C CD  . GLU A 1 73  ? -0.875  -7.136  -14.547 1.00 80.05  ? 73  GLU A CD  1 
ATOM   406 O OE1 . GLU A 1 73  ? -0.791  -5.987  -15.067 1.00 77.49  ? 73  GLU A OE1 1 
ATOM   407 O OE2 . GLU A 1 73  ? -1.847  -7.453  -13.832 1.00 94.98  ? 73  GLU A OE2 1 
ATOM   408 N N   . ARG A 1 74  ? 4.908   -7.033  -15.224 1.00 63.97  ? 74  ARG A N   1 
ATOM   409 C CA  . ARG A 1 74  ? 6.042   -6.451  -15.971 1.00 63.14  ? 74  ARG A CA  1 
ATOM   410 C C   . ARG A 1 74  ? 7.300   -7.242  -15.693 1.00 60.37  ? 74  ARG A C   1 
ATOM   411 O O   . ARG A 1 74  ? 8.358   -6.794  -16.064 1.00 61.37  ? 74  ARG A O   1 
ATOM   412 C CB  . ARG A 1 74  ? 6.267   -5.007  -15.520 1.00 68.20  ? 74  ARG A CB  1 
ATOM   413 C CG  . ARG A 1 74  ? 5.085   -4.164  -15.849 1.00 78.78  ? 74  ARG A CG  1 
ATOM   414 C CD  . ARG A 1 74  ? 5.547   -2.755  -16.198 1.00 83.95  ? 74  ARG A CD  1 
ATOM   415 N NE  . ARG A 1 74  ? 4.420   -2.033  -16.830 1.00 92.93  ? 74  ARG A NE  1 
ATOM   416 C CZ  . ARG A 1 74  ? 4.435   -0.726  -17.126 1.00 95.95  ? 74  ARG A CZ  1 
ATOM   417 N NH1 . ARG A 1 74  ? 3.322   -0.199  -17.646 1.00 103.52 ? 74  ARG A NH1 1 
ATOM   418 N NH2 . ARG A 1 74  ? 5.534   0.050   -16.885 1.00 84.70  ? 74  ARG A NH2 1 
ATOM   419 N N   . GLY A 1 75  ? 7.196   -8.329  -14.942 1.00 55.61  ? 75  GLY A N   1 
ATOM   420 C CA  . GLY A 1 75  ? 8.282   -9.210  -14.719 1.00 57.94  ? 75  GLY A CA  1 
ATOM   421 C C   . GLY A 1 75  ? 8.894   -9.158  -13.413 1.00 61.75  ? 75  GLY A C   1 
ATOM   422 O O   . GLY A 1 75  ? 9.893   -9.790  -13.253 1.00 59.14  ? 75  GLY A O   1 
ATOM   423 N N   . TYR A 1 76  ? 8.305   -8.382  -12.478 1.00 62.59  ? 76  TYR A N   1 
ATOM   424 C CA  . TYR A 1 76  ? 8.815   -8.266  -11.110 1.00 59.03  ? 76  TYR A CA  1 
ATOM   425 C C   . TYR A 1 76  ? 8.091   -9.206  -10.227 1.00 64.09  ? 76  TYR A C   1 
ATOM   426 O O   . TYR A 1 76  ? 7.166   -8.829  -9.439  1.00 59.86  ? 76  TYR A O   1 
ATOM   427 C CB  . TYR A 1 76  ? 8.589   -6.873  -10.562 1.00 55.31  ? 76  TYR A CB  1 
ATOM   428 C CG  . TYR A 1 76  ? 9.355   -5.828  -11.279 1.00 53.79  ? 76  TYR A CG  1 
ATOM   429 C CD1 . TYR A 1 76  ? 10.759  -5.676  -11.100 1.00 55.80  ? 76  TYR A CD1 1 
ATOM   430 C CD2 . TYR A 1 76  ? 8.724   -4.983  -12.108 1.00 51.68  ? 76  TYR A CD2 1 
ATOM   431 C CE1 . TYR A 1 76  ? 11.448  -4.641  -11.716 1.00 53.00  ? 76  TYR A CE1 1 
ATOM   432 C CE2 . TYR A 1 76  ? 9.441   -4.008  -12.783 1.00 50.87  ? 76  TYR A CE2 1 
ATOM   433 C CZ  . TYR A 1 76  ? 10.776  -3.836  -12.558 1.00 51.36  ? 76  TYR A CZ  1 
ATOM   434 O OH  . TYR A 1 76  ? 11.385  -2.806  -13.233 1.00 54.29  ? 76  TYR A OH  1 
ATOM   435 N N   . GLY A 1 77  ? 8.501   -10.461 -10.342 1.00 63.35  ? 77  GLY A N   1 
ATOM   436 C CA  . GLY A 1 77  ? 7.755   -11.505 -9.695  1.00 69.39  ? 77  GLY A CA  1 
ATOM   437 C C   . GLY A 1 77  ? 8.052   -11.724 -8.219  1.00 72.30  ? 77  GLY A C   1 
ATOM   438 O O   . GLY A 1 77  ? 7.357   -12.438 -7.570  1.00 74.85  ? 77  GLY A O   1 
ATOM   439 N N   . SER A 1 78  ? 9.112   -11.169 -7.694  1.00 73.27  ? 78  SER A N   1 
ATOM   440 C CA  . SER A 1 78  ? 9.427   -11.239 -6.284  1.00 75.17  ? 78  SER A CA  1 
ATOM   441 C C   . SER A 1 78  ? 9.204   -9.896  -5.554  1.00 72.32  ? 78  SER A C   1 
ATOM   442 O O   . SER A 1 78  ? 9.801   -9.641  -4.564  1.00 62.64  ? 78  SER A O   1 
ATOM   443 C CB  . SER A 1 78  ? 10.914  -11.626 -6.173  1.00 80.77  ? 78  SER A CB  1 
ATOM   444 O OG  . SER A 1 78  ? 11.107  -12.890 -6.833  1.00 95.55  ? 78  SER A OG  1 
ATOM   445 N N   . ALA A 1 79  ? 8.357   -9.033  -6.054  1.00 66.25  ? 79  ALA A N   1 
ATOM   446 C CA  . ALA A 1 79  ? 8.107   -7.773  -5.438  1.00 60.21  ? 79  ALA A CA  1 
ATOM   447 C C   . ALA A 1 79  ? 7.583   -7.931  -3.983  1.00 59.86  ? 79  ALA A C   1 
ATOM   448 O O   . ALA A 1 79  ? 6.773   -8.803  -3.704  1.00 54.25  ? 79  ALA A O   1 
ATOM   449 C CB  . ALA A 1 79  ? 7.095   -7.030  -6.292  1.00 56.14  ? 79  ALA A CB  1 
ATOM   450 N N   . THR A 1 80  ? 8.013   -7.065  -3.057  1.00 55.37  ? 80  THR A N   1 
ATOM   451 C CA  . THR A 1 80  ? 7.448   -7.076  -1.675  1.00 53.26  ? 80  THR A CA  1 
ATOM   452 C C   . THR A 1 80  ? 6.759   -5.785  -1.399  1.00 46.92  ? 80  THR A C   1 
ATOM   453 O O   . THR A 1 80  ? 7.035   -4.744  -2.033  1.00 47.60  ? 80  THR A O   1 
ATOM   454 C CB  . THR A 1 80  ? 8.580   -7.247  -0.668  1.00 58.95  ? 80  THR A CB  1 
ATOM   455 O OG1 . THR A 1 80  ? 9.556   -6.239  -0.970  1.00 54.31  ? 80  THR A OG1 1 
ATOM   456 C CG2 . THR A 1 80  ? 9.171   -8.586  -0.872  1.00 60.51  ? 80  THR A CG2 1 
ATOM   457 N N   . VAL A 1 81  ? 5.807   -5.865  -0.482  1.00 47.93  ? 81  VAL A N   1 
ATOM   458 C CA  . VAL A 1 81  ? 5.076   -4.715  -0.058  1.00 46.16  ? 81  VAL A CA  1 
ATOM   459 C C   . VAL A 1 81  ? 4.929   -4.826  1.435   1.00 51.18  ? 81  VAL A C   1 
ATOM   460 O O   . VAL A 1 81  ? 4.482   -5.846  1.863   1.00 51.69  ? 81  VAL A O   1 
ATOM   461 C CB  . VAL A 1 81  ? 3.668   -4.571  -0.660  1.00 45.64  ? 81  VAL A CB  1 
ATOM   462 C CG1 . VAL A 1 81  ? 3.067   -3.233  -0.150  1.00 45.55  ? 81  VAL A CG1 1 
ATOM   463 C CG2 . VAL A 1 81  ? 3.750   -4.561  -2.167  1.00 46.27  ? 81  VAL A CG2 1 
ATOM   464 N N   . ASN A 1 82  ? 5.264   -3.796  2.226   1.00 46.90  ? 82  ASN A N   1 
ATOM   465 C CA  . ASN A 1 82  ? 5.081   -3.811  3.658   1.00 46.30  ? 82  ASN A CA  1 
ATOM   466 C C   . ASN A 1 82  ? 4.415   -2.545  4.080   1.00 46.06  ? 82  ASN A C   1 
ATOM   467 O O   . ASN A 1 82  ? 4.922   -1.479  3.757   1.00 43.51  ? 82  ASN A O   1 
ATOM   468 C CB  . ASN A 1 82  ? 6.467   -3.914  4.340   1.00 56.29  ? 82  ASN A CB  1 
ATOM   469 C CG  . ASN A 1 82  ? 7.174   -5.265  3.987   1.00 66.88  ? 82  ASN A CG  1 
ATOM   470 O OD1 . ASN A 1 82  ? 8.028   -5.343  3.062   1.00 73.55  ? 82  ASN A OD1 1 
ATOM   471 N ND2 . ASN A 1 82  ? 6.678   -6.365  4.604   1.00 69.68  ? 82  ASN A ND2 1 
ATOM   472 N N   . SER A 1 83  ? 3.325   -2.659  4.800   1.00 41.75  ? 83  SER A N   1 
ATOM   473 C CA  . SER A 1 83  ? 2.511   -1.545  5.109   1.00 44.94  ? 83  SER A CA  1 
ATOM   474 C C   . SER A 1 83  ? 2.977   -1.059  6.479   1.00 46.95  ? 83  SER A C   1 
ATOM   475 O O   . SER A 1 83  ? 2.877   -1.798  7.413   1.00 48.12  ? 83  SER A O   1 
ATOM   476 C CB  . SER A 1 83  ? 1.018   -1.992  5.146   1.00 48.61  ? 83  SER A CB  1 
ATOM   477 O OG  . SER A 1 83  ? 0.716   -2.077  3.691   1.00 50.05  ? 83  SER A OG  1 
ATOM   478 N N   . VAL A 1 84  ? 3.303   0.215   6.622   1.00 42.36  ? 84  VAL A N   1 
ATOM   479 C CA  . VAL A 1 84  ? 3.816   0.763   7.837   1.00 40.05  ? 84  VAL A CA  1 
ATOM   480 C C   . VAL A 1 84  ? 2.876   1.855   8.319   1.00 40.33  ? 84  VAL A C   1 
ATOM   481 O O   . VAL A 1 84  ? 2.616   2.832   7.607   1.00 42.76  ? 84  VAL A O   1 
ATOM   482 C CB  . VAL A 1 84  ? 5.294   1.313   7.583   1.00 39.42  ? 84  VAL A CB  1 
ATOM   483 C CG1 . VAL A 1 84  ? 5.834   1.873   8.853   1.00 42.79  ? 84  VAL A CG1 1 
ATOM   484 C CG2 . VAL A 1 84  ? 6.181   0.263   7.066   1.00 43.90  ? 84  VAL A CG2 1 
ATOM   485 N N   . PRO A 1 85  ? 2.392   1.776   9.557   1.00 43.83  ? 85  PRO A N   1 
ATOM   486 C CA  . PRO A 1 85  ? 1.547   2.774   10.143  1.00 42.23  ? 85  PRO A CA  1 
ATOM   487 C C   . PRO A 1 85  ? 2.305   3.944   10.783  1.00 47.70  ? 85  PRO A C   1 
ATOM   488 O O   . PRO A 1 85  ? 3.576   3.963   11.054  1.00 49.32  ? 85  PRO A O   1 
ATOM   489 C CB  . PRO A 1 85  ? 0.842   1.998   11.166  1.00 51.12  ? 85  PRO A CB  1 
ATOM   490 C CG  . PRO A 1 85  ? 1.993   1.236   11.774  1.00 52.30  ? 85  PRO A CG  1 
ATOM   491 C CD  . PRO A 1 85  ? 2.723   0.721   10.537  1.00 48.81  ? 85  PRO A CD  1 
ATOM   492 N N   . ASP A 1 86  ? 1.564   4.987   10.928  1.00 43.80  ? 86  ASP A N   1 
ATOM   493 C CA  . ASP A 1 86  ? 1.932   6.183   11.622  1.00 49.90  ? 86  ASP A CA  1 
ATOM   494 C C   . ASP A 1 86  ? 0.710   6.585   12.438  1.00 51.43  ? 86  ASP A C   1 
ATOM   495 O O   . ASP A 1 86  ? -0.218  7.184   11.915  1.00 46.41  ? 86  ASP A O   1 
ATOM   496 C CB  . ASP A 1 86  ? 2.335   7.214   10.614  1.00 50.08  ? 86  ASP A CB  1 
ATOM   497 C CG  . ASP A 1 86  ? 2.742   8.539   11.231  1.00 59.58  ? 86  ASP A CG  1 
ATOM   498 O OD1 . ASP A 1 86  ? 2.886   8.626   12.394  1.00 60.77  ? 86  ASP A OD1 1 
ATOM   499 O OD2 . ASP A 1 86  ? 3.010   9.511   10.452  1.00 67.51  ? 86  ASP A OD2 1 
ATOM   500 N N   . PHE A 1 87  ? 0.699   6.223   13.705  1.00 48.36  ? 87  PHE A N   1 
ATOM   501 C CA  . PHE A 1 87  ? -0.415  6.463   14.568  1.00 50.45  ? 87  PHE A CA  1 
ATOM   502 C C   . PHE A 1 87  ? -0.459  7.829   15.225  1.00 54.15  ? 87  PHE A C   1 
ATOM   503 O O   . PHE A 1 87  ? 0.577   8.409   15.568  1.00 59.71  ? 87  PHE A O   1 
ATOM   504 C CB  . PHE A 1 87  ? -0.405  5.476   15.681  1.00 54.82  ? 87  PHE A CB  1 
ATOM   505 C CG  . PHE A 1 87  ? -0.813  4.110   15.294  1.00 53.69  ? 87  PHE A CG  1 
ATOM   506 C CD1 . PHE A 1 87  ? 0.109   3.195   14.885  1.00 56.40  ? 87  PHE A CD1 1 
ATOM   507 C CD2 . PHE A 1 87  ? -2.112  3.711   15.502  1.00 54.08  ? 87  PHE A CD2 1 
ATOM   508 C CE1 . PHE A 1 87  ? -0.277  1.878   14.581  1.00 56.35  ? 87  PHE A CE1 1 
ATOM   509 C CE2 . PHE A 1 87  ? -2.531  2.422   15.126  1.00 58.22  ? 87  PHE A CE2 1 
ATOM   510 C CZ  . PHE A 1 87  ? -1.613  1.530   14.642  1.00 55.96  ? 87  PHE A CZ  1 
ATOM   511 N N   . ASP A 1 88  ? -1.657  8.381   15.322  1.00 54.93  ? 88  ASP A N   1 
ATOM   512 C CA  . ASP A 1 88  ? -1.994  9.651   15.983  1.00 59.11  ? 88  ASP A CA  1 
ATOM   513 C C   . ASP A 1 88  ? -3.023  9.267   17.002  1.00 64.00  ? 88  ASP A C   1 
ATOM   514 O O   . ASP A 1 88  ? -4.177  9.157   16.657  1.00 57.11  ? 88  ASP A O   1 
ATOM   515 C CB  . ASP A 1 88  ? -2.520  10.722  15.063  1.00 57.58  ? 88  ASP A CB  1 
ATOM   516 C CG  . ASP A 1 88  ? -2.806  12.023  15.809  1.00 63.20  ? 88  ASP A CG  1 
ATOM   517 O OD1 . ASP A 1 88  ? -3.038  12.027  17.019  1.00 70.60  ? 88  ASP A OD1 1 
ATOM   518 O OD2 . ASP A 1 88  ? -2.894  13.071  15.193  1.00 59.88  ? 88  ASP A OD2 1 
ATOM   519 N N   . ASP A 1 89  ? -2.583  8.977   18.239  1.00 67.36  ? 89  ASP A N   1 
ATOM   520 C CA  . ASP A 1 89  ? -3.492  8.403   19.265  1.00 68.00  ? 89  ASP A CA  1 
ATOM   521 C C   . ASP A 1 89  ? -4.393  9.452   19.805  1.00 67.39  ? 89  ASP A C   1 
ATOM   522 O O   . ASP A 1 89  ? -5.537  9.212   20.057  1.00 68.46  ? 89  ASP A O   1 
ATOM   523 C CB  . ASP A 1 89  ? -2.697  7.808   20.344  1.00 70.16  ? 89  ASP A CB  1 
ATOM   524 C CG  . ASP A 1 89  ? -2.142  6.480   19.965  1.00 71.95  ? 89  ASP A CG  1 
ATOM   525 O OD1 . ASP A 1 89  ? -2.779  5.565   19.388  1.00 67.14  ? 89  ASP A OD1 1 
ATOM   526 O OD2 . ASP A 1 89  ? -1.008  6.306   20.341  1.00 75.25  ? 89  ASP A OD2 1 
ATOM   527 N N   . ALA A 1 90  ? -3.943  10.682  19.823  1.00 70.40  ? 90  ALA A N   1 
ATOM   528 C CA  . ALA A 1 90  ? -4.845  11.814  20.083  1.00 69.53  ? 90  ALA A CA  1 
ATOM   529 C C   . ALA A 1 90  ? -6.087  11.890  19.250  1.00 75.00  ? 90  ALA A C   1 
ATOM   530 O O   . ALA A 1 90  ? -7.180  12.033  19.798  1.00 79.63  ? 90  ALA A O   1 
ATOM   531 C CB  . ALA A 1 90  ? -4.097  13.127  19.870  1.00 74.84  ? 90  ALA A CB  1 
ATOM   532 N N   . ASN A 1 91  ? -5.927  11.867  17.909  1.00 70.95  ? 91  ASN A N   1 
ATOM   533 C CA  . ASN A 1 91  ? -7.045  11.963  16.946  1.00 65.46  ? 91  ASN A CA  1 
ATOM   534 C C   . ASN A 1 91  ? -7.702  10.672  16.532  1.00 59.39  ? 91  ASN A C   1 
ATOM   535 O O   . ASN A 1 91  ? -8.581  10.733  15.755  1.00 59.90  ? 91  ASN A O   1 
ATOM   536 C CB  . ASN A 1 91  ? -6.580  12.771  15.752  1.00 71.14  ? 91  ASN A CB  1 
ATOM   537 C CG  . ASN A 1 91  ? -6.100  14.078  16.237  1.00 79.21  ? 91  ASN A CG  1 
ATOM   538 O OD1 . ASN A 1 91  ? -6.648  14.571  17.195  1.00 93.05  ? 91  ASN A OD1 1 
ATOM   539 N ND2 . ASN A 1 91  ? -5.031  14.573  15.716  1.00 91.46  ? 91  ASN A ND2 1 
ATOM   540 N N   . LYS A 1 92  ? -7.190  9.548   17.013  1.00 55.41  ? 92  LYS A N   1 
ATOM   541 C CA  . LYS A 1 92  ? -7.601  8.234   16.665  1.00 60.49  ? 92  LYS A CA  1 
ATOM   542 C C   . LYS A 1 92  ? -7.575  8.082   15.105  1.00 53.51  ? 92  LYS A C   1 
ATOM   543 O O   . LYS A 1 92  ? -8.583  7.741   14.508  1.00 51.50  ? 92  LYS A O   1 
ATOM   544 C CB  . LYS A 1 92  ? -8.936  7.968   17.272  1.00 68.95  ? 92  LYS A CB  1 
ATOM   545 C CG  . LYS A 1 92  ? -8.912  8.160   18.811  1.00 71.83  ? 92  LYS A CG  1 
ATOM   546 C CD  . LYS A 1 92  ? -10.008 7.371   19.449  1.00 84.41  ? 92  LYS A CD  1 
ATOM   547 C CE  . LYS A 1 92  ? -10.079 7.742   20.948  1.00 98.31  ? 92  LYS A CE  1 
ATOM   548 N NZ  . LYS A 1 92  ? -10.376 6.472   21.626  1.00 106.12 ? 92  LYS A NZ  1 
ATOM   549 N N   . THR A 1 93  ? -6.407  8.402   14.524  1.00 51.68  ? 93  THR A N   1 
ATOM   550 C CA  . THR A 1 93  ? -6.142  8.179   13.081  1.00 44.93  ? 93  THR A CA  1 
ATOM   551 C C   . THR A 1 93  ? -4.841  7.442   12.948  1.00 49.23  ? 93  THR A C   1 
ATOM   552 O O   . THR A 1 93  ? -4.009  7.367   13.904  1.00 50.38  ? 93  THR A O   1 
ATOM   553 C CB  . THR A 1 93  ? -6.102  9.464   12.333  1.00 45.73  ? 93  THR A CB  1 
ATOM   554 O OG1 . THR A 1 93  ? -4.939  10.241  12.713  1.00 47.75  ? 93  THR A OG1 1 
ATOM   555 C CG2 . THR A 1 93  ? -7.340  10.254  12.496  1.00 50.36  ? 93  THR A CG2 1 
ATOM   556 N N   . LEU A 1 94  ? -4.643  6.780   11.802  1.00 48.58  ? 94  LEU A N   1 
ATOM   557 C CA  . LEU A 1 94  ? -3.305  6.294   11.344  1.00 44.97  ? 94  LEU A CA  1 
ATOM   558 C C   . LEU A 1 94  ? -3.180  6.550   9.847   1.00 43.87  ? 94  LEU A C   1 
ATOM   559 O O   . LEU A 1 94  ? -4.193  6.559   9.137   1.00 41.03  ? 94  LEU A O   1 
ATOM   560 C CB  . LEU A 1 94  ? -3.094  4.879   11.704  1.00 47.77  ? 94  LEU A CB  1 
ATOM   561 C CG  . LEU A 1 94  ? -3.815  3.894   10.895  1.00 47.90  ? 94  LEU A CG  1 
ATOM   562 C CD1 . LEU A 1 94  ? -3.146  2.608   10.749  1.00 51.16  ? 94  LEU A CD1 1 
ATOM   563 C CD2 . LEU A 1 94  ? -5.155  3.653   11.494  1.00 51.60  ? 94  LEU A CD2 1 
ATOM   564 N N   . ALA A 1 95  ? -1.986  6.842   9.442   1.00 40.81  ? 95  ALA A N   1 
ATOM   565 C CA  . ALA A 1 95  ? -1.564  6.930   8.089   1.00 39.45  ? 95  ALA A CA  1 
ATOM   566 C C   . ALA A 1 95  ? -0.898  5.661   7.754   1.00 42.19  ? 95  ALA A C   1 
ATOM   567 O O   . ALA A 1 95  ? -0.102  5.124   8.520   1.00 41.06  ? 95  ALA A O   1 
ATOM   568 C CB  . ALA A 1 95  ? -0.720  8.161   7.832   1.00 40.62  ? 95  ALA A CB  1 
ATOM   569 N N   . ILE A 1 96  ? -1.153  5.165   6.566   1.00 36.07  ? 96  ILE A N   1 
ATOM   570 C CA  . ILE A 1 96  ? -0.441  3.965   6.078   1.00 36.84  ? 96  ILE A CA  1 
ATOM   571 C C   . ILE A 1 96  ? 0.553   4.299   4.956   1.00 34.62  ? 96  ILE A C   1 
ATOM   572 O O   . ILE A 1 96  ? 0.267   5.112   4.043   1.00 35.02  ? 96  ILE A O   1 
ATOM   573 C CB  . ILE A 1 96  ? -1.426  2.929   5.542   1.00 41.10  ? 96  ILE A CB  1 
ATOM   574 C CG1 . ILE A 1 96  ? -2.001  2.161   6.702   1.00 45.85  ? 96  ILE A CG1 1 
ATOM   575 C CG2 . ILE A 1 96  ? -0.678  1.793   4.985   1.00 42.41  ? 96  ILE A CG2 1 
ATOM   576 C CD1 . ILE A 1 96  ? -1.059  1.217   7.471   1.00 48.52  ? 96  ILE A CD1 1 
ATOM   577 N N   . THR A 1 97  ? 1.770   3.781   5.051   1.00 33.46  ? 97  THR A N   1 
ATOM   578 C CA  . THR A 1 97  ? 2.744   3.929   4.052   1.00 32.06  ? 97  THR A CA  1 
ATOM   579 C C   . THR A 1 97  ? 3.040   2.532   3.533   1.00 35.03  ? 97  THR A C   1 
ATOM   580 O O   . THR A 1 97  ? 3.518   1.678   4.274   1.00 36.31  ? 97  THR A O   1 
ATOM   581 C CB  . THR A 1 97  ? 4.050   4.568   4.673   1.00 33.03  ? 97  THR A CB  1 
ATOM   582 O OG1 . THR A 1 97  ? 3.677   5.916   5.015   1.00 34.42  ? 97  THR A OG1 1 
ATOM   583 C CG2 . THR A 1 97  ? 5.072   4.637   3.649   1.00 35.47  ? 97  THR A CG2 1 
ATOM   584 N N   . LEU A 1 98  ? 2.825   2.286   2.245   1.00 33.69  ? 98  LEU A N   1 
ATOM   585 C CA  . LEU A 1 98  ? 3.121   0.995   1.705   1.00 36.70  ? 98  LEU A CA  1 
ATOM   586 C C   . LEU A 1 98  ? 4.467   1.094   1.083   1.00 35.73  ? 98  LEU A C   1 
ATOM   587 O O   . LEU A 1 98  ? 4.698   1.787   0.077   1.00 36.31  ? 98  LEU A O   1 
ATOM   588 C CB  . LEU A 1 98  ? 2.126   0.658   0.597   1.00 39.75  ? 98  LEU A CB  1 
ATOM   589 C CG  . LEU A 1 98  ? 0.558   0.756   0.889   1.00 46.89  ? 98  LEU A CG  1 
ATOM   590 C CD1 . LEU A 1 98  ? -0.245  0.114   -0.176  1.00 53.42  ? 98  LEU A CD1 1 
ATOM   591 C CD2 . LEU A 1 98  ? 0.530   -0.242  1.883   1.00 55.41  ? 98  LEU A CD2 1 
ATOM   592 N N   . VAL A 1 99  ? 5.373   0.382   1.694   1.00 37.12  ? 99  VAL A N   1 
ATOM   593 C CA  . VAL A 1 99  ? 6.759   0.359   1.282   1.00 38.45  ? 99  VAL A CA  1 
ATOM   594 C C   . VAL A 1 99  ? 6.960   -0.803  0.290   1.00 39.61  ? 99  VAL A C   1 
ATOM   595 O O   . VAL A 1 99  ? 6.956   -1.988  0.669   1.00 41.74  ? 99  VAL A O   1 
ATOM   596 C CB  . VAL A 1 99  ? 7.680   0.181   2.485   1.00 38.41  ? 99  VAL A CB  1 
ATOM   597 C CG1 . VAL A 1 99  ? 9.131   0.042   1.992   1.00 40.34  ? 99  VAL A CG1 1 
ATOM   598 C CG2 . VAL A 1 99  ? 7.435   1.335   3.508   1.00 41.06  ? 99  VAL A CG2 1 
ATOM   599 N N   . VAL A 1 100 ? 7.142   -0.416  -0.962  1.00 40.90  ? 100 VAL A N   1 
ATOM   600 C CA  . VAL A 1 100 ? 7.241   -1.347  -2.088  1.00 40.69  ? 100 VAL A CA  1 
ATOM   601 C C   . VAL A 1 100 ? 8.720   -1.509  -2.421  1.00 45.95  ? 100 VAL A C   1 
ATOM   602 O O   . VAL A 1 100 ? 9.470   -0.486  -2.583  1.00 40.52  ? 100 VAL A O   1 
ATOM   603 C CB  . VAL A 1 100 ? 6.500   -0.745  -3.288  1.00 39.40  ? 100 VAL A CB  1 
ATOM   604 C CG1 . VAL A 1 100 ? 6.606   -1.625  -4.507  1.00 44.60  ? 100 VAL A CG1 1 
ATOM   605 C CG2 . VAL A 1 100 ? 5.050   -0.656  -2.900  1.00 41.39  ? 100 VAL A CG2 1 
ATOM   606 N N   . ASP A 1 101 ? 9.113   -2.761  -2.542  1.00 45.72  ? 101 ASP A N   1 
ATOM   607 C CA  . ASP A 1 101 ? 10.291  -3.034  -3.370  1.00 50.74  ? 101 ASP A CA  1 
ATOM   608 C C   . ASP A 1 101 ? 10.076  -4.033  -4.545  1.00 48.38  ? 101 ASP A C   1 
ATOM   609 O O   . ASP A 1 101 ? 9.851   -5.216  -4.346  1.00 49.60  ? 101 ASP A O   1 
ATOM   610 C CB  . ASP A 1 101 ? 11.301  -3.629  -2.465  1.00 54.41  ? 101 ASP A CB  1 
ATOM   611 C CG  . ASP A 1 101 ? 12.598  -3.863  -3.163  1.00 61.28  ? 101 ASP A CG  1 
ATOM   612 O OD1 . ASP A 1 101 ? 12.950  -3.276  -4.250  1.00 62.49  ? 101 ASP A OD1 1 
ATOM   613 O OD2 . ASP A 1 101 ? 13.248  -4.649  -2.564  1.00 70.84  ? 101 ASP A OD2 1 
ATOM   614 N N   . ALA A 1 102 ? 10.115  -3.480  -5.753  1.00 52.62  ? 102 ALA A N   1 
ATOM   615 C CA  . ALA A 1 102 ? 9.888   -4.272  -7.001  1.00 52.63  ? 102 ALA A CA  1 
ATOM   616 C C   . ALA A 1 102 ? 10.813  -5.463  -7.183  1.00 56.18  ? 102 ALA A C   1 
ATOM   617 O O   . ALA A 1 102 ? 10.376  -6.540  -7.605  1.00 58.88  ? 102 ALA A O   1 
ATOM   618 C CB  . ALA A 1 102 ? 9.925   -3.345  -8.227  1.00 52.32  ? 102 ALA A CB  1 
ATOM   619 N N   . GLY A 1 103 ? 12.054  -5.326  -6.756  1.00 60.62  ? 103 GLY A N   1 
ATOM   620 C CA  . GLY A 1 103 ? 13.032  -6.431  -6.790  1.00 64.30  ? 103 GLY A CA  1 
ATOM   621 C C   . GLY A 1 103 ? 13.608  -6.440  -8.196  1.00 65.16  ? 103 GLY A C   1 
ATOM   622 O O   . GLY A 1 103 ? 13.510  -5.351  -8.942  1.00 65.36  ? 103 GLY A O   1 
ATOM   623 N N   . ARG A 1 104 ? 14.244  -7.597  -8.517  1.00 75.14  ? 104 ARG A N   1 
ATOM   624 C CA  . ARG A 1 104 ? 14.873  -7.788  -9.844  1.00 82.08  ? 104 ARG A CA  1 
ATOM   625 C C   . ARG A 1 104 ? 13.793  -8.317  -10.812 1.00 68.85  ? 104 ARG A C   1 
ATOM   626 O O   . ARG A 1 104 ? 12.939  -9.106  -10.392 1.00 62.50  ? 104 ARG A O   1 
ATOM   627 C CB  . ARG A 1 104 ? 16.083  -8.750  -9.801  1.00 104.56 ? 104 ARG A CB  1 
ATOM   628 C CG  . ARG A 1 104 ? 17.461  -8.139  -9.442  1.00 120.17 ? 104 ARG A CG  1 
ATOM   629 C CD  . ARG A 1 104 ? 18.577  -9.200  -9.581  1.00 133.46 ? 104 ARG A CD  1 
ATOM   630 N NE  . ARG A 1 104 ? 19.399  -9.219  -8.349  1.00 145.27 ? 104 ARG A NE  1 
ATOM   631 C CZ  . ARG A 1 104 ? 19.398  -10.145 -7.369  1.00 148.08 ? 104 ARG A CZ  1 
ATOM   632 N NH1 . ARG A 1 104 ? 18.602  -11.217 -7.404  1.00 148.06 ? 104 ARG A NH1 1 
ATOM   633 N NH2 . ARG A 1 104 ? 20.226  -10.000 -6.320  1.00 147.22 ? 104 ARG A NH2 1 
ATOM   634 N N   . ARG A 1 105 ? 13.769  -7.814  -12.059 1.00 62.32  ? 105 ARG A N   1 
ATOM   635 C CA  . ARG A 1 105 ? 13.019  -8.529  -13.189 1.00 76.07  ? 105 ARG A CA  1 
ATOM   636 C C   . ARG A 1 105 ? 13.619  -9.897  -13.559 1.00 81.37  ? 105 ARG A C   1 
ATOM   637 O O   . ARG A 1 105 ? 14.759  -9.896  -14.132 1.00 84.49  ? 105 ARG A O   1 
ATOM   638 C CB  . ARG A 1 105 ? 13.154  -7.672  -14.474 1.00 75.98  ? 105 ARG A CB  1 
ATOM   639 C CG  . ARG A 1 105 ? 12.259  -6.557  -14.393 1.00 70.45  ? 105 ARG A CG  1 
ATOM   640 C CD  . ARG A 1 105 ? 11.413  -6.302  -15.558 1.00 64.19  ? 105 ARG A CD  1 
ATOM   641 N NE  . ARG A 1 105 ? 11.825  -5.056  -16.163 1.00 60.94  ? 105 ARG A NE  1 
ATOM   642 C CZ  . ARG A 1 105 ? 10.978  -4.324  -16.899 1.00 61.36  ? 105 ARG A CZ  1 
ATOM   643 N NH1 . ARG A 1 105 ? 9.733   -4.675  -17.168 1.00 55.77  ? 105 ARG A NH1 1 
ATOM   644 N NH2 . ARG A 1 105 ? 11.399  -3.216  -17.468 1.00 64.27  ? 105 ARG A NH2 1 
ATOM   645 N N   . LEU A 1 106 ? 12.934  -11.011 -13.295 1.00 91.97  ? 106 LEU A N   1 
ATOM   646 C CA  . LEU A 1 106 ? 13.558  -12.283 -13.630 1.00 106.62 ? 106 LEU A CA  1 
ATOM   647 C C   . LEU A 1 106 ? 14.929  -12.699 -12.896 1.00 125.69 ? 106 LEU A C   1 
ATOM   648 O O   . LEU A 1 106 ? 14.959  -13.667 -12.104 1.00 144.25 ? 106 LEU A O   1 
ATOM   649 C CB  . LEU A 1 106 ? 13.868  -12.272 -15.136 1.00 105.25 ? 106 LEU A CB  1 
ATOM   650 C CG  . LEU A 1 106 ? 12.908  -11.757 -16.193 1.00 97.74  ? 106 LEU A CG  1 
ATOM   651 C CD1 . LEU A 1 106 ? 13.530  -12.034 -17.537 1.00 93.78  ? 106 LEU A CD1 1 
ATOM   652 C CD2 . LEU A 1 106 ? 11.576  -12.451 -16.120 1.00 95.66  ? 106 LEU A CD2 1 
ATOM   653 N N   . GLY A 1 107 ? 16.049  -12.028 -13.216 1.00 118.78 ? 107 GLY A N   1 
ATOM   654 C CA  . GLY A 1 107 ? 17.366  -12.549 -12.901 1.00 121.34 ? 107 GLY A CA  1 
ATOM   655 C C   . GLY A 1 107 ? 18.345  -11.482 -13.269 1.00 118.29 ? 107 GLY A C   1 
ATOM   656 O O   . GLY A 1 107 ? 18.424  -10.508 -12.535 1.00 115.78 ? 107 GLY A O   1 
HETATM 657 O O   . HOH B 2 .   ? -8.890  -5.582  15.907  1.00 85.69  ? 201 HOH A O   1 
HETATM 658 O O   . HOH B 2 .   ? -4.831  12.645  12.871  1.00 81.34  ? 202 HOH A O   1 
HETATM 659 O O   . HOH B 2 .   ? -16.561 3.391   4.146   1.00 38.55  ? 203 HOH A O   1 
HETATM 660 O O   . HOH B 2 .   ? 10.322  5.839   -5.462  1.00 62.90  ? 204 HOH A O   1 
HETATM 661 O O   . HOH B 2 .   ? 2.569   5.512   -6.669  1.00 61.75  ? 205 HOH A O   1 
HETATM 662 O O   . HOH B 2 .   ? 13.826  -2.880  -9.335  1.00 78.34  ? 206 HOH A O   1 
HETATM 663 O O   . HOH B 2 .   ? 6.337   -11.680 -13.113 1.00 81.06  ? 207 HOH A O   1 
HETATM 664 O O   . HOH B 2 .   ? -0.744  -9.169  0.495   1.00 84.00  ? 208 HOH A O   1 
HETATM 665 O O   . HOH B 2 .   ? 5.148   -9.379  -7.912  1.00 63.29  ? 209 HOH A O   1 
HETATM 666 O O   . HOH B 2 .   ? 8.724   -3.874  0.896   1.00 57.29  ? 210 HOH A O   1 
HETATM 667 O O   . HOH B 2 .   ? -9.938  1.237   3.741   1.00 39.87  ? 211 HOH A O   1 
HETATM 668 O O   . HOH B 2 .   ? -9.155  10.922  9.216   1.00 55.40  ? 212 HOH A O   1 
HETATM 669 O O   . HOH B 2 .   ? -10.982 10.574  11.062  1.00 72.97  ? 213 HOH A O   1 
HETATM 670 O O   . HOH B 2 .   ? -7.665  12.516  5.774   1.00 63.13  ? 214 HOH A O   1 
HETATM 671 O O   . HOH B 2 .   ? 2.182   -7.690  1.339   1.00 61.15  ? 215 HOH A O   1 
HETATM 672 O O   . HOH B 2 .   ? 2.553   5.993   7.409   1.00 48.72  ? 216 HOH A O   1 
HETATM 673 O O   . HOH B 2 .   ? -13.635 4.643   13.088  1.00 70.13  ? 217 HOH A O   1 
HETATM 674 O O   . HOH B 2 .   ? 1.599   7.562   -3.048  1.00 41.99  ? 218 HOH A O   1 
HETATM 675 O O   . HOH B 2 .   ? -13.829 1.371   6.513   1.00 51.81  ? 219 HOH A O   1 
HETATM 676 O O   . HOH B 2 .   ? -12.518 -8.437  6.897   1.00 91.10  ? 220 HOH A O   1 
HETATM 677 O O   . HOH B 2 .   ? 10.913  -8.978  -8.540  1.00 69.11  ? 221 HOH A O   1 
HETATM 678 O O   . HOH B 2 .   ? -0.034  8.301   3.968   1.00 46.21  ? 222 HOH A O   1 
HETATM 679 O O   . HOH B 2 .   ? -8.555  -2.533  -0.937  1.00 90.10  ? 223 HOH A O   1 
HETATM 680 O O   . HOH B 2 .   ? -3.201  -5.180  -9.845  1.00 67.11  ? 224 HOH A O   1 
HETATM 681 O O   . HOH B 2 .   ? -10.459 2.676   18.592  1.00 76.51  ? 225 HOH A O   1 
HETATM 682 O O   . HOH B 2 .   ? -4.913  7.097   -5.817  1.00 60.04  ? 226 HOH A O   1 
HETATM 683 O O   . HOH B 2 .   ? -8.929  6.783   -1.234  1.00 63.14  ? 227 HOH A O   1 
HETATM 684 O O   . HOH B 2 .   ? -10.640 2.580   5.842   1.00 44.89  ? 228 HOH A O   1 
HETATM 685 O O   . HOH B 2 .   ? -1.242  7.808   -11.862 1.00 66.89  ? 229 HOH A O   1 
HETATM 686 O O   . HOH B 2 .   ? -6.246  -7.372  -4.663  1.00 66.65  ? 230 HOH A O   1 
HETATM 687 O O   . HOH B 2 .   ? 2.373   -5.403  5.078   1.00 56.90  ? 231 HOH A O   1 
HETATM 688 O O   . HOH B 2 .   ? -11.046 -5.713  1.825   1.00 69.50  ? 232 HOH A O   1 
HETATM 689 O O   . HOH B 2 .   ? -11.116 8.820   14.397  1.00 62.11  ? 233 HOH A O   1 
HETATM 690 O O   . HOH B 2 .   ? -9.638  -1.583  12.390  1.00 74.95  ? 234 HOH A O   1 
HETATM 691 O O   . HOH B 2 .   ? 2.946   11.381  0.656   1.00 62.91  ? 235 HOH A O   1 
HETATM 692 O O   . HOH B 2 .   ? 5.085   5.340   -13.752 1.00 76.21  ? 236 HOH A O   1 
HETATM 693 O O   . HOH B 2 .   ? -3.564  1.088   -12.504 1.00 80.82  ? 237 HOH A O   1 
HETATM 694 O O   . HOH B 2 .   ? 3.700   8.287   15.056  1.00 75.54  ? 238 HOH A O   1 
HETATM 695 O O   . HOH B 2 .   ? 8.152   -1.037  -15.692 1.00 86.72  ? 239 HOH A O   1 
HETATM 696 O O   . HOH B 2 .   ? -13.869 -0.249  4.177   1.00 59.98  ? 240 HOH A O   1 
HETATM 697 O O   . HOH B 2 .   ? 2.546   9.099   7.582   1.00 47.10  ? 241 HOH A O   1 
HETATM 698 O O   . HOH B 2 .   ? 4.683   6.723   -5.339  1.00 66.53  ? 242 HOH A O   1 
HETATM 699 O O   . HOH B 2 .   ? -0.076  10.101  19.043  1.00 84.44  ? 243 HOH A O   1 
HETATM 700 O O   . HOH B 2 .   ? 5.393   -10.558 -5.504  1.00 69.50  ? 244 HOH A O   1 
HETATM 701 O O   . HOH B 2 .   ? -6.508  -1.357  -5.310  1.00 57.28  ? 246 HOH A O   1 
HETATM 702 O O   . HOH B 2 .   ? 11.213  3.475   -7.823  1.00 62.00  ? 247 HOH A O   1 
HETATM 703 O O   . HOH B 2 .   ? -7.901  0.400   5.624   1.00 41.16  ? 248 HOH A O   1 
HETATM 704 O O   . HOH B 2 .   ? -5.642  11.647  2.759   1.00 64.45  ? 249 HOH A O   1 
HETATM 705 O O   . HOH B 2 .   ? 5.180   11.418  10.447  1.00 76.59  ? 250 HOH A O   1 
HETATM 706 O O   . HOH B 2 .   ? 0.974   10.594  13.694  1.00 78.12  ? 251 HOH A O   1 
HETATM 707 O O   . HOH B 2 .   ? -0.590  9.196   -1.782  1.00 51.01  ? 252 HOH A O   1 
HETATM 708 O O   . HOH B 2 .   ? -6.576  -9.374  -2.590  1.00 76.53  ? 253 HOH A O   1 
HETATM 709 O O   . HOH B 2 .   ? -4.027  9.586   1.142   1.00 45.12  ? 254 HOH A O   1 
HETATM 710 O O   . HOH B 2 .   ? -0.963  -10.654 -6.023  1.00 75.03  ? 255 HOH A O   1 
HETATM 711 O O   . HOH B 2 .   ? -13.561 -2.783  16.854  1.00 91.03  ? 256 HOH A O   1 
HETATM 712 O O   . HOH B 2 .   ? -18.033 2.874   8.398   1.00 65.67  ? 257 HOH A O   1 
HETATM 713 O O   . HOH B 2 .   ? -11.932 3.708   -7.421  1.00 78.89  ? 258 HOH A O   1 
HETATM 714 O O   . HOH B 2 .   ? 5.453   -8.678  0.426   1.00 61.27  ? 259 HOH A O   1 
HETATM 715 O O   . HOH B 2 .   ? 7.773   5.097   -11.389 1.00 62.81  ? 260 HOH A O   1 
HETATM 716 O O   . HOH B 2 .   ? 10.295  3.540   -9.881  1.00 67.88  ? 261 HOH A O   1 
HETATM 717 O O   . HOH B 2 .   ? -8.918  12.904  2.730   1.00 72.30  ? 262 HOH A O   1 
HETATM 718 O O   . HOH B 2 .   ? -8.122  -9.496  1.993   1.00 79.33  ? 263 HOH A O   1 
HETATM 719 O O   . HOH B 2 .   ? -10.685 -3.631  -1.832  1.00 67.93  ? 264 HOH A O   1 
HETATM 720 O O   . HOH B 2 .   ? -0.250  10.303  1.921   1.00 52.40  ? 265 HOH A O   1 
HETATM 721 O O   . HOH B 2 .   ? -14.247 -2.044  1.493   1.00 81.78  ? 266 HOH A O   1 
HETATM 722 O O   . HOH B 2 .   ? -11.544 7.175   -3.801  1.00 56.09  ? 267 HOH A O   1 
HETATM 723 O O   . HOH B 2 .   ? -15.366 8.430   11.012  1.00 76.99  ? 268 HOH A O   1 
HETATM 724 O O   . HOH B 2 .   ? 20.649  -13.016 -12.751 1.00 114.07 ? 269 HOH A O   1 
HETATM 725 O O   . HOH B 2 .   ? -11.299 1.557   -6.395  1.00 63.97  ? 270 HOH A O   1 
HETATM 726 O O   . HOH B 2 .   ? 0.553   11.756  7.713   1.00 55.76  ? 271 HOH A O   1 
HETATM 727 O O   . HOH B 2 .   ? -17.809 -4.944  3.699   1.00 84.61  ? 272 HOH A O   1 
HETATM 728 O O   . HOH B 2 .   ? 19.442  -9.561  -15.671 1.00 86.62  ? 273 HOH A O   1 
HETATM 729 O O   . HOH B 2 .   ? -1.818  -6.219  5.613   1.00 70.84  ? 274 HOH A O   1 
HETATM 730 O O   . HOH B 2 .   ? -18.595 -2.840  4.567   1.00 87.14  ? 275 HOH A O   1 
HETATM 731 O O   . HOH B 2 .   ? -11.264 -9.262  -1.751  1.00 87.80  ? 276 HOH A O   1 
HETATM 732 O O   . HOH B 2 .   ? -17.964 -4.319  9.362   1.00 86.93  ? 277 HOH A O   1 
HETATM 733 O O   . HOH B 2 .   ? 12.397  -0.204  -0.607  1.00 65.41  ? 278 HOH A O   1 
HETATM 734 O O   . HOH B 2 .   ? 4.918   -5.047  7.447   1.00 85.80  ? 279 HOH A O   1 
HETATM 735 O O   . HOH B 2 .   ? -13.805 -0.223  -2.145  1.00 66.65  ? 280 HOH A O   1 
HETATM 736 O O   . HOH B 2 .   ? 9.161   4.734   -10.266 1.00 67.46  ? 281 HOH A O   1 
HETATM 737 O O   . HOH B 2 .   ? -4.785  -8.707  -6.723  1.00 77.18  ? 282 HOH A O   1 
HETATM 738 O O   . HOH B 2 .   ? -7.603  -3.251  -3.957  1.00 65.47  ? 283 HOH A O   1 
HETATM 739 O O   . HOH B 2 .   ? -0.089  12.284  6.883   1.00 43.00  ? 284 HOH A O   1 
HETATM 740 O O   . HOH B 2 .   ? -4.877  8.059   -1.033  1.00 62.79  ? 286 HOH A O   1 
HETATM 741 O O   . HOH B 2 .   ? 11.807  0.344   -15.633 1.00 74.03  ? 287 HOH A O   1 
HETATM 742 O O   . HOH B 2 .   ? 14.442  2.615   -4.606  1.00 71.19  ? 288 HOH A O   1 
HETATM 743 O O   . HOH B 2 .   ? 10.974  4.375   -8.977  1.00 47.77  ? 289 HOH A O   1 
HETATM 744 O O   . HOH B 2 .   ? -7.732  14.082  12.815  1.00 85.77  ? 290 HOH A O   1 
HETATM 745 O O   . HOH B 2 .   ? -7.319  13.032  9.791   1.00 67.66  ? 291 HOH A O   1 
HETATM 746 O O   . HOH B 2 .   ? -1.695  -4.029  7.287   1.00 80.41  ? 292 HOH A O   1 
HETATM 747 O O   . HOH B 2 .   ? -5.151  14.254  8.471   1.00 84.44  ? 293 HOH A O   1 
HETATM 748 O O   . HOH B 2 .   ? 6.729   -2.248  10.066  1.00 82.16  ? 294 HOH A O   1 
HETATM 749 O O   . HOH B 2 .   ? -8.892  -5.024  -5.564  1.00 79.84  ? 295 HOH A O   1 
HETATM 750 O O   . HOH B 2 .   ? -12.880 -2.607  22.502  1.00 104.84 ? 296 HOH A O   1 
HETATM 751 O O   . HOH B 2 .   ? -12.012 -2.153  -4.184  1.00 72.08  ? 297 HOH A O   1 
HETATM 752 O O   . HOH B 2 .   ? -9.377  10.983  -1.513  1.00 77.48  ? 298 HOH A O   1 
HETATM 753 O O   . HOH B 2 .   ? -8.604  -10.289 -7.550  1.00 99.86  ? 299 HOH A O   1 
# 
loop_
_atom_site_anisotrop.id 
_atom_site_anisotrop.type_symbol 
_atom_site_anisotrop.pdbx_label_atom_id 
_atom_site_anisotrop.pdbx_label_alt_id 
_atom_site_anisotrop.pdbx_label_comp_id 
_atom_site_anisotrop.pdbx_label_asym_id 
_atom_site_anisotrop.pdbx_label_seq_id 
_atom_site_anisotrop.pdbx_PDB_ins_code 
_atom_site_anisotrop.U[1][1] 
_atom_site_anisotrop.U[2][2] 
_atom_site_anisotrop.U[3][3] 
_atom_site_anisotrop.U[1][2] 
_atom_site_anisotrop.U[1][3] 
_atom_site_anisotrop.U[2][3] 
_atom_site_anisotrop.pdbx_auth_seq_id 
_atom_site_anisotrop.pdbx_auth_comp_id 
_atom_site_anisotrop.pdbx_auth_asym_id 
_atom_site_anisotrop.pdbx_auth_atom_id 
1   N N   . MET A 21  ? 1.0761 1.2695 1.0695 -0.0005 0.0692  0.2274  21  MET A N   
2   C CA  . MET A 21  ? 1.0275 1.2545 0.9952 0.0009  0.0657  0.2172  21  MET A CA  
3   C C   . MET A 21  ? 0.8667 1.1100 0.8181 0.0052  0.0471  0.1904  21  MET A C   
4   O O   . MET A 21  ? 0.8768 1.1477 0.8091 0.0067  0.0445  0.1785  21  MET A O   
5   C CB  . MET A 21  ? 1.1261 1.3759 1.0693 0.0105  0.0729  0.2430  21  MET A CB  
6   C CG  . MET A 21  ? 1.2817 1.5187 1.2245 0.0211  0.0791  0.2763  21  MET A CG  
7   S SD  . MET A 21  ? 1.6009 1.8688 1.5146 0.0276  0.0939  0.3042  21  MET A SD  
8   C CE  . MET A 21  ? 1.4609 1.7285 1.3905 0.0080  0.1138  0.2955  21  MET A CE  
9   N N   . LEU A 22  ? 0.8200 1.0461 0.7806 0.0067  0.0365  0.1804  22  LEU A N   
10  C CA  . LEU A 22  ? 0.8072 1.0415 0.7572 0.0088  0.0217  0.1541  22  LEU A CA  
11  C C   . LEU A 22  ? 0.8178 1.0547 0.7701 0.0018  0.0216  0.1315  22  LEU A C   
12  O O   . LEU A 22  ? 0.8122 1.0314 0.7827 -0.0050 0.0231  0.1238  22  LEU A O   
13  C CB  . LEU A 22  ? 0.7268 0.9403 0.6890 0.0098  0.0133  0.1479  22  LEU A CB  
14  C CG  . LEU A 22  ? 0.7581 0.9772 0.7114 0.0108  0.0016  0.1227  22  LEU A CG  
15  C CD1 . LEU A 22  ? 0.8010 1.0516 0.7314 0.0174  -0.0039 0.1146  22  LEU A CD1 
16  C CD2 . LEU A 22  ? 0.7094 0.9109 0.6741 0.0118  -0.0054 0.1177  22  LEU A CD2 
17  N N   . GLN A 23  ? 0.7734 1.0329 0.7092 0.0041  0.0202  0.1201  23  GLN A N   
18  C CA  . GLN A 23  ? 0.7890 1.0473 0.7314 -0.0007 0.0216  0.1015  23  GLN A CA  
19  C C   . GLN A 23  ? 0.7120 0.9660 0.6489 0.0022  0.0125  0.0788  23  GLN A C   
20  O O   . GLN A 23  ? 0.7229 0.9779 0.6610 0.0021  0.0135  0.0643  23  GLN A O   
21  C CB  . GLN A 23  ? 0.9688 1.2511 0.9058 -0.0024 0.0317  0.1041  23  GLN A CB  
22  C CG  . GLN A 23  ? 0.9328 1.2126 0.8852 -0.0096 0.0452  0.1214  23  GLN A CG  
23  C CD  . GLN A 23  ? 1.0205 1.2817 1.0002 -0.0178 0.0466  0.1119  23  GLN A CD  
24  O OE1 . GLN A 23  ? 1.0644 1.3081 1.0625 -0.0237 0.0518  0.1219  23  GLN A OE1 
25  N NE2 . GLN A 23  ? 1.0153 1.2818 0.9986 -0.0172 0.0421  0.0916  23  GLN A NE2 
26  N N   . TYR A 24  ? 0.6428 0.8883 0.5768 0.0048  0.0052  0.0762  24  TYR A N   
27  C CA  . TYR A 24  ? 0.5820 0.8191 0.5138 0.0056  0.0001  0.0556  24  TYR A CA  
28  C C   . TYR A 24  ? 0.5658 0.7775 0.5107 0.0027  -0.0003 0.0495  24  TYR A C   
29  O O   . TYR A 24  ? 0.5523 0.7538 0.5092 -0.0006 0.0005  0.0586  24  TYR A O   
30  C CB  . TYR A 24  ? 0.6200 0.8572 0.5483 0.0079  -0.0066 0.0536  24  TYR A CB  
31  C CG  . TYR A 24  ? 0.6684 0.9379 0.5821 0.0127  -0.0091 0.0523  24  TYR A CG  
32  C CD1 . TYR A 24  ? 0.7525 1.0491 0.6543 0.0156  -0.0047 0.0620  24  TYR A CD1 
33  C CD2 . TYR A 24  ? 0.6781 0.9554 0.5896 0.0144  -0.0154 0.0401  24  TYR A CD2 
34  C CE1 . TYR A 24  ? 0.7596 1.0925 0.6453 0.0211  -0.0080 0.0588  24  TYR A CE1 
35  C CE2 . TYR A 24  ? 0.7654 1.0800 0.6642 0.0193  -0.0190 0.0348  24  TYR A CE2 
36  C CZ  . TYR A 24  ? 0.7673 1.1109 0.6518 0.0232  -0.0157 0.0444  24  TYR A CZ  
37  O OH  . TYR A 24  ? 0.7665 1.1520 0.6365 0.0290  -0.0197 0.0387  24  TYR A OH  
38  N N   . ASP A 25  ? 0.5159 0.7195 0.4585 0.0047  -0.0005 0.0340  25  ASP A N   
39  C CA  . ASP A 25  ? 0.5583 0.7421 0.5083 0.0047  -0.0016 0.0297  25  ASP A CA  
40  C C   . ASP A 25  ? 0.5577 0.7233 0.5084 0.0032  -0.0054 0.0260  25  ASP A C   
41  O O   . ASP A 25  ? 0.5073 0.6748 0.4519 0.0034  -0.0063 0.0188  25  ASP A O   
42  C CB  . ASP A 25  ? 0.5530 0.7351 0.4987 0.0101  0.0017  0.0177  25  ASP A CB  
43  C CG  . ASP A 25  ? 0.6222 0.8241 0.5701 0.0122  0.0058  0.0189  25  ASP A CG  
44  O OD1 . ASP A 25  ? 0.5228 0.7322 0.4799 0.0089  0.0064  0.0273  25  ASP A OD1 
45  O OD2 . ASP A 25  ? 0.6104 0.8181 0.5537 0.0167  0.0095  0.0094  25  ASP A OD2 
46  N N   . LEU A 26  ? 0.5064 0.6568 0.4647 0.0019  -0.0068 0.0269  26  LEU A N   
47  C CA  . LEU A 26  ? 0.4848 0.6177 0.4438 0.0005  -0.0089 0.0221  26  LEU A CA  
48  C C   . LEU A 26  ? 0.5289 0.6493 0.4795 0.0048  -0.0052 0.0122  26  LEU A C   
49  O O   . LEU A 26  ? 0.4987 0.6138 0.4477 0.0096  -0.0038 0.0119  26  LEU A O   
50  C CB  . LEU A 26  ? 0.4797 0.6058 0.4505 -0.0029 -0.0110 0.0262  26  LEU A CB  
51  C CG  . LEU A 26  ? 0.4599 0.5694 0.4315 -0.0046 -0.0122 0.0205  26  LEU A CG  
52  C CD1 . LEU A 26  ? 0.4575 0.5670 0.4328 -0.0073 -0.0143 0.0217  26  LEU A CD1 
53  C CD2 . LEU A 26  ? 0.4897 0.5980 0.4734 -0.0078 -0.0136 0.0211  26  LEU A CD2 
54  N N   . ARG A 27  ? 0.4866 0.6017 0.4328 0.0037  -0.0028 0.0037  27  ARG A N   
55  C CA  . ARG A 27  ? 0.4858 0.5828 0.4266 0.0072  0.0045  -0.0052 27  ARG A CA  
56  C C   . ARG A 27  ? 0.4807 0.5549 0.4200 0.0070  0.0075  -0.0057 27  ARG A C   
57  O O   . ARG A 27  ? 0.5193 0.5779 0.4530 0.0129  0.0142  -0.0064 27  ARG A O   
58  C CB  . ARG A 27  ? 0.5179 0.6196 0.4576 0.0054  0.0099  -0.0187 27  ARG A CB  
59  C CG  . ARG A 27  ? 0.5149 0.6160 0.4591 -0.0020 0.0096  -0.0283 27  ARG A CG  
60  C CD  . ARG A 27  ? 0.5921 0.7062 0.5384 -0.0053 0.0143  -0.0464 27  ARG A CD  
61  N NE  . ARG A 27  ? 0.5630 0.6844 0.5161 -0.0121 0.0124  -0.0567 27  ARG A NE  
62  C CZ  . ARG A 27  ? 0.6084 0.7603 0.5632 -0.0132 0.0037  -0.0586 27  ARG A CZ  
63  N NH1 . ARG A 27  ? 0.5968 0.7734 0.5450 -0.0084 -0.0028 -0.0488 27  ARG A NH1 
64  N NH2 . ARG A 27  ? 0.6387 0.7961 0.6023 -0.0182 0.0018  -0.0686 27  ARG A NH2 
65  N N   . SER A 28  ? 0.4557 0.5286 0.4003 0.0011  0.0035  -0.0047 28  SER A N   
66  C CA  . SER A 28  ? 0.4476 0.5020 0.3907 -0.0006 0.0072  -0.0066 28  SER A CA  
67  C C   . SER A 28  ? 0.3954 0.4552 0.3476 -0.0064 0.0010  -0.0052 28  SER A C   
68  O O   . SER A 28  ? 0.4260 0.5012 0.3863 -0.0088 -0.0051 -0.0026 28  SER A O   
69  C CB  . SER A 28  ? 0.5308 0.5707 0.4734 -0.0045 0.0171  -0.0186 28  SER A CB  
70  O OG  . SER A 28  ? 0.5159 0.5711 0.4678 -0.0116 0.0124  -0.0262 28  SER A OG  
71  N N   . ALA A 29  ? 0.4320 0.4798 0.3832 -0.0077 0.0032  -0.0059 29  ALA A N   
72  C CA  . ALA A 29  ? 0.4282 0.4791 0.3903 -0.0132 -0.0010 -0.0071 29  ALA A CA  
73  C C   . ALA A 29  ? 0.4451 0.4807 0.4038 -0.0163 0.0058  -0.0132 29  ALA A C   
74  O O   . ALA A 29  ? 0.4978 0.5206 0.4437 -0.0123 0.0128  -0.0113 29  ALA A O   
75  C CB  . ALA A 29  ? 0.4553 0.5147 0.4229 -0.0120 -0.0063 -0.0016 29  ALA A CB  
76  N N   . ARG A 30  ? 0.4000 0.4376 0.3708 -0.0226 0.0045  -0.0193 30  ARG A N   
77  C CA  . ARG A 30  ? 0.3928 0.4193 0.3631 -0.0270 0.0115  -0.0261 30  ARG A CA  
78  C C   . ARG A 30  ? 0.3918 0.4262 0.3778 -0.0313 0.0068  -0.0304 30  ARG A C   
79  O O   . ARG A 30  ? 0.4116 0.4581 0.4112 -0.0308 -0.0011 -0.0283 30  ARG A O   
80  C CB  . ARG A 30  ? 0.4336 0.4503 0.4035 -0.0317 0.0213  -0.0357 30  ARG A CB  
81  C CG  . ARG A 30  ? 0.4522 0.4868 0.4375 -0.0351 0.0150  -0.0437 30  ARG A CG  
82  C CD  . ARG A 30  ? 0.4913 0.5221 0.4820 -0.0424 0.0252  -0.0594 30  ARG A CD  
83  N NE  . ARG A 30  ? 0.4849 0.5081 0.4674 -0.0410 0.0321  -0.0611 30  ARG A NE  
84  C CZ  . ARG A 30  ? 0.5576 0.5981 0.5417 -0.0386 0.0265  -0.0642 30  ARG A CZ  
85  N NH1 . ARG A 30  ? 0.5631 0.5925 0.5413 -0.0379 0.0359  -0.0684 30  ARG A NH1 
86  N NH2 . ARG A 30  ? 0.5736 0.6411 0.5653 -0.0364 0.0137  -0.0634 30  ARG A NH2 
87  N N   . ILE A 31  ? 0.4165 0.4436 0.4010 -0.0349 0.0129  -0.0360 31  ILE A N   
88  C CA  . ILE A 31  ? 0.4292 0.4633 0.4316 -0.0394 0.0102  -0.0433 31  ILE A CA  
89  C C   . ILE A 31  ? 0.4562 0.4850 0.4627 -0.0460 0.0189  -0.0546 31  ILE A C   
90  O O   . ILE A 31  ? 0.4767 0.4917 0.4686 -0.0480 0.0302  -0.0556 31  ILE A O   
91  C CB  . ILE A 31  ? 0.4801 0.5149 0.4772 -0.0394 0.0117  -0.0443 31  ILE A CB  
92  C CG1 . ILE A 31  ? 0.5139 0.5585 0.5146 -0.0353 0.0036  -0.0379 31  ILE A CG1 
93  C CG2 . ILE A 31  ? 0.5263 0.5668 0.5418 -0.0449 0.0121  -0.0554 31  ILE A CG2 
94  C CD1 . ILE A 31  ? 0.5664 0.6181 0.5586 -0.0339 0.0044  -0.0406 31  ILE A CD1 
95  N N   . ILE A 32  ? 0.4358 0.4758 0.4628 -0.0486 0.0146  -0.0625 32  ILE A N   
96  C CA  . ILE A 32  ? 0.4698 0.5092 0.5046 -0.0561 0.0237  -0.0768 32  ILE A CA  
97  C C   . ILE A 32  ? 0.4777 0.5302 0.5356 -0.0565 0.0181  -0.0838 32  ILE A C   
98  O O   . ILE A 32  ? 0.4376 0.4960 0.5046 -0.0508 0.0086  -0.0764 32  ILE A O   
99  C CB  . ILE A 32  ? 0.4540 0.5020 0.4935 -0.0570 0.0229  -0.0828 32  ILE A CB  
100 C CG1 . ILE A 32  ? 0.4223 0.4930 0.4762 -0.0499 0.0081  -0.0791 32  ILE A CG1 
101 C CG2 . ILE A 32  ? 0.4834 0.5177 0.5039 -0.0557 0.0289  -0.0767 32  ILE A CG2 
102 C CD1 . ILE A 32  ? 0.4429 0.5345 0.5041 -0.0500 0.0052  -0.0893 32  ILE A CD1 
103 N N   . GLY A 33  ? 0.4481 0.5043 0.5177 -0.0633 0.0251  -0.0983 33  GLY A N   
104 C CA  . GLY A 33  ? 0.4630 0.5344 0.5586 -0.0631 0.0208  -0.1082 33  GLY A CA  
105 C C   . GLY A 33  ? 0.5118 0.5774 0.6088 -0.0701 0.0312  -0.1179 33  GLY A C   
106 O O   . GLY A 33  ? 0.4991 0.5518 0.5784 -0.0768 0.0443  -0.1196 33  GLY A O   
107 N N   . ASN A 34  ? 0.4995 0.5721 0.6143 -0.0675 0.0263  -0.1210 34  ASN A N   
108 C CA  . ASN A 34  ? 0.5189 0.5910 0.6373 -0.0741 0.0359  -0.1331 34  ASN A CA  
109 C C   . ASN A 34  ? 0.4746 0.5414 0.5821 -0.0717 0.0337  -0.1264 34  ASN A C   
110 O O   . ASN A 34  ? 0.4697 0.5405 0.5944 -0.0667 0.0253  -0.1243 34  ASN A O   
111 C CB  . ASN A 34  ? 0.5608 0.6483 0.7131 -0.0726 0.0324  -0.1461 34  ASN A CB  
112 C CG  . ASN A 34  ? 0.6736 0.7633 0.8343 -0.0779 0.0401  -0.1594 34  ASN A CG  
113 O OD1 . ASN A 34  ? 0.7574 0.8411 0.8958 -0.0845 0.0507  -0.1617 34  ASN A OD1 
114 N ND2 . ASN A 34  ? 0.6663 0.7664 0.8593 -0.0732 0.0349  -0.1675 34  ASN A ND2 
115 N N   . LEU A 35  ? 0.5049 0.5633 0.5840 -0.0744 0.0417  -0.1222 35  LEU A N   
116 C CA  . LEU A 35  ? 0.5509 0.6096 0.6144 -0.0710 0.0389  -0.1158 35  LEU A CA  
117 C C   . LEU A 35  ? 0.6164 0.6860 0.6804 -0.0754 0.0451  -0.1294 35  LEU A C   
118 O O   . LEU A 35  ? 0.5348 0.6097 0.5808 -0.0732 0.0449  -0.1266 35  LEU A O   
119 C CB  . LEU A 35  ? 0.5490 0.5963 0.5796 -0.0681 0.0434  -0.1019 35  LEU A CB  
120 C CG  . LEU A 35  ? 0.6081 0.6469 0.6384 -0.0648 0.0387  -0.0920 35  LEU A CG  
121 C CD1 . LEU A 35  ? 0.6565 0.6832 0.6572 -0.0602 0.0432  -0.0784 35  LEU A CD1 
122 C CD2 . LEU A 35  ? 0.5934 0.6395 0.6422 -0.0601 0.0255  -0.0880 35  LEU A CD2 
123 N N   . GLY A 36  ? 0.5767 0.6528 0.6602 -0.0811 0.0510  -0.1448 36  GLY A N   
124 C CA  . GLY A 36  ? 0.6382 0.7275 0.7242 -0.0861 0.0581  -0.1608 36  GLY A CA  
125 C C   . GLY A 36  ? 0.6339 0.7256 0.6832 -0.0870 0.0678  -0.1566 36  GLY A C   
126 O O   . GLY A 36  ? 0.7422 0.8504 0.7861 -0.0869 0.0676  -0.1651 36  GLY A O   
127 N N   . GLY A 37  ? 0.6149 0.6913 0.6389 -0.0859 0.0749  -0.1422 37  GLY A N   
128 C CA  . GLY A 37  ? 0.6735 0.7486 0.6595 -0.0833 0.0851  -0.1322 37  GLY A CA  
129 C C   . GLY A 37  ? 0.6976 0.7766 0.6627 -0.0731 0.0757  -0.1186 37  GLY A C   
130 O O   . GLY A 37  ? 0.7302 0.8093 0.6623 -0.0670 0.0824  -0.1068 37  GLY A O   
131 N N   . MET A 38  ? 0.6277 0.7087 0.6102 -0.0696 0.0611  -0.1174 38  MET A N   
132 C CA  . MET A 38  ? 0.6356 0.7286 0.6028 -0.0609 0.0521  -0.1099 38  MET A CA  
133 C C   . MET A 38  ? 0.6800 0.7571 0.6330 -0.0533 0.0483  -0.0907 38  MET A C   
134 O O   . MET A 38  ? 0.6195 0.7058 0.5695 -0.0469 0.0388  -0.0856 38  MET A O   
135 C CB  . MET A 38  ? 0.6066 0.7144 0.6051 -0.0635 0.0407  -0.1236 38  MET A CB  
136 C CG  . MET A 38  ? 0.6651 0.7915 0.6794 -0.0708 0.0453  -0.1463 38  MET A CG  
137 S SD  . MET A 38  ? 0.7324 0.8759 0.7820 -0.0729 0.0342  -0.1620 38  MET A SD  
138 C CE  . MET A 38  ? 0.6877 0.8568 0.7061 -0.0651 0.0288  -0.1578 38  MET A CE  
139 N N   . SER A 39  ? 0.6438 0.6984 0.5878 -0.0544 0.0577  -0.0812 39  SER A N   
140 C CA  . SER A 39  ? 0.6859 0.7245 0.6210 -0.0484 0.0558  -0.0664 39  SER A CA  
141 C C   . SER A 39  ? 0.7598 0.8043 0.6676 -0.0358 0.0530  -0.0522 39  SER A C   
142 O O   . SER A 39  ? 0.6656 0.7112 0.5753 -0.0302 0.0440  -0.0459 39  SER A O   
143 C CB  . SER A 39  ? 0.8178 0.8328 0.7467 -0.0530 0.0710  -0.0624 39  SER A CB  
144 O OG  . SER A 39  ? 0.8784 0.8789 0.7961 -0.0463 0.0708  -0.0491 39  SER A OG  
145 N N   . ALA A 40  ? 0.7378 0.7875 0.6188 -0.0302 0.0612  -0.0467 40  ALA A N   
146 C CA  . ALA A 40  ? 0.7432 0.8039 0.5985 -0.0156 0.0575  -0.0334 40  ALA A CA  
147 C C   . ALA A 40  ? 0.7182 0.8123 0.5849 -0.0131 0.0413  -0.0442 40  ALA A C   
148 O O   . ALA A 40  ? 0.6863 0.7923 0.5398 -0.0012 0.0345  -0.0352 40  ALA A O   
149 C CB  . ALA A 40  ? 0.8782 0.9425 0.7010 -0.0087 0.0704  -0.0244 40  ALA A CB  
150 N N   . GLU A 41  ? 0.6309 0.7417 0.5228 -0.0237 0.0362  -0.0644 41  GLU A N   
151 C CA  . GLU A 41  ? 0.6303 0.7717 0.5373 -0.0232 0.0236  -0.0773 41  GLU A CA  
152 C C   . GLU A 41  ? 0.6431 0.7726 0.5775 -0.0274 0.0157  -0.0766 41  GLU A C   
153 O O   . GLU A 41  ? 0.5623 0.7095 0.5071 -0.0256 0.0070  -0.0808 41  GLU A O   
154 C CB  . GLU A 41  ? 0.7059 0.8683 0.6337 -0.0339 0.0238  -0.1019 41  GLU A CB  
155 C CG  . GLU A 41  ? 0.8328 1.0189 0.7348 -0.0301 0.0300  -0.1072 41  GLU A CG  
156 C CD  . GLU A 41  ? 0.9953 1.1608 0.8799 -0.0327 0.0452  -0.1000 41  GLU A CD  
157 O OE1 . GLU A 41  ? 1.0700 1.2024 0.9605 -0.0376 0.0527  -0.0913 41  GLU A OE1 
158 O OE2 . GLU A 41  ? 1.2196 1.4069 1.0835 -0.0300 0.0506  -0.1043 41  GLU A OE2 
159 N N   . LEU A 42  ? 0.5582 0.6611 0.5057 -0.0331 0.0190  -0.0721 42  LEU A N   
160 C CA  . LEU A 42  ? 0.5257 0.6209 0.4954 -0.0352 0.0116  -0.0691 42  LEU A CA  
161 C C   . LEU A 42  ? 0.5172 0.6036 0.4708 -0.0264 0.0096  -0.0527 42  LEU A C   
162 O O   . LEU A 42  ? 0.5012 0.5920 0.4654 -0.0250 0.0027  -0.0496 42  LEU A O   
163 C CB  . LEU A 42  ? 0.5185 0.5967 0.5075 -0.0424 0.0144  -0.0716 42  LEU A CB  
164 C CG  . LEU A 42  ? 0.5593 0.6456 0.5703 -0.0504 0.0164  -0.0889 42  LEU A CG  
165 C CD1 . LEU A 42  ? 0.5514 0.6239 0.5824 -0.0549 0.0181  -0.0904 42  LEU A CD1 
166 C CD2 . LEU A 42  ? 0.5497 0.6525 0.5870 -0.0540 0.0107  -0.1015 42  LEU A CD2 
167 N N   . GLU A 43  ? 0.5199 0.5901 0.4497 -0.0211 0.0177  -0.0417 43  GLU A N   
168 C CA  . GLU A 43  ? 0.5268 0.5847 0.4435 -0.0128 0.0181  -0.0274 43  GLU A CA  
169 C C   . GLU A 43  ? 0.5886 0.6658 0.4998 -0.0030 0.0095  -0.0228 43  GLU A C   
170 O O   . GLU A 43  ? 0.5751 0.6498 0.4921 -0.0005 0.0052  -0.0174 43  GLU A O   
171 C CB  . GLU A 43  ? 0.6025 0.6407 0.4947 -0.0078 0.0314  -0.0174 43  GLU A CB  
172 C CG  . GLU A 43  ? 0.7344 0.7533 0.6163 -0.0003 0.0358  -0.0046 43  GLU A CG  
173 C CD  . GLU A 43  ? 0.7812 0.7854 0.6824 -0.0097 0.0367  -0.0097 43  GLU A CD  
174 O OE1 . GLU A 43  ? 0.7646 0.7706 0.6846 -0.0207 0.0354  -0.0209 43  GLU A OE1 
175 O OE2 . GLU A 43  ? 0.8138 0.8083 0.7114 -0.0044 0.0380  -0.0031 43  GLU A OE2 
176 N N   . PRO A 44  ? 0.5780 0.6801 0.4802 0.0023  0.0062  -0.0272 44  PRO A N   
177 C CA  . PRO A 44  ? 0.5656 0.6921 0.4667 0.0113  -0.0028 -0.0260 44  PRO A CA  
178 C C   . PRO A 44  ? 0.4945 0.6332 0.4254 0.0027  -0.0107 -0.0360 44  PRO A C   
179 O O   . PRO A 44  ? 0.4898 0.6411 0.4229 0.0087  -0.0160 -0.0327 44  PRO A O   
180 C CB  . PRO A 44  ? 0.6271 0.7858 0.5148 0.0172  -0.0051 -0.0339 44  PRO A CB  
181 C CG  . PRO A 44  ? 0.6509 0.7908 0.5187 0.0175  0.0061  -0.0277 44  PRO A CG  
182 C CD  . PRO A 44  ? 0.6332 0.7479 0.5233 0.0020  0.0105  -0.0341 44  PRO A CD  
183 N N   . LEU A 45  ? 0.4670 0.5987 0.4217 -0.0103 -0.0099 -0.0458 45  LEU A N   
184 C CA  . LEU A 45  ? 0.4738 0.6116 0.4580 -0.0183 -0.0144 -0.0520 45  LEU A CA  
185 C C   . LEU A 45  ? 0.4803 0.6034 0.4644 -0.0158 -0.0149 -0.0384 45  LEU A C   
186 O O   . LEU A 45  ? 0.4611 0.5940 0.4613 -0.0180 -0.0181 -0.0387 45  LEU A O   
187 C CB  . LEU A 45  ? 0.4892 0.6167 0.4977 -0.0297 -0.0117 -0.0607 45  LEU A CB  
188 C CG  . LEU A 45  ? 0.4886 0.6301 0.5020 -0.0343 -0.0098 -0.0772 45  LEU A CG  
189 C CD1 . LEU A 45  ? 0.5291 0.6582 0.5696 -0.0443 -0.0063 -0.0861 45  LEU A CD1 
190 C CD2 . LEU A 45  ? 0.5761 0.7514 0.6001 -0.0353 -0.0142 -0.0926 45  LEU A CD2 
191 N N   . LEU A 46  ? 0.4681 0.5710 0.4331 -0.0104 -0.0109 -0.0272 46  LEU A N   
192 C CA  . LEU A 46  ? 0.4507 0.5430 0.4150 -0.0080 -0.0110 -0.0171 46  LEU A CA  
193 C C   . LEU A 46  ? 0.5243 0.6305 0.4802 0.0013  -0.0141 -0.0124 46  LEU A C   
194 O O   . LEU A 46  ? 0.4547 0.5604 0.4149 0.0023  -0.0150 -0.0071 46  LEU A O   
195 C CB  . LEU A 46  ? 0.4871 0.5564 0.4358 -0.0054 -0.0043 -0.0106 46  LEU A CB  
196 C CG  . LEU A 46  ? 0.4749 0.5341 0.4360 -0.0150 -0.0021 -0.0167 46  LEU A CG  
197 C CD1 . LEU A 46  ? 0.5885 0.6279 0.5369 -0.0143 0.0063  -0.0142 46  LEU A CD1 
198 C CD2 . LEU A 46  ? 0.4512 0.5132 0.4328 -0.0203 -0.0064 -0.0168 46  LEU A CD2 
199 N N   . SER A 47  ? 0.5112 0.6349 0.4559 0.0092  -0.0161 -0.0149 47  SER A N   
200 C CA  . SER A 47  ? 0.5262 0.6678 0.4636 0.0209  -0.0199 -0.0107 47  SER A CA  
201 C C   . SER A 47  ? 0.4942 0.6594 0.4561 0.0144  -0.0253 -0.0192 47  SER A C   
202 O O   . SER A 47  ? 0.5370 0.7168 0.4995 0.0214  -0.0278 -0.0166 47  SER A O   
203 C CB  . SER A 47  ? 0.6060 0.7637 0.5215 0.0342  -0.0209 -0.0096 47  SER A CB  
204 O OG  . SER A 47  ? 0.6746 0.8650 0.6096 0.0268  -0.0276 -0.0263 47  SER A OG  
205 N N   . ALA A 48  ? 0.4551 0.6211 0.4408 0.0004  -0.0250 -0.0283 48  ALA A N   
206 C CA  . ALA A 48  ? 0.4797 0.6593 0.4908 -0.0077 -0.0257 -0.0336 48  ALA A CA  
207 C C   . ALA A 48  ? 0.5061 0.6716 0.5209 -0.0094 -0.0230 -0.0216 48  ALA A C   
208 O O   . ALA A 48  ? 0.5278 0.7053 0.5606 -0.0145 -0.0217 -0.0227 48  ALA A O   
209 C CB  . ALA A 48  ? 0.5224 0.6995 0.5582 -0.0211 -0.0234 -0.0442 48  ALA A CB  
210 N N   . LEU A 49  ? 0.4172 0.5588 0.4157 -0.0059 -0.0208 -0.0112 49  LEU A N   
211 C CA  . LEU A 49  ? 0.4370 0.5703 0.4369 -0.0070 -0.0187 -0.0018 49  LEU A CA  
212 C C   . LEU A 49  ? 0.4115 0.5532 0.3990 0.0027  -0.0190 0.0020  49  LEU A C   
213 O O   . LEU A 49  ? 0.4648 0.6059 0.4353 0.0134  -0.0195 0.0023  49  LEU A O   
214 C CB  . LEU A 49  ? 0.4246 0.5356 0.4165 -0.0085 -0.0166 0.0029  49  LEU A CB  
215 C CG  . LEU A 49  ? 0.4230 0.5268 0.4295 -0.0164 -0.0163 -0.0009 49  LEU A CG  
216 C CD1 . LEU A 49  ? 0.4360 0.5240 0.4361 -0.0169 -0.0151 0.0016  49  LEU A CD1 
217 C CD2 . LEU A 49  ? 0.4305 0.5393 0.4592 -0.0229 -0.0153 0.0020  49  LEU A CD2 
218 N N   . HIS A 50  ? 0.4255 0.5746 0.4217 -0.0001 -0.0172 0.0062  50  HIS A N   
219 C CA  . HIS A 50  ? 0.4403 0.6015 0.4307 0.0076  -0.0167 0.0079  50  HIS A CA  
220 C C   . HIS A 50  ? 0.4056 0.5517 0.3815 0.0114  -0.0135 0.0139  50  HIS A C   
221 O O   . HIS A 50  ? 0.4653 0.6138 0.4437 0.0075  -0.0111 0.0182  50  HIS A O   
222 C CB  . HIS A 50  ? 0.4283 0.6115 0.4383 0.0015  -0.0150 0.0063  50  HIS A CB  
223 C CG  . HIS A 50  ? 0.4154 0.6204 0.4430 -0.0021 -0.0173 -0.0050 50  HIS A CG  
224 N ND1 . HIS A 50  ? 0.4916 0.6949 0.5272 -0.0077 -0.0191 -0.0127 50  HIS A ND1 
225 C CD2 . HIS A 50  ? 0.4095 0.6425 0.4507 -0.0019 -0.0174 -0.0128 50  HIS A CD2 
226 C CE1 . HIS A 50  ? 0.4072 0.6384 0.4603 -0.0105 -0.0207 -0.0263 50  HIS A CE1 
227 N NE2 . HIS A 50  ? 0.4563 0.7061 0.5131 -0.0070 -0.0201 -0.0266 50  HIS A NE2 
228 N N   . LEU A 51  ? 0.4642 0.5963 0.4247 0.0197  -0.0123 0.0135  51  LEU A N   
229 C CA  . LEU A 51  ? 0.4550 0.5719 0.4051 0.0221  -0.0074 0.0144  51  LEU A CA  
230 C C   . LEU A 51  ? 0.5143 0.6425 0.4633 0.0283  -0.0050 0.0141  51  LEU A C   
231 O O   . LEU A 51  ? 0.4716 0.6141 0.4224 0.0368  -0.0061 0.0138  51  LEU A O   
232 C CB  . LEU A 51  ? 0.4678 0.5624 0.4048 0.0278  -0.0029 0.0138  51  LEU A CB  
233 C CG  . LEU A 51  ? 0.4897 0.5736 0.4257 0.0227  -0.0038 0.0130  51  LEU A CG  
234 C CD1 . LEU A 51  ? 0.5708 0.6318 0.4924 0.0296  0.0041  0.0144  51  LEU A CD1 
235 C CD2 . LEU A 51  ? 0.5033 0.5849 0.4486 0.0112  -0.0052 0.0107  51  LEU A CD2 
236 N N   . ASN A 52  ? 0.4977 0.6243 0.4448 0.0249  -0.0017 0.0124  52  ASN A N   
237 C CA  . ASN A 52  ? 0.5377 0.6760 0.4840 0.0298  0.0020  0.0097  52  ASN A CA  
238 C C   . ASN A 52  ? 0.5097 0.6734 0.4660 0.0263  -0.0001 0.0130  52  ASN A C   
239 O O   . ASN A 52  ? 0.5472 0.7250 0.5049 0.0303  0.0027  0.0105  52  ASN A O   
240 C CB  . ASN A 52  ? 0.5460 0.6741 0.4866 0.0430  0.0068  0.0067  52  ASN A CB  
241 C CG  . ASN A 52  ? 0.6436 0.7425 0.5762 0.0443  0.0127  0.0043  52  ASN A CG  
242 O OD1 . ASN A 52  ? 0.6721 0.7546 0.5984 0.0528  0.0152  0.0086  52  ASN A OD1 
243 N ND2 . ASN A 52  ? 0.5869 0.6815 0.5200 0.0356  0.0157  -0.0025 52  ASN A ND2 
244 N N   . ASP A 53  ? 0.5505 0.7181 0.5154 0.0176  -0.0032 0.0180  53  ASP A N   
245 C CA  . ASP A 53  ? 0.5215 0.7091 0.4984 0.0121  -0.0018 0.0218  53  ASP A CA  
246 C C   . ASP A 53  ? 0.5297 0.7144 0.5094 0.0032  -0.0008 0.0303  53  ASP A C   
247 O O   . ASP A 53  ? 0.4693 0.6389 0.4439 0.0017  -0.0033 0.0318  53  ASP A O   
248 C CB  . ASP A 53  ? 0.4798 0.6769 0.4705 0.0114  -0.0045 0.0183  53  ASP A CB  
249 C CG  . ASP A 53  ? 0.5619 0.7835 0.5696 0.0058  -0.0004 0.0179  53  ASP A CG  
250 O OD1 . ASP A 53  ? 0.5283 0.7603 0.5333 0.0064  0.0042  0.0200  53  ASP A OD1 
251 O OD2 . ASP A 53  ? 0.5285 0.7617 0.5536 0.0004  -0.0008 0.0132  53  ASP A OD2 
252 N N   . THR A 54  ? 0.4936 0.6926 0.4825 -0.0022 0.0038  0.0369  54  THR A N   
253 C CA  . THR A 54  ? 0.5359 0.7328 0.5263 -0.0078 0.0064  0.0497  54  THR A CA  
254 C C   . THR A 54  ? 0.5154 0.6946 0.5144 -0.0115 0.0033  0.0522  54  THR A C   
255 O O   . THR A 54  ? 0.4615 0.6362 0.4760 -0.0156 0.0028  0.0467  54  THR A O   
256 C CB  . THR A 54  ? 0.5890 0.7995 0.5930 -0.0143 0.0150  0.0582  54  THR A CB  
257 O OG1 . THR A 54  ? 0.5766 0.8069 0.5751 -0.0110 0.0182  0.0529  54  THR A OG1 
258 C CG2 . THR A 54  ? 0.5946 0.8036 0.5965 -0.0168 0.0200  0.0761  54  THR A CG2 
259 N N   . PHE A 55  ? 0.5115 0.6845 0.5025 -0.0099 0.0012  0.0587  55  PHE A N   
260 C CA  . PHE A 55  ? 0.5301 0.6871 0.5305 -0.0124 -0.0014 0.0617  55  PHE A CA  
261 C C   . PHE A 55  ? 0.5553 0.7074 0.5781 -0.0193 0.0046  0.0693  55  PHE A C   
262 O O   . PHE A 55  ? 0.5408 0.7003 0.5678 -0.0213 0.0119  0.0812  55  PHE A O   
263 C CB  . PHE A 55  ? 0.5654 0.7243 0.5562 -0.0082 -0.0041 0.0701  55  PHE A CB  
264 C CG  . PHE A 55  ? 0.5283 0.6728 0.5304 -0.0089 -0.0066 0.0738  55  PHE A CG  
265 C CD1 . PHE A 55  ? 0.5698 0.7032 0.5717 -0.0093 -0.0116 0.0608  55  PHE A CD1 
266 C CD2 . PHE A 55  ? 0.6017 0.7440 0.6141 -0.0082 -0.0027 0.0903  55  PHE A CD2 
267 C CE1 . PHE A 55  ? 0.5825 0.7051 0.5967 -0.0098 -0.0135 0.0622  55  PHE A CE1 
268 C CE2 . PHE A 55  ? 0.5954 0.7249 0.6207 -0.0073 -0.0044 0.0934  55  PHE A CE2 
269 C CZ  . PHE A 55  ? 0.5712 0.6924 0.5978 -0.0082 -0.0103 0.0785  55  PHE A CZ  
270 N N   . ARG A 56  ? 0.5356 0.6747 0.5733 -0.0233 0.0033  0.0628  56  ARG A N   
271 C CA  . ARG A 56  ? 0.6015 0.7343 0.6655 -0.0312 0.0107  0.0655  56  ARG A CA  
272 C C   . ARG A 56  ? 0.5960 0.7114 0.6720 -0.0321 0.0090  0.0651  56  ARG A C   
273 O O   . ARG A 56  ? 0.4962 0.6072 0.5709 -0.0321 0.0033  0.0519  56  ARG A O   
274 C CB  . ARG A 56  ? 0.6718 0.8150 0.7477 -0.0369 0.0113  0.0489  56  ARG A CB  
275 C CG  . ARG A 56  ? 0.9159 1.0630 1.0189 -0.0468 0.0222  0.0497  56  ARG A CG  
276 C CD  . ARG A 56  ? 1.1170 1.2791 1.2375 -0.0530 0.0211  0.0275  56  ARG A CD  
277 N NE  . ARG A 56  ? 1.2652 1.4412 1.4100 -0.0629 0.0318  0.0234  56  ARG A NE  
278 C CZ  . ARG A 56  ? 1.3743 1.5671 1.5129 -0.0617 0.0351  0.0273  56  ARG A CZ  
279 N NH1 . ARG A 56  ? 1.3379 1.5350 1.4467 -0.0505 0.0283  0.0347  56  ARG A NH1 
280 N NH2 . ARG A 56  ? 1.5046 1.7108 1.6694 -0.0727 0.0465  0.0216  56  ARG A NH2 
281 N N   . ARG A 57  ? 0.5593 0.6655 0.6445 -0.0308 0.0146  0.0816  57  ARG A N   
282 C CA  . ARG A 57  ? 0.6311 0.7211 0.7295 -0.0290 0.0141  0.0849  57  ARG A CA  
283 C C   . ARG A 57  ? 0.6125 0.6936 0.7362 -0.0381 0.0170  0.0676  57  ARG A C   
284 O O   . ARG A 57  ? 0.5461 0.6207 0.6727 -0.0374 0.0116  0.0562  57  ARG A O   
285 C CB  . ARG A 57  ? 0.7260 0.8090 0.8306 -0.0237 0.0220  0.1103  57  ARG A CB  
286 C CG  . ARG A 57  ? 0.9753 1.0750 1.0588 -0.0191 0.0253  0.1274  57  ARG A CG  
287 C CD  . ARG A 57  ? 0.8448 0.9565 0.9287 -0.0268 0.0351  0.1287  57  ARG A CD  
288 N NE  . ARG A 57  ? 0.8411 0.9541 0.9464 -0.0396 0.0409  0.1106  57  ARG A NE  
289 C CZ  . ARG A 57  ? 0.7818 0.8821 0.9196 -0.0499 0.0504  0.1041  57  ARG A CZ  
290 N NH1 . ARG A 57  ? 0.8958 0.9750 1.0525 -0.0499 0.0581  0.1155  57  ARG A NH1 
291 N NH2 . ARG A 57  ? 0.8723 0.9827 1.0262 -0.0599 0.0535  0.0857  57  ARG A NH2 
292 N N   . SER A 58  ? 0.5418 0.6275 0.6841 -0.0476 0.0253  0.0608  58  SER A N   
293 C CA  . SER A 58  ? 0.5391 0.6211 0.7085 -0.0570 0.0289  0.0420  58  SER A CA  
294 C C   . SER A 58  ? 0.4918 0.5867 0.6472 -0.0563 0.0180  0.0210  58  SER A C   
295 O O   . SER A 58  ? 0.5290 0.6213 0.6995 -0.0608 0.0178  0.0055  58  SER A O   
296 C CB  . SER A 58  ? 0.5829 0.6707 0.7792 -0.0687 0.0416  0.0368  58  SER A CB  
297 O OG  . SER A 58  ? 0.5564 0.6678 0.7373 -0.0687 0.0370  0.0299  58  SER A OG  
298 N N   . ASP A 59  ? 0.4802 0.5897 0.6079 -0.0504 0.0103  0.0201  59  ASP A N   
299 C CA  . ASP A 59  ? 0.4599 0.5781 0.5701 -0.0465 0.0014  0.0059  59  ASP A CA  
300 C C   . ASP A 59  ? 0.4448 0.5477 0.5460 -0.0425 -0.0027 0.0069  59  ASP A C   
301 O O   . ASP A 59  ? 0.4257 0.5298 0.5266 -0.0437 -0.0055 -0.0068 59  ASP A O   
302 C CB  . ASP A 59  ? 0.4629 0.5932 0.5460 -0.0385 -0.0039 0.0082  59  ASP A CB  
303 C CG  . ASP A 59  ? 0.5601 0.7126 0.6511 -0.0409 -0.0017 0.0022  59  ASP A CG  
304 O OD1 . ASP A 59  ? 0.5209 0.6801 0.6380 -0.0501 0.0037  -0.0064 59  ASP A OD1 
305 O OD2 . ASP A 59  ? 0.5087 0.6703 0.5827 -0.0341 -0.0038 0.0068  59  ASP A OD2 
306 N N   . ILE A 60  ? 0.4651 0.5574 0.5595 -0.0377 -0.0031 0.0220  60  ILE A N   
307 C CA  . ILE A 60  ? 0.4785 0.5606 0.5671 -0.0339 -0.0071 0.0208  60  ILE A CA  
308 C C   . ILE A 60  ? 0.5126 0.5852 0.6294 -0.0390 -0.0030 0.0144  60  ILE A C   
309 O O   . ILE A 60  ? 0.4719 0.5422 0.5906 -0.0407 -0.0049 0.0012  60  ILE A O   
310 C CB  . ILE A 60  ? 0.4880 0.5688 0.5660 -0.0267 -0.0092 0.0363  60  ILE A CB  
311 C CG1 . ILE A 60  ? 0.4882 0.5798 0.5414 -0.0223 -0.0118 0.0399  60  ILE A CG1 
312 C CG2 . ILE A 60  ? 0.4843 0.5594 0.5624 -0.0235 -0.0131 0.0324  60  ILE A CG2 
313 C CD1 . ILE A 60  ? 0.4940 0.5856 0.5298 -0.0215 -0.0149 0.0272  60  ILE A CD1 
314 N N   . ALA A 61  ? 0.5106 0.5764 0.6511 -0.0420 0.0046  0.0228  61  ALA A N   
315 C CA  . ALA A 61  ? 0.5029 0.5571 0.6762 -0.0476 0.0111  0.0141  61  ALA A CA  
316 C C   . ALA A 61  ? 0.5068 0.5706 0.6896 -0.0563 0.0111  -0.0115 61  ALA A C   
317 O O   . ALA A 61  ? 0.5146 0.5740 0.7096 -0.0582 0.0114  -0.0242 61  ALA A O   
318 C CB  . ALA A 61  ? 0.6008 0.6441 0.8001 -0.0509 0.0228  0.0267  61  ALA A CB  
319 N N   . ASP A 62  ? 0.4816 0.5629 0.6572 -0.0602 0.0101  -0.0199 62  ASP A N   
320 C CA  . ASP A 62  ? 0.5169 0.6150 0.6979 -0.0661 0.0087  -0.0436 62  ASP A CA  
321 C C   . ASP A 62  ? 0.5467 0.6480 0.7031 -0.0607 0.0012  -0.0504 62  ASP A C   
322 O O   . ASP A 62  ? 0.4634 0.5719 0.6285 -0.0651 0.0016  -0.0693 62  ASP A O   
323 C CB  . ASP A 62  ? 0.4909 0.6122 0.6647 -0.0676 0.0068  -0.0496 62  ASP A CB  
324 C CG  . ASP A 62  ? 0.6045 0.7289 0.8121 -0.0781 0.0175  -0.0525 62  ASP A CG  
325 O OD1 . ASP A 62  ? 0.5878 0.6928 0.8257 -0.0843 0.0278  -0.0504 62  ASP A OD1 
326 O OD2 . ASP A 62  ? 0.6120 0.7546 0.8157 -0.0787 0.0171  -0.0532 62  ASP A OD2 
327 N N   . VAL A 63  ? 0.5327 0.6289 0.6590 -0.0520 -0.0043 -0.0365 63  VAL A N   
328 C CA  . VAL A 63  ? 0.4243 0.5198 0.5282 -0.0479 -0.0082 -0.0416 63  VAL A CA  
329 C C   . VAL A 63  ? 0.4432 0.5260 0.5609 -0.0497 -0.0061 -0.0450 63  VAL A C   
330 O O   . VAL A 63  ? 0.4554 0.5419 0.5703 -0.0516 -0.0058 -0.0582 63  VAL A O   
331 C CB  . VAL A 63  ? 0.4737 0.5661 0.5456 -0.0394 -0.0120 -0.0289 63  VAL A CB  
332 C CG1 . VAL A 63  ? 0.4720 0.5574 0.5259 -0.0369 -0.0121 -0.0326 63  VAL A CG1 
333 C CG2 . VAL A 63  ? 0.5429 0.6510 0.6031 -0.0365 -0.0140 -0.0303 63  VAL A CG2 
334 N N   . GLU A 64  ? 0.4469 0.5170 0.5776 -0.0476 -0.0048 -0.0323 64  GLU A N   
335 C CA  . GLU A 64  ? 0.5025 0.5624 0.6505 -0.0472 -0.0031 -0.0348 64  GLU A CA  
336 C C   . GLU A 64  ? 0.5284 0.5894 0.7055 -0.0549 0.0025  -0.0534 64  GLU A C   
337 O O   . GLU A 64  ? 0.4746 0.5359 0.6560 -0.0564 0.0032  -0.0662 64  GLU A O   
338 C CB  . GLU A 64  ? 0.4987 0.5484 0.6593 -0.0415 -0.0020 -0.0163 64  GLU A CB  
339 C CG  . GLU A 64  ? 0.5428 0.5958 0.6784 -0.0336 -0.0079 -0.0021 64  GLU A CG  
340 C CD  . GLU A 64  ? 0.5998 0.6491 0.7443 -0.0258 -0.0074 0.0183  64  GLU A CD  
341 O OE1 . GLU A 64  ? 0.6573 0.6964 0.8278 -0.0258 -0.0016 0.0229  64  GLU A OE1 
342 O OE2 . GLU A 64  ? 0.6363 0.6928 0.7642 -0.0187 -0.0119 0.0305  64  GLU A OE2 
343 N N   . ASN A 65  ? 0.5538 0.6178 0.7510 -0.0610 0.0076  -0.0576 65  ASN A N   
344 C CA  . ASN A 65  ? 0.5146 0.5830 0.7418 -0.0702 0.0141  -0.0805 65  ASN A CA  
345 C C   . ASN A 65  ? 0.4947 0.5852 0.7061 -0.0736 0.0105  -0.1017 65  ASN A C   
346 O O   . ASN A 65  ? 0.4839 0.5786 0.7103 -0.0782 0.0137  -0.1207 65  ASN A O   
347 C CB  . ASN A 65  ? 0.5645 0.6326 0.8212 -0.0780 0.0224  -0.0828 65  ASN A CB  
348 C CG  . ASN A 65  ? 0.6798 0.7219 0.9581 -0.0742 0.0300  -0.0616 65  ASN A CG  
349 O OD1 . ASN A 65  ? 0.7399 0.7670 1.0245 -0.0671 0.0300  -0.0530 65  ASN A OD1 
350 N ND2 . ASN A 65  ? 0.7321 0.7707 1.0208 -0.0775 0.0365  -0.0515 65  ASN A ND2 
351 N N   . ALA A 66  ? 0.4677 0.5733 0.6475 -0.0700 0.0042  -0.0980 66  ALA A N   
352 C CA  . ALA A 66  ? 0.4699 0.5969 0.6322 -0.0703 0.0014  -0.1140 66  ALA A CA  
353 C C   . ALA A 66  ? 0.5324 0.6516 0.6777 -0.0669 0.0011  -0.1137 66  ALA A C   
354 O O   . ALA A 66  ? 0.5041 0.6383 0.6440 -0.0693 0.0025  -0.1309 66  ALA A O   
355 C CB  . ALA A 66  ? 0.4783 0.6210 0.6099 -0.0637 -0.0047 -0.1061 66  ALA A CB  
356 N N   . ILE A 67  ? 0.4852 0.5851 0.6177 -0.0611 -0.0004 -0.0951 67  ILE A N   
357 C CA  . ILE A 67  ? 0.4378 0.5308 0.5591 -0.0596 0.0010  -0.0969 67  ILE A CA  
358 C C   . ILE A 67  ? 0.4282 0.5202 0.5799 -0.0652 0.0058  -0.1134 67  ILE A C   
359 O O   . ILE A 67  ? 0.4735 0.5729 0.6206 -0.0679 0.0089  -0.1272 67  ILE A O   
360 C CB  . ILE A 67  ? 0.4495 0.5261 0.5599 -0.0537 -0.0012 -0.0783 67  ILE A CB  
361 C CG1 . ILE A 67  ? 0.4432 0.5206 0.5209 -0.0483 -0.0038 -0.0661 67  ILE A CG1 
362 C CG2 . ILE A 67  ? 0.4815 0.5531 0.5903 -0.0544 0.0018  -0.0844 67  ILE A CG2 
363 C CD1 . ILE A 67  ? 0.5247 0.5910 0.5961 -0.0436 -0.0060 -0.0512 67  ILE A CD1 
364 N N   . LYS A 68  ? 0.4935 0.5743 0.6768 -0.0661 0.0077  -0.1101 68  LYS A N   
365 C CA  . LYS A 68  ? 0.5044 0.5809 0.7199 -0.0695 0.0130  -0.1241 68  LYS A CA  
366 C C   . LYS A 68  ? 0.5200 0.6146 0.7511 -0.0788 0.0180  -0.1523 68  LYS A C   
367 O O   . LYS A 68  ? 0.5518 0.6503 0.7984 -0.0822 0.0227  -0.1702 68  LYS A O   
368 C CB  . LYS A 68  ? 0.5285 0.5884 0.7741 -0.0670 0.0158  -0.1130 68  LYS A CB  
369 C CG  . LYS A 68  ? 0.5901 0.6377 0.8287 -0.0569 0.0115  -0.0908 68  LYS A CG  
370 C CD  . LYS A 68  ? 0.6496 0.6822 0.9139 -0.0534 0.0155  -0.0752 68  LYS A CD  
371 C CE  . LYS A 68  ? 0.6789 0.7026 0.9426 -0.0411 0.0119  -0.0527 68  LYS A CE  
372 N NZ  . LYS A 68  ? 0.7187 0.7313 0.9917 -0.0373 0.0155  -0.0322 68  LYS A NZ  
373 N N   . ALA A 69  ? 0.5237 0.6329 0.7514 -0.0825 0.0170  -0.1572 69  ALA A N   
374 C CA  . ALA A 69  ? 0.5779 0.7126 0.8177 -0.0910 0.0201  -0.1857 69  ALA A CA  
375 C C   . ALA A 69  ? 0.5769 0.7333 0.7812 -0.0887 0.0172  -0.1942 69  ALA A C   
376 O O   . ALA A 69  ? 0.5428 0.7146 0.7571 -0.0941 0.0215  -0.2173 69  ALA A O   
377 C CB  . ALA A 69  ? 0.5977 0.7480 0.8440 -0.0950 0.0190  -0.1897 69  ALA A CB  
378 N N   . LYS A 70  ? 0.5232 0.6787 0.6871 -0.0806 0.0117  -0.1749 70  LYS A N   
379 C CA  . LYS A 70  ? 0.5977 0.7672 0.7284 -0.0776 0.0123  -0.1786 70  LYS A CA  
380 C C   . LYS A 70  ? 0.5755 0.7349 0.7107 -0.0800 0.0184  -0.1846 70  LYS A C   
381 O O   . LYS A 70  ? 0.5729 0.7517 0.7033 -0.0835 0.0231  -0.2030 70  LYS A O   
382 C CB  . LYS A 70  ? 0.6427 0.8053 0.7341 -0.0682 0.0084  -0.1554 70  LYS A CB  
383 C CG  . LYS A 70  ? 0.8479 1.0352 0.9240 -0.0639 0.0033  -0.1565 70  LYS A CG  
384 C CD  . LYS A 70  ? 0.9777 1.1727 1.0096 -0.0544 0.0039  -0.1460 70  LYS A CD  
385 C CE  . LYS A 70  ? 1.0521 1.2704 1.0663 -0.0456 -0.0033 -0.1410 70  LYS A CE  
386 N NZ  . LYS A 70  ? 1.1307 1.3912 1.1455 -0.0471 -0.0047 -0.1648 70  LYS A NZ  
387 N N   . LEU A 71  ? 0.5745 0.7083 0.7238 -0.0784 0.0187  -0.1719 71  LEU A N   
388 C CA  . LEU A 71  ? 0.5751 0.7012 0.7351 -0.0803 0.0240  -0.1783 71  LEU A CA  
389 C C   . LEU A 71  ? 0.5946 0.7295 0.7947 -0.0874 0.0295  -0.2048 71  LEU A C   
390 O O   . LEU A 71  ? 0.5927 0.7347 0.7966 -0.0907 0.0352  -0.2196 71  LEU A O   
391 C CB  . LEU A 71  ? 0.5500 0.6530 0.7183 -0.0753 0.0215  -0.1602 71  LEU A CB  
392 C CG  . LEU A 71  ? 0.5762 0.6707 0.7086 -0.0703 0.0195  -0.1409 71  LEU A CG  
393 C CD1 . LEU A 71  ? 0.5856 0.6648 0.7302 -0.0651 0.0149  -0.1256 71  LEU A CD1 
394 C CD2 . LEU A 71  ? 0.6423 0.7400 0.7556 -0.0729 0.0269  -0.1472 71  LEU A CD2 
395 N N   . GLY A 72  ? 0.5875 0.7177 0.8203 -0.0897 0.0294  -0.2090 72  GLY A N   
396 C CA  . GLY A 72  ? 0.6391 0.7765 0.9143 -0.0974 0.0366  -0.2365 72  GLY A CA  
397 C C   . GLY A 72  ? 0.6102 0.7813 0.8746 -0.1042 0.0396  -0.2640 72  GLY A C   
398 O O   . GLY A 72  ? 0.6608 0.8408 0.9464 -0.1095 0.0463  -0.2873 72  GLY A O   
399 N N   . GLU A 73  ? 0.6574 0.8492 0.8863 -0.1026 0.0343  -0.2602 73  GLU A N   
400 C CA  . GLU A 73  ? 0.7389 0.9690 0.9520 -0.1064 0.0354  -0.2836 73  GLU A CA  
401 C C   . GLU A 73  ? 0.7569 0.9941 0.9474 -0.1056 0.0407  -0.2880 73  GLU A C   
402 O O   . GLU A 73  ? 0.7041 0.9746 0.8900 -0.1099 0.0442  -0.3126 73  GLU A O   
403 C CB  . GLU A 73  ? 0.7229 0.9776 0.8999 -0.1010 0.0278  -0.2760 73  GLU A CB  
404 C CG  . GLU A 73  ? 0.8430 1.1042 1.0459 -0.1048 0.0242  -0.2819 73  GLU A CG  
405 C CD  . GLU A 73  ? 0.8676 1.1401 1.0340 -0.0954 0.0150  -0.2621 73  GLU A CD  
406 O OE1 . GLU A 73  ? 0.8466 1.1294 0.9682 -0.0859 0.0120  -0.2491 73  GLU A OE1 
407 O OE2 . GLU A 73  ? 1.0518 1.3220 1.2348 -0.0970 0.0121  -0.2585 73  GLU A OE2 
408 N N   . ARG A 74  ? 0.6806 0.8913 0.8587 -0.1009 0.0420  -0.2670 74  ARG A N   
409 C CA  . ARG A 74  ? 0.6749 0.8906 0.8337 -0.1018 0.0495  -0.2708 74  ARG A CA  
410 C C   . ARG A 74  ? 0.6315 0.8326 0.8296 -0.1059 0.0553  -0.2825 74  ARG A C   
411 O O   . ARG A 74  ? 0.6472 0.8484 0.8362 -0.1070 0.0620  -0.2844 74  ARG A O   
412 C CB  . ARG A 74  ? 0.7583 0.9559 0.8770 -0.0948 0.0490  -0.2412 74  ARG A CB  
413 C CG  . ARG A 74  ? 0.9008 1.1120 0.9803 -0.0880 0.0442  -0.2282 74  ARG A CG  
414 C CD  . ARG A 74  ? 0.9832 1.1870 1.0193 -0.0830 0.0510  -0.2093 74  ARG A CD  
415 N NE  . ARG A 74  ? 1.1033 1.3269 1.1006 -0.0740 0.0477  -0.1992 74  ARG A NE  
416 C CZ  . ARG A 74  ? 1.1582 1.3741 1.1135 -0.0659 0.0537  -0.1774 74  ARG A CZ  
417 N NH1 . ARG A 74  ? 1.2577 1.4942 1.1816 -0.0548 0.0491  -0.1677 74  ARG A NH1 
418 N NH2 . ARG A 74  ? 1.0276 1.2160 0.9745 -0.0684 0.0648  -0.1655 74  ARG A NH2 
419 N N   . GLY A 75  ? 0.5619 0.7482 0.8029 -0.1066 0.0535  -0.2866 75  GLY A N   
420 C CA  . GLY A 75  ? 0.5814 0.7562 0.8638 -0.1077 0.0588  -0.2982 75  GLY A CA  
421 C C   . GLY A 75  ? 0.6349 0.7816 0.9297 -0.0999 0.0550  -0.2757 75  GLY A C   
422 O O   . GLY A 75  ? 0.5934 0.7333 0.9201 -0.0983 0.0589  -0.2838 75  GLY A O   
423 N N   . TYR A 76  ? 0.6584 0.7918 0.9280 -0.0941 0.0472  -0.2481 76  TYR A N   
424 C CA  . TYR A 76  ? 0.6179 0.7293 0.8957 -0.0855 0.0421  -0.2255 76  TYR A CA  
425 C C   . TYR A 76  ? 0.6780 0.7744 0.9827 -0.0817 0.0392  -0.2160 76  TYR A C   
426 O O   . TYR A 76  ? 0.6325 0.7212 0.9205 -0.0784 0.0333  -0.1959 76  TYR A O   
427 C CB  . TYR A 76  ? 0.5862 0.6929 0.8224 -0.0820 0.0368  -0.2029 76  TYR A CB  
428 C CG  . TYR A 76  ? 0.5729 0.6882 0.7826 -0.0854 0.0423  -0.2076 76  TYR A CG  
429 C CD1 . TYR A 76  ? 0.5946 0.7085 0.8168 -0.0852 0.0461  -0.2121 76  TYR A CD1 
430 C CD2 . TYR A 76  ? 0.5553 0.6804 0.7281 -0.0882 0.0449  -0.2066 76  TYR A CD2 
431 C CE1 . TYR A 76  ? 0.5653 0.6850 0.7635 -0.0901 0.0539  -0.2155 76  TYR A CE1 
432 C CE2 . TYR A 76  ? 0.5518 0.6813 0.6995 -0.0913 0.0532  -0.2082 76  TYR A CE2 
433 C CZ  . TYR A 76  ? 0.5551 0.6801 0.7161 -0.0933 0.0585  -0.2125 76  TYR A CZ  
434 O OH  . TYR A 76  ? 0.6000 0.7275 0.7353 -0.0979 0.0694  -0.2131 76  TYR A OH  
435 N N   . GLY A 77  ? 0.6557 0.7469 1.0044 -0.0820 0.0452  -0.2303 77  GLY A N   
436 C CA  . GLY A 77  ? 0.7273 0.8023 1.1067 -0.0803 0.0471  -0.2241 77  GLY A CA  
437 C C   . GLY A 77  ? 0.7682 0.8207 1.1582 -0.0673 0.0429  -0.1951 77  GLY A C   
438 O O   . GLY A 77  ? 0.7995 0.8366 1.2082 -0.0652 0.0454  -0.1839 77  GLY A O   
439 N N   . SER A 78  ? 0.7834 0.8366 1.1638 -0.0586 0.0375  -0.1839 78  SER A N   
440 C CA  . SER A 78  ? 0.8104 0.8511 1.1945 -0.0445 0.0316  -0.1566 78  SER A CA  
441 C C   . SER A 78  ? 0.7867 0.8337 1.1273 -0.0420 0.0219  -0.1375 78  SER A C   
442 O O   . SER A 78  ? 0.6650 0.7127 1.0024 -0.0313 0.0156  -0.1214 78  SER A O   
443 C CB  . SER A 78  ? 0.8716 0.9155 1.2818 -0.0348 0.0318  -0.1616 78  SER A CB  
444 O OG  . SER A 78  ? 1.0469 1.0828 1.5008 -0.0366 0.0421  -0.1801 78  SER A OG  
445 N N   . ALA A 79  ? 0.7183 0.7721 1.0267 -0.0511 0.0210  -0.1407 79  ALA A N   
446 C CA  . ALA A 79  ? 0.6531 0.7104 0.9243 -0.0492 0.0141  -0.1252 79  ALA A CA  
447 C C   . ALA A 79  ? 0.6522 0.7001 0.9221 -0.0396 0.0085  -0.0990 79  ALA A C   
448 O O   . ALA A 79  ? 0.5791 0.6164 0.8656 -0.0390 0.0115  -0.0921 79  ALA A O   
449 C CB  . ALA A 79  ? 0.6091 0.6732 0.8508 -0.0584 0.0155  -0.1318 79  ALA A CB  
450 N N   . THR A 80  ? 0.6000 0.6535 0.8503 -0.0329 0.0017  -0.0858 80  THR A N   
451 C CA  . THR A 80  ? 0.5771 0.6269 0.8197 -0.0239 -0.0038 -0.0614 80  THR A CA  
452 C C   . THR A 80  ? 0.5071 0.5621 0.7135 -0.0276 -0.0074 -0.0559 80  THR A C   
453 O O   . THR A 80  ? 0.5204 0.5810 0.7071 -0.0339 -0.0064 -0.0673 80  THR A O   
454 C CB  . THR A 80  ? 0.6427 0.7009 0.8963 -0.0104 -0.0097 -0.0514 80  THR A CB  
455 O OG1 . THR A 80  ? 0.5828 0.6561 0.8247 -0.0138 -0.0120 -0.0657 80  THR A OG1 
456 C CG2 . THR A 80  ? 0.6522 0.7027 0.9440 -0.0039 -0.0054 -0.0536 80  THR A CG2 
457 N N   . VAL A 81  ? 0.5240 0.5752 0.7222 -0.0237 -0.0096 -0.0381 81  VAL A N   
458 C CA  . VAL A 81  ? 0.5103 0.5662 0.6774 -0.0253 -0.0127 -0.0317 81  VAL A CA  
459 C C   . VAL A 81  ? 0.5738 0.6338 0.7372 -0.0152 -0.0175 -0.0110 81  VAL A C   
460 O O   . VAL A 81  ? 0.5775 0.6298 0.7568 -0.0112 -0.0150 0.0016  81  VAL A O   
461 C CB  . VAL A 81  ? 0.5088 0.5606 0.6650 -0.0328 -0.0094 -0.0339 81  VAL A CB  
462 C CG1 . VAL A 81  ? 0.5167 0.5734 0.6407 -0.0320 -0.0126 -0.0271 81  VAL A CG1 
463 C CG2 . VAL A 81  ? 0.5155 0.5685 0.6739 -0.0412 -0.0050 -0.0539 81  VAL A CG2 
464 N N   . ASN A 82  ? 0.5221 0.5950 0.6652 -0.0116 -0.0229 -0.0079 82  ASN A N   
465 C CA  . ASN A 82  ? 0.5135 0.5967 0.6489 -0.0019 -0.0279 0.0103  82  ASN A CA  
466 C C   . ASN A 82  ? 0.5175 0.6075 0.6250 -0.0053 -0.0293 0.0096  82  ASN A C   
467 O O   . ASN A 82  ? 0.4873 0.5821 0.5839 -0.0101 -0.0293 -0.0046 82  ASN A O   
468 C CB  . ASN A 82  ? 0.6309 0.7324 0.7753 0.0087  -0.0343 0.0105  82  ASN A CB  
469 C CG  . ASN A 82  ? 0.7571 0.8510 0.9331 0.0154  -0.0325 0.0131  82  ASN A CG  
470 O OD1 . ASN A 82  ? 0.8369 0.9298 1.0279 0.0112  -0.0307 -0.0045 82  ASN A OD1 
471 N ND2 . ASN A 82  ? 0.7918 0.8763 0.9795 0.0244  -0.0301 0.0345  82  ASN A ND2 
472 N N   . SER A 83  ? 0.4661 0.5557 0.5643 -0.0031 -0.0288 0.0241  83  SER A N   
473 C CA  . SER A 83  ? 0.5129 0.6069 0.5878 -0.0064 -0.0288 0.0227  83  SER A CA  
474 C C   . SER A 83  ? 0.5348 0.6507 0.5984 0.0016  -0.0345 0.0284  83  SER A C   
475 O O   . SER A 83  ? 0.5459 0.6701 0.6123 0.0101  -0.0365 0.0453  83  SER A O   
476 C CB  . SER A 83  ? 0.5623 0.6485 0.6361 -0.0089 -0.0245 0.0334  83  SER A CB  
477 O OG  . SER A 83  ? 0.5824 0.6561 0.6632 -0.0173 -0.0205 0.0200  83  SER A OG  
478 N N   . VAL A 84  ? 0.4781 0.6036 0.5278 -0.0016 -0.0354 0.0147  84  VAL A N   
479 C CA  . VAL A 84  ? 0.4430 0.5947 0.4842 0.0042  -0.0408 0.0133  84  VAL A CA  
480 C C   . VAL A 84  ? 0.4519 0.6068 0.4736 0.0009  -0.0380 0.0101  84  VAL A C   
481 O O   . VAL A 84  ? 0.4896 0.6304 0.5049 -0.0069 -0.0323 -0.0024 84  VAL A O   
482 C CB  . VAL A 84  ? 0.4280 0.5917 0.4782 0.0018  -0.0427 -0.0070 84  VAL A CB  
483 C CG1 . VAL A 84  ? 0.4614 0.6593 0.5053 0.0074  -0.0487 -0.0129 84  VAL A CG1 
484 C CG2 . VAL A 84  ? 0.4785 0.6398 0.5496 0.0057  -0.0449 -0.0053 84  VAL A CG2 
485 N N   . PRO A 85  ? 0.4933 0.6675 0.5047 0.0075  -0.0410 0.0212  85  PRO A N   
486 C CA  . PRO A 85  ? 0.4761 0.6575 0.4710 0.0054  -0.0383 0.0168  85  PRO A CA  
487 C C   . PRO A 85  ? 0.5394 0.7438 0.5291 0.0038  -0.0397 -0.0036 85  PRO A C   
488 O O   . PRO A 85  ? 0.5502 0.7753 0.5483 0.0058  -0.0448 -0.0146 85  PRO A O   
489 C CB  . PRO A 85  ? 0.5863 0.7812 0.5748 0.0131  -0.0399 0.0376  85  PRO A CB  
490 C CG  . PRO A 85  ? 0.5921 0.8077 0.5874 0.0231  -0.0472 0.0448  85  PRO A CG  
491 C CD  . PRO A 85  ? 0.5488 0.7422 0.5635 0.0195  -0.0467 0.0395  85  PRO A CD  
492 N N   . ASP A 86  ? 0.4945 0.6956 0.4740 -0.0006 -0.0342 -0.0126 86  ASP A N   
493 C CA  . ASP A 86  ? 0.5666 0.7873 0.5419 -0.0036 -0.0323 -0.0335 86  ASP A CA  
494 C C   . ASP A 86  ? 0.5878 0.8172 0.5492 -0.0013 -0.0298 -0.0290 86  ASP A C   
495 O O   . ASP A 86  ? 0.5329 0.7397 0.4907 -0.0047 -0.0226 -0.0301 86  ASP A O   
496 C CB  . ASP A 86  ? 0.5748 0.7710 0.5570 -0.0133 -0.0233 -0.0524 86  ASP A CB  
497 C CG  . ASP A 86  ? 0.6896 0.9007 0.6733 -0.0189 -0.0176 -0.0780 86  ASP A CG  
498 O OD1 . ASP A 86  ? 0.6942 0.9399 0.6748 -0.0157 -0.0226 -0.0848 86  ASP A OD1 
499 O OD2 . ASP A 86  ? 0.7962 0.9829 0.7862 -0.0275 -0.0063 -0.0929 86  ASP A OD2 
500 N N   . PHE A 87  ? 0.5401 0.8043 0.4931 0.0058  -0.0357 -0.0230 87  PHE A N   
501 C CA  . PHE A 87  ? 0.5665 0.8441 0.5061 0.0084  -0.0332 -0.0176 87  PHE A CA  
502 C C   . PHE A 87  ? 0.6086 0.9045 0.5445 0.0042  -0.0286 -0.0435 87  PHE A C   
503 O O   . PHE A 87  ? 0.6699 0.9872 0.6118 0.0014  -0.0304 -0.0655 87  PHE A O   
504 C CB  . PHE A 87  ? 0.6146 0.9237 0.5446 0.0186  -0.0399 0.0016  87  PHE A CB  
505 C CG  . PHE A 87  ? 0.6057 0.8952 0.5389 0.0231  -0.0401 0.0304  87  PHE A CG  
506 C CD1 . PHE A 87  ? 0.6382 0.9220 0.5826 0.0275  -0.0451 0.0398  87  PHE A CD1 
507 C CD2 . PHE A 87  ? 0.6154 0.8972 0.5423 0.0234  -0.0343 0.0472  87  PHE A CD2 
508 C CE1 . PHE A 87  ? 0.6418 0.9063 0.5931 0.0314  -0.0432 0.0656  87  PHE A CE1 
509 C CE2 . PHE A 87  ? 0.6720 0.9339 0.6064 0.0252  -0.0317 0.0716  87  PHE A CE2 
510 C CZ  . PHE A 87  ? 0.6424 0.8940 0.5897 0.0289  -0.0356 0.0801  87  PHE A CZ  
511 N N   . ASP A 88  ? 0.6236 0.9101 0.5533 0.0029  -0.0215 -0.0436 88  ASP A N   
512 C CA  . ASP A 88  ? 0.6726 0.9732 0.6001 -0.0004 -0.0148 -0.0669 88  ASP A CA  
513 C C   . ASP A 88  ? 0.7311 1.0564 0.6442 0.0055  -0.0156 -0.0540 88  ASP A C   
514 O O   . ASP A 88  ? 0.6509 0.9570 0.5620 0.0062  -0.0109 -0.0419 88  ASP A O   
515 C CB  . ASP A 88  ? 0.6633 0.9261 0.5983 -0.0056 -0.0036 -0.0781 88  ASP A CB  
516 C CG  . ASP A 88  ? 0.7293 1.0057 0.6663 -0.0085 0.0051  -0.1038 88  ASP A CG  
517 O OD1 . ASP A 88  ? 0.8129 1.1278 0.7417 -0.0061 0.0026  -0.1097 88  ASP A OD1 
518 O OD2 . ASP A 88  ? 0.6934 0.9416 0.6400 -0.0126 0.0161  -0.1178 88  ASP A OD2 
519 N N   . ASP A 89  ? 0.7618 1.1328 0.6647 0.0105  -0.0218 -0.0553 89  ASP A N   
520 C CA  . ASP A 89  ? 0.7667 1.1642 0.6528 0.0171  -0.0219 -0.0374 89  ASP A CA  
521 C C   . ASP A 89  ? 0.7565 1.1646 0.6392 0.0140  -0.0135 -0.0558 89  ASP A C   
522 O O   . ASP A 89  ? 0.7728 1.1800 0.6484 0.0158  -0.0088 -0.0427 89  ASP A O   
523 C CB  . ASP A 89  ? 0.7826 1.2265 0.6566 0.0255  -0.0309 -0.0316 89  ASP A CB  
524 C CG  . ASP A 89  ? 0.8085 1.2413 0.6840 0.0325  -0.0377 -0.0034 89  ASP A CG  
525 O OD1 . ASP A 89  ? 0.7571 1.1587 0.6352 0.0334  -0.0345 0.0227  89  ASP A OD1 
526 O OD2 . ASP A 89  ? 0.8409 1.3020 0.7162 0.0380  -0.0464 -0.0086 89  ASP A OD2 
527 N N   . ALA A 90  ? 0.7904 1.2018 0.6828 0.0079  -0.0094 -0.0881 90  ALA A N   
528 C CA  . ALA A 90  ? 0.7788 1.1885 0.6744 0.0045  0.0015  -0.1080 90  ALA A CA  
529 C C   . ALA A 90  ? 0.8599 1.2299 0.7598 0.0052  0.0086  -0.0947 90  ALA A C   
530 O O   . ALA A 90  ? 0.9163 1.2985 0.8105 0.0076  0.0136  -0.0930 90  ALA A O   
531 C CB  . ALA A 90  ? 0.8426 1.2454 0.7555 -0.0036 0.0082  -0.1439 90  ALA A CB  
532 N N   . ASN A 91  ? 0.8198 1.1456 0.7305 0.0034  0.0095  -0.0875 91  ASN A N   
533 C CA  . ASN A 91  ? 0.7604 1.0506 0.6758 0.0056  0.0149  -0.0758 91  ASN A CA  
534 C C   . ASN A 91  ? 0.6875 0.9705 0.5984 0.0086  0.0098  -0.0466 91  ASN A C   
535 O O   . ASN A 91  ? 0.6996 0.9607 0.6156 0.0105  0.0130  -0.0398 91  ASN A O   
536 C CB  . ASN A 91  ? 0.8416 1.0920 0.7692 0.0030  0.0204  -0.0855 91  ASN A CB  
537 C CG  . ASN A 91  ? 0.9394 1.1949 0.8755 -0.0012 0.0294  -0.1158 91  ASN A CG  
538 O OD1 . ASN A 91  ? 1.1071 1.3870 1.0417 -0.0003 0.0335  -0.1289 91  ASN A OD1 
539 N ND2 . ASN A 91  ? 1.0968 1.3354 1.0431 -0.0070 0.0329  -0.1291 91  ASN A ND2 
540 N N   . LYS A 92  ? 0.6334 0.9349 0.5369 0.0094  0.0025  -0.0310 92  LYS A N   
541 C CA  . LYS A 92  ? 0.7006 0.9937 0.6039 0.0108  -0.0004 -0.0045 92  LYS A CA  
542 C C   . LYS A 92  ? 0.6213 0.8748 0.5369 0.0086  -0.0010 -0.0005 92  LYS A C   
543 O O   . LYS A 92  ? 0.5984 0.8393 0.5191 0.0088  0.0015  0.0088  92  LYS A O   
544 C CB  . LYS A 92  ? 0.8046 1.1123 0.7030 0.0122  0.0051  0.0051  92  LYS A CB  
545 C CG  . LYS A 92  ? 0.8318 1.1822 0.7154 0.0146  0.0064  0.0003  92  LYS A CG  
546 C CD  . LYS A 92  ? 0.9880 1.3538 0.8651 0.0157  0.0119  0.0196  92  LYS A CD  
547 C CE  . LYS A 92  ? 1.1547 1.5660 1.0145 0.0186  0.0146  0.0122  92  LYS A CE  
548 N NZ  . LYS A 92  ? 1.2523 1.6790 1.1007 0.0214  0.0172  0.0418  92  LYS A NZ  
549 N N   . THR A 93  ? 0.6011 0.8410 0.5214 0.0065  -0.0038 -0.0103 93  THR A N   
550 C CA  . THR A 93  ? 0.5237 0.7307 0.4528 0.0045  -0.0047 -0.0063 93  THR A CA  
551 C C   . THR A 93  ? 0.5766 0.7846 0.5094 0.0030  -0.0111 -0.0026 93  THR A C   
552 O O   . THR A 93  ? 0.5838 0.8176 0.5128 0.0043  -0.0150 -0.0068 93  THR A O   
553 C CB  . THR A 93  ? 0.5401 0.7248 0.4725 0.0037  0.0016  -0.0222 93  THR A CB  
554 O OG1 . THR A 93  ? 0.5633 0.7533 0.4976 0.0001  0.0035  -0.0410 93  THR A OG1 
555 C CG2 . THR A 93  ? 0.5994 0.7840 0.5302 0.0078  0.0080  -0.0264 93  THR A CG2 
556 N N   . LEU A 94  ? 0.5733 0.7583 0.5141 0.0014  -0.0126 0.0056  94  LEU A N   
557 C CA  . LEU A 94  ? 0.5271 0.7064 0.4751 -0.0004 -0.0172 0.0044  94  LEU A CA  
558 C C   . LEU A 94  ? 0.5212 0.6705 0.4753 -0.0039 -0.0141 -0.0001 94  LEU A C   
559 O O   . LEU A 94  ? 0.4897 0.6258 0.4434 -0.0032 -0.0114 0.0050  94  LEU A O   
560 C CB  . LEU A 94  ? 0.5581 0.7468 0.5101 0.0028  -0.0224 0.0226  94  LEU A CB  
561 C CG  . LEU A 94  ? 0.5631 0.7334 0.5237 0.0013  -0.0207 0.0362  94  LEU A CG  
562 C CD1 . LEU A 94  ? 0.6017 0.7685 0.5737 0.0029  -0.0237 0.0486  94  LEU A CD1 
563 C CD2 . LEU A 94  ? 0.6083 0.7875 0.5648 0.0023  -0.0167 0.0466  94  LEU A CD2 
564 N N   . ALA A 95  ? 0.4827 0.6260 0.4418 -0.0071 -0.0141 -0.0107 95  ALA A N   
565 C CA  . ALA A 95  ? 0.4718 0.5910 0.4360 -0.0106 -0.0110 -0.0140 95  ALA A CA  
566 C C   . ALA A 95  ? 0.5028 0.6232 0.4771 -0.0110 -0.0168 -0.0063 95  ALA A C   
567 O O   . ALA A 95  ? 0.4808 0.6194 0.4601 -0.0091 -0.0223 -0.0052 95  ALA A O   
568 C CB  . ALA A 95  ? 0.4896 0.5991 0.4545 -0.0151 -0.0036 -0.0318 95  ALA A CB  
569 N N   . ILE A 96  ? 0.4296 0.5326 0.4082 -0.0126 -0.0157 -0.0019 96  ILE A N   
570 C CA  . ILE A 96  ? 0.4355 0.5367 0.4277 -0.0138 -0.0194 0.0022  96  ILE A CA  
571 C C   . ILE A 96  ? 0.4103 0.4981 0.4068 -0.0185 -0.0159 -0.0095 96  ILE A C   
572 O O   . ILE A 96  ? 0.4233 0.4959 0.4113 -0.0206 -0.0096 -0.0146 96  ILE A O   
573 C CB  . ILE A 96  ? 0.4891 0.5846 0.4881 -0.0137 -0.0198 0.0127  96  ILE A CB  
574 C CG1 . ILE A 96  ? 0.5440 0.6527 0.5454 -0.0101 -0.0220 0.0266  96  ILE A CG1 
575 C CG2 . ILE A 96  ? 0.5017 0.5924 0.5174 -0.0154 -0.0214 0.0138  96  ILE A CG2 
576 C CD1 . ILE A 96  ? 0.5714 0.6897 0.5825 -0.0059 -0.0258 0.0354  96  ILE A CD1 
577 N N   . THR A 97  ? 0.3894 0.4839 0.3980 -0.0194 -0.0189 -0.0139 97  THR A N   
578 C CA  . THR A 97  ? 0.3727 0.4577 0.3879 -0.0244 -0.0150 -0.0249 97  THR A CA  
579 C C   . THR A 97  ? 0.4052 0.4892 0.4367 -0.0235 -0.0186 -0.0200 97  THR A C   
580 O O   . THR A 97  ? 0.4132 0.5097 0.4568 -0.0186 -0.0245 -0.0141 97  THR A O   
581 C CB  . THR A 97  ? 0.3784 0.4773 0.3993 -0.0267 -0.0147 -0.0392 97  THR A CB  
582 O OG1 . THR A 97  ? 0.4013 0.4965 0.4099 -0.0293 -0.0082 -0.0465 97  THR A OG1 
583 C CG2 . THR A 97  ? 0.4092 0.4993 0.4393 -0.0329 -0.0093 -0.0508 97  THR A CG2 
584 N N   . LEU A 98  ? 0.3922 0.4627 0.4253 -0.0275 -0.0146 -0.0229 98  LEU A N   
585 C CA  . LEU A 98  ? 0.4243 0.4938 0.4763 -0.0278 -0.0163 -0.0225 98  LEU A CA  
586 C C   . LEU A 98  ? 0.4091 0.4784 0.4701 -0.0315 -0.0135 -0.0356 98  LEU A C   
587 O O   . LEU A 98  ? 0.4220 0.4828 0.4745 -0.0371 -0.0067 -0.0450 98  LEU A O   
588 C CB  . LEU A 98  ? 0.4663 0.5277 0.5162 -0.0309 -0.0134 -0.0230 98  LEU A CB  
589 C CG  . LEU A 98  ? 0.5595 0.6227 0.5995 -0.0287 -0.0144 -0.0136 98  LEU A CG  
590 C CD1 . LEU A 98  ? 0.6401 0.7035 0.6862 -0.0318 -0.0129 -0.0179 98  LEU A CD1 
591 C CD2 . LEU A 98  ? 0.6608 0.7286 0.7157 -0.0259 -0.0176 -0.0037 98  LEU A CD2 
592 N N   . VAL A 99  ? 0.4173 0.4972 0.4959 -0.0275 -0.0183 -0.0353 99  VAL A N   
593 C CA  . VAL A 99  ? 0.4278 0.5131 0.5202 -0.0299 -0.0166 -0.0490 99  VAL A CA  
594 C C   . VAL A 99  ? 0.4384 0.5168 0.5500 -0.0312 -0.0148 -0.0525 99  VAL A C   
595 O O   . VAL A 99  ? 0.4586 0.5384 0.5890 -0.0248 -0.0187 -0.0444 99  VAL A O   
596 C CB  . VAL A 99  ? 0.4163 0.5230 0.5199 -0.0224 -0.0240 -0.0483 99  VAL A CB  
597 C CG1 . VAL A 99  ? 0.4312 0.5471 0.5541 -0.0245 -0.0226 -0.0643 99  VAL A CG1 
598 C CG2 . VAL A 99  ? 0.4522 0.5701 0.5379 -0.0221 -0.0255 -0.0486 99  VAL A CG2 
599 N N   . VAL A 100 ? 0.4588 0.5298 0.5655 -0.0392 -0.0073 -0.0648 100 VAL A N   
600 C CA  . VAL A 100 ? 0.4523 0.5193 0.5743 -0.0424 -0.0039 -0.0728 100 VAL A CA  
601 C C   . VAL A 100 ? 0.5104 0.5849 0.6505 -0.0444 -0.0013 -0.0871 100 VAL A C   
602 O O   . VAL A 100 ? 0.4435 0.5211 0.5748 -0.0496 0.0038  -0.0964 100 VAL A O   
603 C CB  . VAL A 100 ? 0.4454 0.5054 0.5464 -0.0489 0.0027  -0.0774 100 VAL A CB  
604 C CG1 . VAL A 100 ? 0.5060 0.5678 0.6208 -0.0531 0.0065  -0.0897 100 VAL A CG1 
605 C CG2 . VAL A 100 ? 0.4760 0.5331 0.5634 -0.0457 -0.0010 -0.0647 100 VAL A CG2 
606 N N   . ASP A 101 ? 0.4976 0.5744 0.6650 -0.0406 -0.0031 -0.0898 101 ASP A N   
607 C CA  . ASP A 101 ? 0.5533 0.6359 0.7388 -0.0445 0.0021  -0.1076 101 ASP A CA  
608 C C   . ASP A 101 ? 0.5196 0.5976 0.7211 -0.0487 0.0075  -0.1185 101 ASP A C   
609 O O   . ASP A 101 ? 0.5284 0.6024 0.7538 -0.0437 0.0055  -0.1151 101 ASP A O   
610 C CB  . ASP A 101 ? 0.5873 0.6822 0.7980 -0.0347 -0.0042 -0.1062 101 ASP A CB  
611 C CG  . ASP A 101 ? 0.6637 0.7685 0.8962 -0.0374 0.0004  -0.1254 101 ASP A CG  
612 O OD1 . ASP A 101 ? 0.6818 0.7862 0.9062 -0.0488 0.0099  -0.1411 101 ASP A OD1 
613 O OD2 . ASP A 101 ? 0.7735 0.8873 1.0309 -0.0269 -0.0051 -0.1231 101 ASP A OD2 
614 N N   . ALA A 102 ? 0.5779 0.6567 0.7647 -0.0581 0.0155  -0.1313 102 ALA A N   
615 C CA  . ALA A 102 ? 0.5737 0.6547 0.7713 -0.0635 0.0212  -0.1459 102 ALA A CA  
616 C C   . ALA A 102 ? 0.6042 0.6896 0.8409 -0.0616 0.0229  -0.1594 102 ALA A C   
617 O O   . ALA A 102 ? 0.6320 0.7152 0.8898 -0.0623 0.0247  -0.1666 102 ALA A O   
618 C CB  . ALA A 102 ? 0.5774 0.6629 0.7478 -0.0720 0.0302  -0.1556 102 ALA A CB  
619 N N   . GLY A 103 ? 0.6536 0.7458 0.9039 -0.0581 0.0222  -0.1631 103 GLY A N   
620 C CA  . GLY A 103 ? 0.6852 0.7826 0.9753 -0.0528 0.0231  -0.1742 103 GLY A CA  
621 C C   . GLY A 103 ? 0.6916 0.7981 0.9860 -0.0632 0.0336  -0.1987 103 GLY A C   
622 O O   . GLY A 103 ? 0.7037 0.8137 0.9660 -0.0731 0.0402  -0.2031 103 GLY A O   
623 N N   . ARG A 104 ? 0.8039 0.9141 1.1369 -0.0600 0.0365  -0.2131 104 ARG A N   
624 C CA  . ARG A 104 ? 0.8845 1.0067 1.2273 -0.0694 0.0474  -0.2395 104 ARG A CA  
625 C C   . ARG A 104 ? 0.7191 0.8395 1.0575 -0.0768 0.0521  -0.2493 104 ARG A C   
626 O O   . ARG A 104 ? 0.6378 0.7466 0.9902 -0.0727 0.0483  -0.2417 104 ARG A O   
627 C CB  . ARG A 104 ? 1.1514 1.2813 1.5401 -0.0625 0.0493  -0.2541 104 ARG A CB  
628 C CG  . ARG A 104 ? 1.3416 1.4875 1.7370 -0.0599 0.0488  -0.2591 104 ARG A CG  
629 C CD  . ARG A 104 ? 1.4901 1.6468 1.9340 -0.0521 0.0512  -0.2764 104 ARG A CD  
630 N NE  . ARG A 104 ? 1.6305 1.7965 2.0925 -0.0366 0.0411  -0.2651 104 ARG A NE  
631 C CZ  . ARG A 104 ? 1.6595 1.8191 2.1477 -0.0179 0.0322  -0.2490 104 ARG A CZ  
632 N NH1 . ARG A 104 ? 1.6611 1.7988 2.1656 -0.0130 0.0341  -0.2416 104 ARG A NH1 
633 N NH2 . ARG A 104 ? 1.6391 1.8162 2.1386 -0.0033 0.0224  -0.2403 104 ARG A NH2 
634 N N   . ARG A 105 ? 0.6392 0.7730 0.9558 -0.0877 0.0605  -0.2651 105 ARG A N   
635 C CA  . ARG A 105 ? 0.8084 0.9523 1.1298 -0.0948 0.0660  -0.2846 105 ARG A CA  
636 C C   . ARG A 105 ? 0.8574 1.0054 1.2288 -0.0947 0.0717  -0.3089 105 ARG A C   
637 O O   . ARG A 105 ? 0.8887 1.0496 1.2720 -0.0975 0.0791  -0.3266 105 ARG A O   
638 C CB  . ARG A 105 ? 0.8122 0.9756 1.0990 -0.1043 0.0749  -0.2968 105 ARG A CB  
639 C CG  . ARG A 105 ? 0.7587 0.9181 0.9998 -0.1039 0.0715  -0.2763 105 ARG A CG  
640 C CD  . ARG A 105 ? 0.6832 0.8612 0.8945 -0.1086 0.0750  -0.2842 105 ARG A CD  
641 N NE  . ARG A 105 ? 0.6535 0.8363 0.8254 -0.1112 0.0835  -0.2772 105 ARG A NE  
642 C CZ  . ARG A 105 ? 0.6693 0.8628 0.7992 -0.1104 0.0852  -0.2694 105 ARG A CZ  
643 N NH1 . ARG A 105 ? 0.5967 0.8032 0.7192 -0.1078 0.0780  -0.2711 105 ARG A NH1 
644 N NH2 . ARG A 105 ? 0.7177 0.9118 0.8126 -0.1119 0.0959  -0.2608 105 ARG A NH2 
645 N N   . LEU A 106 ? 0.9850 1.1226 1.3869 -0.0923 0.0706  -0.3115 106 LEU A N   
646 C CA  . LEU A 106 ? 1.1535 1.2913 1.6064 -0.0916 0.0782  -0.3348 106 LEU A CA  
647 C C   . LEU A 106 ? 1.3859 1.5156 1.8742 -0.0792 0.0777  -0.3306 106 LEU A C   
648 O O   . LEU A 106 ? 1.6150 1.7256 2.1405 -0.0683 0.0766  -0.3215 106 LEU A O   
649 C CB  . LEU A 106 ? 1.1282 1.2936 1.5772 -0.1036 0.0884  -0.3680 106 LEU A CB  
650 C CG  . LEU A 106 ? 1.0383 1.2259 1.4495 -0.1143 0.0902  -0.3788 106 LEU A CG  
651 C CD1 . LEU A 106 ? 0.9759 1.1918 1.3952 -0.1232 0.1015  -0.4135 106 LEU A CD1 
652 C CD2 . LEU A 106 ? 1.0091 1.1933 1.4323 -0.1169 0.0878  -0.3821 106 LEU A CD2 
653 N N   . GLY A 107 ? 1.2960 1.4420 1.7752 -0.0806 0.0799  -0.3385 107 GLY A N   
654 C CA  . GLY A 107 ? 1.3144 1.4633 1.8328 -0.0710 0.0814  -0.3460 107 GLY A CA  
655 C C   . GLY A 107 ? 1.2763 1.4454 1.7728 -0.0768 0.0842  -0.3530 107 GLY A C   
656 O O   . GLY A 107 ? 1.2542 1.4215 1.7236 -0.0743 0.0771  -0.3327 107 GLY A O   
657 O O   . HOH B .   ? 0.9103 1.2595 1.0860 0.0406  0.0505  0.2486  201 HOH A O   
658 O O   . HOH B .   ? 0.9439 1.1869 0.9598 0.0224  -0.0106 -0.0856 202 HOH A O   
659 O O   . HOH B .   ? 0.4327 0.5742 0.4579 0.0135  -0.0167 0.0133  203 HOH A O   
660 O O   . HOH B .   ? 0.7847 0.8446 0.7606 -0.0778 0.0695  -0.0392 204 HOH A O   
661 O O   . HOH B .   ? 0.7900 0.8405 0.7158 -0.0379 0.0392  -0.0076 205 HOH A O   
662 O O   . HOH B .   ? 0.9053 1.0925 0.9789 -0.0684 0.0417  -0.1389 206 HOH A O   
663 O O   . HOH B .   ? 0.8198 1.1073 1.1528 -0.0279 -0.0162 -0.2837 207 HOH A O   
664 O O   . HOH B .   ? 0.9395 1.0272 1.2248 -0.0279 0.0092  0.0023  208 HOH A O   
665 O O   . HOH B .   ? 0.6603 0.8229 0.9215 -0.0370 -0.0036 -0.1568 209 HOH A O   
666 O O   . HOH B .   ? 0.6491 0.7599 0.7677 -0.0364 0.0144  -0.0306 210 HOH A O   
667 O O   . HOH B .   ? 0.4565 0.5638 0.4947 -0.0060 -0.0030 0.0296  211 HOH A O   
668 O O   . HOH B .   ? 0.6596 0.8098 0.6357 0.0192  -0.0122 -0.0267 212 HOH A O   
669 O O   . HOH B .   ? 0.8620 1.0686 0.8419 0.0299  -0.0169 -0.0266 213 HOH A O   
670 O O   . HOH B .   ? 0.7904 0.8504 0.7577 0.0084  -0.0036 -0.0235 214 HOH A O   
671 O O   . HOH B .   ? 0.6691 0.7616 0.8926 -0.0255 0.0094  0.0095  215 HOH A O   
672 O O   . HOH B .   ? 0.5693 0.7084 0.5735 -0.0187 0.0125  -0.0208 216 HOH A O   
673 O O   . HOH B .   ? 0.7856 1.0806 0.7984 0.0317  -0.0013 0.0570  217 HOH A O   
674 O O   . HOH B .   ? 0.5474 0.5621 0.4858 -0.0389 0.0361  0.0012  218 HOH A O   
675 O O   . HOH B .   ? 0.5845 0.7430 0.6411 0.0036  -0.0020 0.0476  219 HOH A O   
676 O O   . HOH B .   ? 0.9928 1.1457 1.3231 -0.0212 0.0385  0.1206  220 HOH A O   
677 O O   . HOH B .   ? 0.7333 0.9224 0.9700 -0.0456 0.0055  -0.1786 221 HOH A O   
678 O O   . HOH B .   ? 0.5739 0.6320 0.5500 -0.0264 0.0174  -0.0154 222 HOH A O   
679 O O   . HOH B .   ? 1.0725 1.1697 1.1811 -0.0169 -0.0053 -0.0140 223 HOH A O   
680 O O   . HOH B .   ? 0.7431 0.9318 0.8751 -0.0135 -0.0144 -0.1415 224 HOH A O   
681 O O   . HOH B .   ? 0.8034 1.2820 0.8217 0.0648  0.0136  0.1166  225 HOH A O   
682 O O   . HOH B .   ? 0.7815 0.8204 0.6795 -0.0006 0.0119  0.0120  226 HOH A O   
683 O O   . HOH B .   ? 0.8074 0.8514 0.7403 0.0056  -0.0063 0.0077  227 HOH A O   
684 O O   . HOH B .   ? 0.5180 0.6479 0.5397 0.0009  -0.0032 0.0381  228 HOH A O   
685 O O   . HOH B .   ? 0.8672 0.9663 0.7081 0.0065  0.0414  0.0315  229 HOH A O   
686 O O   . HOH B .   ? 0.7206 0.8466 0.9653 -0.0258 -0.0089 -0.0871 230 HOH A O   
687 O O   . HOH B .   ? 0.6279 0.7494 0.7845 -0.0129 0.0125  0.0539  231 HOH A O   
688 O O   . HOH B .   ? 0.7665 0.8819 0.9924 -0.0224 0.0066  0.0186  232 HOH A O   
689 O O   . HOH B .   ? 0.6845 1.0033 0.6721 0.0425  -0.0140 -0.0090 233 HOH A O   
690 O O   . HOH B .   ? 0.8299 1.0916 0.9263 0.0183  0.0220  0.1367  234 HOH A O   
691 O O   . HOH B .   ? 0.8048 0.8013 0.7843 -0.0475 0.0455  -0.0184 235 HOH A O   
692 O O   . HOH B .   ? 0.9543 1.1176 0.8238 -0.0261 0.0657  -0.0086 236 HOH A O   
693 O O   . HOH B .   ? 0.9783 1.1779 0.9146 0.0125  -0.0010 -0.0784 237 HOH A O   
694 O O   . HOH B .   ? 0.8246 1.1902 0.8556 0.0269  -0.0042 -0.0825 238 HOH A O   
695 O O   . HOH B .   ? 1.0127 1.3026 0.9798 -0.0311 0.0423  -0.1329 239 HOH A O   
696 O O   . HOH B .   ? 0.6851 0.8208 0.7731 -0.0037 -0.0030 0.0328  240 HOH A O   
697 O O   . HOH B .   ? 0.5516 0.6782 0.5598 -0.0230 0.0160  -0.0500 241 HOH A O   
698 O O   . HOH B .   ? 0.8525 0.8845 0.7909 -0.0514 0.0506  -0.0071 242 HOH A O   
699 O O   . HOH B .   ? 0.8890 1.4029 0.9166 0.0639  -0.0181 -0.1089 243 HOH A O   
700 O O   . HOH B .   ? 0.7335 0.8642 1.0431 -0.0363 -0.0020 -0.1237 244 HOH A O   
701 O O   . HOH B .   ? 0.6716 0.7812 0.7235 -0.0117 -0.0098 -0.0535 246 HOH A O   
702 O O   . HOH B .   ? 0.7583 0.8616 0.7360 -0.0756 0.0666  -0.0580 247 HOH A O   
703 O O   . HOH B .   ? 0.4626 0.5864 0.5147 -0.0070 0.0033  0.0488  248 HOH A O   
704 O O   . HOH B .   ? 0.8272 0.8438 0.7778 -0.0042 0.0078  -0.0043 249 HOH A O   
705 O O   . HOH B .   ? 0.8844 1.0851 0.9405 -0.0199 0.0161  -0.1151 250 HOH A O   
706 O O   . HOH B .   ? 0.8813 1.1756 0.9113 0.0153  -0.0030 -0.0944 251 HOH A O   
707 O O   . HOH B .   ? 0.6679 0.6679 0.6023 -0.0292 0.0304  0.0081  252 HOH A O   
708 O O   . HOH B .   ? 0.8231 0.9333 1.1515 -0.0315 -0.0002 -0.0597 253 HOH A O   
709 O O   . HOH B .   ? 0.5854 0.6012 0.5280 -0.0138 0.0128  0.0041  254 HOH A O   
710 O O   . HOH B .   ? 0.7915 0.9266 1.1325 -0.0329 -0.0076 -0.1297 255 HOH A O   
711 O O   . HOH B .   ? 0.9745 1.3787 1.1054 0.0400  0.0469  0.2168  256 HOH A O   
712 O O   . HOH B .   ? 0.7435 0.9563 0.7955 0.0163  -0.0058 0.0434  257 HOH A O   
713 O O   . HOH B .   ? 0.9775 1.1054 0.9146 0.0321  -0.0249 -0.0392 258 HOH A O   
714 O O   . HOH B .   ? 0.6610 0.7597 0.9075 -0.0266 0.0077  -0.0149 259 HOH A O   
715 O O   . HOH B .   ? 0.7845 0.9069 0.6952 -0.0528 0.0721  -0.0217 260 HOH A O   
716 O O   . HOH B .   ? 0.8339 0.9573 0.7881 -0.0684 0.0694  -0.0523 261 HOH A O   
717 O O   . HOH B .   ? 0.9302 0.9438 0.8733 0.0136  -0.0027 -0.0027 262 HOH A O   
718 O O   . HOH B .   ? 0.8566 0.9575 1.2003 -0.0297 0.0177  0.0312  263 HOH A O   
719 O O   . HOH B .   ? 0.7723 0.8867 0.9220 -0.0152 -0.0094 -0.0339 264 HOH A O   
720 O O   . HOH B .   ? 0.6703 0.6856 0.6352 -0.0301 0.0261  -0.0117 265 HOH A O   
721 O O   . HOH B .   ? 0.9489 1.0771 1.0812 -0.0088 -0.0065 0.0030  266 HOH A O   
722 O O   . HOH B .   ? 0.7204 0.7796 0.6310 0.0259  -0.0160 0.0027  267 HOH A O   
723 O O   . HOH B .   ? 0.9021 1.1369 0.8863 0.0357  -0.0186 0.0024  268 HOH A O   
724 O O   . HOH B .   ? 1.2022 1.5551 1.5767 -0.0472 0.0022  -0.3460 269 HOH A O   
725 O O   . HOH B .   ? 0.7710 0.8995 0.7603 0.0166  -0.0232 -0.0518 270 HOH A O   
726 O O   . HOH B .   ? 0.6662 0.7725 0.6797 -0.0194 0.0152  -0.0636 271 HOH A O   
727 O O   . HOH B .   ? 0.9306 1.0980 1.1861 -0.0183 0.0107  0.0263  272 HOH A O   
728 O O   . HOH B .   ? 0.8822 1.2911 1.1178 -0.0569 0.0254  -0.3299 273 HOH A O   
729 O O   . HOH B .   ? 0.7938 0.9140 0.9838 -0.0119 0.0164  0.0803  274 HOH A O   
730 O O   . HOH B .   ? 0.9799 1.1581 1.1728 -0.0091 0.0051  0.0307  275 HOH A O   
731 O O   . HOH B .   ? 0.9491 1.0755 1.3112 -0.0312 0.0019  -0.0551 276 HOH A O   
732 O O   . HOH B .   ? 0.9471 1.1782 1.1777 -0.0083 0.0337  0.1191  277 HOH A O   
733 O O   . HOH B .   ? 0.7685 0.8832 0.8337 -0.0589 0.0321  -0.0683 278 HOH A O   
734 O O   . HOH B .   ? 0.9840 1.1495 1.1266 0.0013  0.0122  0.0680  279 HOH A O   
735 O O   . HOH B .   ? 0.7806 0.9030 0.8487 0.0030  -0.0201 -0.0345 280 HOH A O   
736 O O   . HOH B .   ? 0.8393 0.9516 0.7722 -0.0635 0.0732  -0.0330 281 HOH A O   
737 O O   . HOH B .   ? 0.8327 0.9843 1.1153 -0.0260 -0.0131 -0.1322 282 HOH A O   
738 O O   . HOH B .   ? 0.7538 0.8650 0.8688 -0.0162 -0.0102 -0.0529 283 HOH A O   
739 O O   . HOH B .   ? 0.5143 0.5959 0.5236 -0.0206 0.0169  -0.0579 284 HOH A O   
740 O O   . HOH B .   ? 0.8125 0.8313 0.7419 -0.0102 0.0097  0.0107  286 HOH A O   
741 O O   . HOH B .   ? 0.8588 1.1417 0.8124 -0.0526 0.0692  -0.1159 287 HOH A O   
742 O O   . HOH B .   ? 0.8554 0.9650 0.8844 -0.0853 0.0625  -0.0852 288 HOH A O   
743 O O   . HOH B .   ? 0.5834 0.6892 0.5423 -0.0752 0.0750  -0.0471 289 HOH A O   
744 O O   . HOH B .   ? 1.0027 1.2360 1.0202 0.0313  -0.0174 -0.0938 290 HOH A O   
745 O O   . HOH B .   ? 0.8095 0.9568 0.8046 0.0170  -0.0098 -0.0573 291 HOH A O   
746 O O   . HOH B .   ? 0.9265 1.0724 1.0566 -0.0048 0.0148  0.0863  292 HOH A O   
747 O O   . HOH B .   ? 1.0330 1.1336 1.0418 0.0049  -0.0003 -0.0664 293 HOH A O   
748 O O   . HOH B .   ? 0.9336 1.1669 1.0213 0.0142  0.0086  0.0507  294 HOH A O   
749 O O   . HOH B .   ? 0.9062 1.0480 1.0794 -0.0141 -0.0164 -0.0917 295 HOH A O   
750 O O   . HOH B .   ? 1.0864 1.7173 1.1796 0.0917  0.0621  0.2883  296 HOH A O   
751 O O   . HOH B .   ? 0.8339 0.9672 0.9378 -0.0024 -0.0201 -0.0620 297 HOH A O   
752 O O   . HOH B .   ? 1.0111 1.0163 0.9165 0.0184  -0.0020 0.0203  298 HOH A O   
753 O O   . HOH B .   ? 1.0767 1.2640 1.4535 -0.0232 -0.0201 -0.1769 299 HOH A O   
# 
loop_
_pdbx_poly_seq_scheme.asym_id 
_pdbx_poly_seq_scheme.entity_id 
_pdbx_poly_seq_scheme.seq_id 
_pdbx_poly_seq_scheme.mon_id 
_pdbx_poly_seq_scheme.ndb_seq_num 
_pdbx_poly_seq_scheme.pdb_seq_num 
_pdbx_poly_seq_scheme.auth_seq_num 
_pdbx_poly_seq_scheme.pdb_mon_id 
_pdbx_poly_seq_scheme.auth_mon_id 
_pdbx_poly_seq_scheme.pdb_strand_id 
_pdbx_poly_seq_scheme.pdb_ins_code 
_pdbx_poly_seq_scheme.hetero 
A 1 1   MET 1   1   ?   ?   ?   A . n 
A 1 2   GLY 2   2   ?   ?   ?   A . n 
A 1 3   SER 3   3   ?   ?   ?   A . n 
A 1 4   SER 4   4   ?   ?   ?   A . n 
A 1 5   HIS 5   5   ?   ?   ?   A . n 
A 1 6   HIS 6   6   ?   ?   ?   A . n 
A 1 7   HIS 7   7   ?   ?   ?   A . n 
A 1 8   HIS 8   8   ?   ?   ?   A . n 
A 1 9   HIS 9   9   ?   ?   ?   A . n 
A 1 10  HIS 10  10  ?   ?   ?   A . n 
A 1 11  SER 11  11  ?   ?   ?   A . n 
A 1 12  SER 12  12  ?   ?   ?   A . n 
A 1 13  GLY 13  13  ?   ?   ?   A . n 
A 1 14  LEU 14  14  ?   ?   ?   A . n 
A 1 15  VAL 15  15  ?   ?   ?   A . n 
A 1 16  PRO 16  16  ?   ?   ?   A . n 
A 1 17  ARG 17  17  ?   ?   ?   A . n 
A 1 18  GLY 18  18  ?   ?   ?   A . n 
A 1 19  SER 19  19  ?   ?   ?   A . n 
A 1 20  HIS 20  20  ?   ?   ?   A . n 
A 1 21  MET 21  21  21  MET MET A . n 
A 1 22  LEU 22  22  22  LEU LEU A . n 
A 1 23  GLN 23  23  23  GLN GLN A . n 
A 1 24  TYR 24  24  24  TYR TYR A . n 
A 1 25  ASP 25  25  25  ASP ASP A . n 
A 1 26  LEU 26  26  26  LEU LEU A . n 
A 1 27  ARG 27  27  27  ARG ARG A . n 
A 1 28  SER 28  28  28  SER SER A . n 
A 1 29  ALA 29  29  29  ALA ALA A . n 
A 1 30  ARG 30  30  30  ARG ARG A . n 
A 1 31  ILE 31  31  31  ILE ILE A . n 
A 1 32  ILE 32  32  32  ILE ILE A . n 
A 1 33  GLY 33  33  33  GLY GLY A . n 
A 1 34  ASN 34  34  34  ASN ASN A . n 
A 1 35  LEU 35  35  35  LEU LEU A . n 
A 1 36  GLY 36  36  36  GLY GLY A . n 
A 1 37  GLY 37  37  37  GLY GLY A . n 
A 1 38  MET 38  38  38  MET MET A . n 
A 1 39  SER 39  39  39  SER SER A . n 
A 1 40  ALA 40  40  40  ALA ALA A . n 
A 1 41  GLU 41  41  41  GLU GLU A . n 
A 1 42  LEU 42  42  42  LEU LEU A . n 
A 1 43  GLU 43  43  43  GLU GLU A . n 
A 1 44  PRO 44  44  44  PRO PRO A . n 
A 1 45  LEU 45  45  45  LEU LEU A . n 
A 1 46  LEU 46  46  46  LEU LEU A . n 
A 1 47  SER 47  47  47  SER SER A . n 
A 1 48  ALA 48  48  48  ALA ALA A . n 
A 1 49  LEU 49  49  49  LEU LEU A . n 
A 1 50  HIS 50  50  50  HIS HIS A . n 
A 1 51  LEU 51  51  51  LEU LEU A . n 
A 1 52  ASN 52  52  52  ASN ASN A . n 
A 1 53  ASP 53  53  53  ASP ASP A . n 
A 1 54  THR 54  54  54  THR THR A . n 
A 1 55  PHE 55  55  55  PHE PHE A . n 
A 1 56  ARG 56  56  56  ARG ARG A . n 
A 1 57  ARG 57  57  57  ARG ARG A . n 
A 1 58  SER 58  58  58  SER SER A . n 
A 1 59  ASP 59  59  59  ASP ASP A . n 
A 1 60  ILE 60  60  60  ILE ILE A . n 
A 1 61  ALA 61  61  61  ALA ALA A . n 
A 1 62  ASP 62  62  62  ASP ASP A . n 
A 1 63  VAL 63  63  63  VAL VAL A . n 
A 1 64  GLU 64  64  64  GLU GLU A . n 
A 1 65  ASN 65  65  65  ASN ASN A . n 
A 1 66  ALA 66  66  66  ALA ALA A . n 
A 1 67  ILE 67  67  67  ILE ILE A . n 
A 1 68  LYS 68  68  68  LYS LYS A . n 
A 1 69  ALA 69  69  69  ALA ALA A . n 
A 1 70  LYS 70  70  70  LYS LYS A . n 
A 1 71  LEU 71  71  71  LEU LEU A . n 
A 1 72  GLY 72  72  72  GLY GLY A . n 
A 1 73  GLU 73  73  73  GLU GLU A . n 
A 1 74  ARG 74  74  74  ARG ARG A . n 
A 1 75  GLY 75  75  75  GLY GLY A . n 
A 1 76  TYR 76  76  76  TYR TYR A . n 
A 1 77  GLY 77  77  77  GLY GLY A . n 
A 1 78  SER 78  78  78  SER SER A . n 
A 1 79  ALA 79  79  79  ALA ALA A . n 
A 1 80  THR 80  80  80  THR THR A . n 
A 1 81  VAL 81  81  81  VAL VAL A . n 
A 1 82  ASN 82  82  82  ASN ASN A . n 
A 1 83  SER 83  83  83  SER SER A . n 
A 1 84  VAL 84  84  84  VAL VAL A . n 
A 1 85  PRO 85  85  85  PRO PRO A . n 
A 1 86  ASP 86  86  86  ASP ASP A . n 
A 1 87  PHE 87  87  87  PHE PHE A . n 
A 1 88  ASP 88  88  88  ASP ASP A . n 
A 1 89  ASP 89  89  89  ASP ASP A . n 
A 1 90  ALA 90  90  90  ALA ALA A . n 
A 1 91  ASN 91  91  91  ASN ASN A . n 
A 1 92  LYS 92  92  92  LYS LYS A . n 
A 1 93  THR 93  93  93  THR THR A . n 
A 1 94  LEU 94  94  94  LEU LEU A . n 
A 1 95  ALA 95  95  95  ALA ALA A . n 
A 1 96  ILE 96  96  96  ILE ILE A . n 
A 1 97  THR 97  97  97  THR THR A . n 
A 1 98  LEU 98  98  98  LEU LEU A . n 
A 1 99  VAL 99  99  99  VAL VAL A . n 
A 1 100 VAL 100 100 100 VAL VAL A . n 
A 1 101 ASP 101 101 101 ASP ASP A . n 
A 1 102 ALA 102 102 102 ALA ALA A . n 
A 1 103 GLY 103 103 103 GLY GLY A . n 
A 1 104 ARG 104 104 104 ARG ARG A . n 
A 1 105 ARG 105 105 105 ARG ARG A . n 
A 1 106 LEU 106 106 106 LEU LEU A . n 
A 1 107 GLY 107 107 107 GLY GLY A . n 
A 1 108 SER 108 108 ?   ?   ?   A . n 
A 1 109 GLY 109 109 ?   ?   ?   A . n 
A 1 110 SER 110 110 ?   ?   ?   A . n 
A 1 111 GLY 111 111 ?   ?   ?   A . n 
A 1 112 SER 112 112 ?   ?   ?   A . n 
A 1 113 GLY 113 113 ?   ?   ?   A . n 
A 1 114 VAL 114 114 ?   ?   ?   A . n 
A 1 115 ALA 115 115 ?   ?   ?   A . n 
A 1 116 ALA 116 116 ?   ?   ?   A . n 
A 1 117 GLY 117 117 ?   ?   ?   A . n 
A 1 118 VAL 118 118 ?   ?   ?   A . n 
A 1 119 GLY 119 119 ?   ?   ?   A . n 
A 1 120 TYR 120 120 ?   ?   ?   A . n 
A 1 121 GLN 121 121 ?   ?   ?   A . n 
A 1 122 TRP 122 122 ?   ?   ?   A . n 
# 
loop_
_pdbx_nonpoly_scheme.asym_id 
_pdbx_nonpoly_scheme.entity_id 
_pdbx_nonpoly_scheme.mon_id 
_pdbx_nonpoly_scheme.ndb_seq_num 
_pdbx_nonpoly_scheme.pdb_seq_num 
_pdbx_nonpoly_scheme.auth_seq_num 
_pdbx_nonpoly_scheme.pdb_mon_id 
_pdbx_nonpoly_scheme.auth_mon_id 
_pdbx_nonpoly_scheme.pdb_strand_id 
_pdbx_nonpoly_scheme.pdb_ins_code 
B 2 HOH 1  201 69 HOH HOH A . 
B 2 HOH 2  202 85 HOH HOH A . 
B 2 HOH 3  203 5  HOH HOH A . 
B 2 HOH 4  204 22 HOH HOH A . 
B 2 HOH 5  205 51 HOH HOH A . 
B 2 HOH 6  206 80 HOH HOH A . 
B 2 HOH 7  207 75 HOH HOH A . 
B 2 HOH 8  208 99 HOH HOH A . 
B 2 HOH 9  209 35 HOH HOH A . 
B 2 HOH 10 210 57 HOH HOH A . 
B 2 HOH 11 211 3  HOH HOH A . 
B 2 HOH 12 212 20 HOH HOH A . 
B 2 HOH 13 213 64 HOH HOH A . 
B 2 HOH 14 214 42 HOH HOH A . 
B 2 HOH 15 215 25 HOH HOH A . 
B 2 HOH 16 216 7  HOH HOH A . 
B 2 HOH 17 217 54 HOH HOH A . 
B 2 HOH 18 218 12 HOH HOH A . 
B 2 HOH 19 219 8  HOH HOH A . 
B 2 HOH 20 220 97 HOH HOH A . 
B 2 HOH 21 221 23 HOH HOH A . 
B 2 HOH 22 222 9  HOH HOH A . 
B 2 HOH 23 223 94 HOH HOH A . 
B 2 HOH 24 224 63 HOH HOH A . 
B 2 HOH 25 225 31 HOH HOH A . 
B 2 HOH 26 226 41 HOH HOH A . 
B 2 HOH 27 227 34 HOH HOH A . 
B 2 HOH 28 228 6  HOH HOH A . 
B 2 HOH 29 229 43 HOH HOH A . 
B 2 HOH 30 230 37 HOH HOH A . 
B 2 HOH 31 231 27 HOH HOH A . 
B 2 HOH 32 232 38 HOH HOH A . 
B 2 HOH 33 233 47 HOH HOH A . 
B 2 HOH 34 234 73 HOH HOH A . 
B 2 HOH 35 235 19 HOH HOH A . 
B 2 HOH 36 236 95 HOH HOH A . 
B 2 HOH 37 237 74 HOH HOH A . 
B 2 HOH 38 238 84 HOH HOH A . 
B 2 HOH 39 239 62 HOH HOH A . 
B 2 HOH 40 240 11 HOH HOH A . 
B 2 HOH 41 241 16 HOH HOH A . 
B 2 HOH 42 242 44 HOH HOH A . 
B 2 HOH 43 243 10 HOH HOH A . 
B 2 HOH 44 244 59 HOH HOH A . 
B 2 HOH 45 246 71 HOH HOH A . 
B 2 HOH 46 247 90 HOH HOH A . 
B 2 HOH 47 248 4  HOH HOH A . 
B 2 HOH 48 249 66 HOH HOH A . 
B 2 HOH 49 250 98 HOH HOH A . 
B 2 HOH 50 251 29 HOH HOH A . 
B 2 HOH 51 252 30 HOH HOH A . 
B 2 HOH 52 253 55 HOH HOH A . 
B 2 HOH 53 254 17 HOH HOH A . 
B 2 HOH 54 255 33 HOH HOH A . 
B 2 HOH 55 256 49 HOH HOH A . 
B 2 HOH 56 257 21 HOH HOH A . 
B 2 HOH 57 258 40 HOH HOH A . 
B 2 HOH 58 259 15 HOH HOH A . 
B 2 HOH 59 260 92 HOH HOH A . 
B 2 HOH 60 261 93 HOH HOH A . 
B 2 HOH 61 262 53 HOH HOH A . 
B 2 HOH 62 263 76 HOH HOH A . 
B 2 HOH 63 264 61 HOH HOH A . 
B 2 HOH 64 265 26 HOH HOH A . 
B 2 HOH 65 266 28 HOH HOH A . 
B 2 HOH 66 267 18 HOH HOH A . 
B 2 HOH 67 268 36 HOH HOH A . 
B 2 HOH 68 269 56 HOH HOH A . 
B 2 HOH 69 270 48 HOH HOH A . 
B 2 HOH 70 271 91 HOH HOH A . 
B 2 HOH 71 272 72 HOH HOH A . 
B 2 HOH 72 273 32 HOH HOH A . 
B 2 HOH 73 274 83 HOH HOH A . 
B 2 HOH 74 275 96 HOH HOH A . 
B 2 HOH 75 276 82 HOH HOH A . 
B 2 HOH 76 277 88 HOH HOH A . 
B 2 HOH 77 278 46 HOH HOH A . 
B 2 HOH 78 279 86 HOH HOH A . 
B 2 HOH 79 280 14 HOH HOH A . 
B 2 HOH 80 281 24 HOH HOH A . 
B 2 HOH 81 282 79 HOH HOH A . 
B 2 HOH 82 283 70 HOH HOH A . 
B 2 HOH 83 284 13 HOH HOH A . 
B 2 HOH 84 286 65 HOH HOH A . 
B 2 HOH 85 287 50 HOH HOH A . 
B 2 HOH 86 288 45 HOH HOH A . 
B 2 HOH 87 289 1  HOH HOH A . 
B 2 HOH 88 290 60 HOH HOH A . 
B 2 HOH 89 291 58 HOH HOH A . 
B 2 HOH 90 292 87 HOH HOH A . 
B 2 HOH 91 293 78 HOH HOH A . 
B 2 HOH 92 294 39 HOH HOH A . 
B 2 HOH 93 295 81 HOH HOH A . 
B 2 HOH 94 296 52 HOH HOH A . 
B 2 HOH 95 297 68 HOH HOH A . 
B 2 HOH 96 298 77 HOH HOH A . 
B 2 HOH 97 299 89 HOH HOH A . 
# 
_pdbx_struct_assembly.id                   1 
_pdbx_struct_assembly.details              author_defined_assembly 
_pdbx_struct_assembly.method_details       ? 
_pdbx_struct_assembly.oligomeric_details   monomeric 
_pdbx_struct_assembly.oligomeric_count     1 
# 
_pdbx_struct_assembly_gen.assembly_id       1 
_pdbx_struct_assembly_gen.oper_expression   1 
_pdbx_struct_assembly_gen.asym_id_list      A,B 
# 
_pdbx_struct_oper_list.id                   1 
_pdbx_struct_oper_list.type                 'identity operation' 
_pdbx_struct_oper_list.name                 1_555 
_pdbx_struct_oper_list.symmetry_operation   x,y,z 
_pdbx_struct_oper_list.matrix[1][1]         1.0000000000 
_pdbx_struct_oper_list.matrix[1][2]         0.0000000000 
_pdbx_struct_oper_list.matrix[1][3]         0.0000000000 
_pdbx_struct_oper_list.vector[1]            0.0000000000 
_pdbx_struct_oper_list.matrix[2][1]         0.0000000000 
_pdbx_struct_oper_list.matrix[2][2]         1.0000000000 
_pdbx_struct_oper_list.matrix[2][3]         0.0000000000 
_pdbx_struct_oper_list.vector[2]            0.0000000000 
_pdbx_struct_oper_list.matrix[3][1]         0.0000000000 
_pdbx_struct_oper_list.matrix[3][2]         0.0000000000 
_pdbx_struct_oper_list.matrix[3][3]         1.0000000000 
_pdbx_struct_oper_list.vector[3]            0.0000000000 
# 
loop_
_pdbx_audit_revision_history.ordinal 
_pdbx_audit_revision_history.data_content_type 
_pdbx_audit_revision_history.major_revision 
_pdbx_audit_revision_history.minor_revision 
_pdbx_audit_revision_history.revision_date 
1 'Structure model' 1 0 2019-10-30 
2 'Structure model' 1 1 2019-11-27 
3 'Structure model' 1 2 2019-12-18 
4 'Structure model' 1 3 2023-11-22 
# 
_pdbx_audit_revision_details.ordinal             1 
_pdbx_audit_revision_details.revision_ordinal    1 
_pdbx_audit_revision_details.data_content_type   'Structure model' 
_pdbx_audit_revision_details.provider            repository 
_pdbx_audit_revision_details.type                'Initial release' 
_pdbx_audit_revision_details.description         ? 
_pdbx_audit_revision_details.details             ? 
# 
loop_
_pdbx_audit_revision_group.ordinal 
_pdbx_audit_revision_group.revision_ordinal 
_pdbx_audit_revision_group.data_content_type 
_pdbx_audit_revision_group.group 
1 2 'Structure model' 'Database references'    
2 3 'Structure model' 'Database references'    
3 4 'Structure model' 'Data collection'        
4 4 'Structure model' 'Database references'    
5 4 'Structure model' 'Refinement description' 
# 
loop_
_pdbx_audit_revision_category.ordinal 
_pdbx_audit_revision_category.revision_ordinal 
_pdbx_audit_revision_category.data_content_type 
_pdbx_audit_revision_category.category 
1 2 'Structure model' citation                      
2 2 'Structure model' citation_author               
3 3 'Structure model' citation                      
4 4 'Structure model' chem_comp_atom                
5 4 'Structure model' chem_comp_bond                
6 4 'Structure model' database_2                    
7 4 'Structure model' pdbx_initial_refinement_model 
# 
loop_
_pdbx_audit_revision_item.ordinal 
_pdbx_audit_revision_item.revision_ordinal 
_pdbx_audit_revision_item.data_content_type 
_pdbx_audit_revision_item.item 
1 2 'Structure model' '_citation.journal_volume'            
2 2 'Structure model' '_citation.pdbx_database_id_PubMed'   
3 2 'Structure model' '_citation.title'                     
4 2 'Structure model' '_citation_author.identifier_ORCID'   
5 3 'Structure model' '_citation.journal_volume'            
6 3 'Structure model' '_citation.page_first'                
7 3 'Structure model' '_citation.page_last'                 
8 4 'Structure model' '_database_2.pdbx_DOI'                
9 4 'Structure model' '_database_2.pdbx_database_accession' 
# 
_pdbx_refine_tls.pdbx_refine_id   'X-RAY DIFFRACTION' 
_pdbx_refine_tls.id               1 
_pdbx_refine_tls.details          ? 
_pdbx_refine_tls.method           refined 
_pdbx_refine_tls.origin_x         -0.3263 
_pdbx_refine_tls.origin_y         0.1784 
_pdbx_refine_tls.origin_z         0.4829 
_pdbx_refine_tls.T[1][1]          0.0276 
_pdbx_refine_tls.T[2][2]          0.0907 
_pdbx_refine_tls.T[3][3]          0.0809 
_pdbx_refine_tls.T[1][2]          -0.0158 
_pdbx_refine_tls.T[1][3]          0.0111 
_pdbx_refine_tls.T[2][3]          0.0054 
_pdbx_refine_tls.L[1][1]          2.6426 
_pdbx_refine_tls.L[2][2]          0.9408 
_pdbx_refine_tls.L[3][3]          1.4966 
_pdbx_refine_tls.L[1][2]          -0.3684 
_pdbx_refine_tls.L[1][3]          -0.9850 
_pdbx_refine_tls.L[2][3]          0.8408 
_pdbx_refine_tls.S[1][1]          -0.0125 
_pdbx_refine_tls.S[1][2]          -0.0300 
_pdbx_refine_tls.S[1][3]          -0.3215 
_pdbx_refine_tls.S[2][1]          -0.0072 
_pdbx_refine_tls.S[2][2]          0.0941 
_pdbx_refine_tls.S[2][3]          -0.0994 
_pdbx_refine_tls.S[3][1]          -0.0555 
_pdbx_refine_tls.S[3][2]          -0.0655 
_pdbx_refine_tls.S[3][3]          -0.0817 
# 
_pdbx_refine_tls_group.pdbx_refine_id      'X-RAY DIFFRACTION' 
_pdbx_refine_tls_group.id                  1 
_pdbx_refine_tls_group.refine_tls_id       1 
_pdbx_refine_tls_group.beg_auth_asym_id    A 
_pdbx_refine_tls_group.beg_auth_seq_id     21 
_pdbx_refine_tls_group.beg_label_asym_id   ? 
_pdbx_refine_tls_group.beg_label_seq_id    ? 
_pdbx_refine_tls_group.end_auth_asym_id    A 
_pdbx_refine_tls_group.end_auth_seq_id     107 
_pdbx_refine_tls_group.end_label_asym_id   ? 
_pdbx_refine_tls_group.end_label_seq_id    ? 
_pdbx_refine_tls_group.selection           ? 
_pdbx_refine_tls_group.selection_details   ? 
# 
loop_
_software.citation_id 
_software.classification 
_software.compiler_name 
_software.compiler_version 
_software.contact_author 
_software.contact_author_email 
_software.date 
_software.description 
_software.dependencies 
_software.hardware 
_software.language 
_software.location 
_software.mods 
_software.name 
_software.os 
_software.os_version 
_software.type 
_software.version 
_software.pdbx_ordinal 
? refinement       ? ? ? ? ? ? ? ? ? ? ? REFMAC ? ? ? 5.8.0158 1 
? 'data reduction' ? ? ? ? ? ? ? ? ? ? ? MOSFLM ? ? ? .        2 
? 'data scaling'   ? ? ? ? ? ? ? ? ? ? ? SCALA  ? ? ? .        3 
? phasing          ? ? ? ? ? ? ? ? ? ? ? PHASER ? ? ? .        4 
# 
loop_
_pdbx_validate_close_contact.id 
_pdbx_validate_close_contact.PDB_model_num 
_pdbx_validate_close_contact.auth_atom_id_1 
_pdbx_validate_close_contact.auth_asym_id_1 
_pdbx_validate_close_contact.auth_comp_id_1 
_pdbx_validate_close_contact.auth_seq_id_1 
_pdbx_validate_close_contact.PDB_ins_code_1 
_pdbx_validate_close_contact.label_alt_id_1 
_pdbx_validate_close_contact.auth_atom_id_2 
_pdbx_validate_close_contact.auth_asym_id_2 
_pdbx_validate_close_contact.auth_comp_id_2 
_pdbx_validate_close_contact.auth_seq_id_2 
_pdbx_validate_close_contact.PDB_ins_code_2 
_pdbx_validate_close_contact.label_alt_id_2 
_pdbx_validate_close_contact.dist 
1 1 O A HOH 271 ? ? O A HOH 284 ? ? 1.17 
2 1 O A HOH 261 ? ? O A HOH 289 ? ? 1.41 
3 1 O A HOH 247 ? ? O A HOH 289 ? ? 1.48 
4 1 O A HOH 261 ? ? O A HOH 281 ? ? 1.69 
5 1 O A HOH 260 ? ? O A HOH 281 ? ? 1.82 
# 
loop_
_pdbx_validate_rmsd_bond.id 
_pdbx_validate_rmsd_bond.PDB_model_num 
_pdbx_validate_rmsd_bond.auth_atom_id_1 
_pdbx_validate_rmsd_bond.auth_asym_id_1 
_pdbx_validate_rmsd_bond.auth_comp_id_1 
_pdbx_validate_rmsd_bond.auth_seq_id_1 
_pdbx_validate_rmsd_bond.PDB_ins_code_1 
_pdbx_validate_rmsd_bond.label_alt_id_1 
_pdbx_validate_rmsd_bond.auth_atom_id_2 
_pdbx_validate_rmsd_bond.auth_asym_id_2 
_pdbx_validate_rmsd_bond.auth_comp_id_2 
_pdbx_validate_rmsd_bond.auth_seq_id_2 
_pdbx_validate_rmsd_bond.PDB_ins_code_2 
_pdbx_validate_rmsd_bond.label_alt_id_2 
_pdbx_validate_rmsd_bond.bond_value 
_pdbx_validate_rmsd_bond.bond_target_value 
_pdbx_validate_rmsd_bond.bond_deviation 
_pdbx_validate_rmsd_bond.bond_standard_deviation 
_pdbx_validate_rmsd_bond.linker_flag 
1 1 CB A SER 39 ? ? OG A SER 39 ? ? 1.326 1.418 -0.092 0.013 N 
2 1 CG A ARG 57 ? ? CD A ARG 57 ? ? 1.701 1.515 0.186  0.025 N 
# 
loop_
_pdbx_validate_rmsd_angle.id 
_pdbx_validate_rmsd_angle.PDB_model_num 
_pdbx_validate_rmsd_angle.auth_atom_id_1 
_pdbx_validate_rmsd_angle.auth_asym_id_1 
_pdbx_validate_rmsd_angle.auth_comp_id_1 
_pdbx_validate_rmsd_angle.auth_seq_id_1 
_pdbx_validate_rmsd_angle.PDB_ins_code_1 
_pdbx_validate_rmsd_angle.label_alt_id_1 
_pdbx_validate_rmsd_angle.auth_atom_id_2 
_pdbx_validate_rmsd_angle.auth_asym_id_2 
_pdbx_validate_rmsd_angle.auth_comp_id_2 
_pdbx_validate_rmsd_angle.auth_seq_id_2 
_pdbx_validate_rmsd_angle.PDB_ins_code_2 
_pdbx_validate_rmsd_angle.label_alt_id_2 
_pdbx_validate_rmsd_angle.auth_atom_id_3 
_pdbx_validate_rmsd_angle.auth_asym_id_3 
_pdbx_validate_rmsd_angle.auth_comp_id_3 
_pdbx_validate_rmsd_angle.auth_seq_id_3 
_pdbx_validate_rmsd_angle.PDB_ins_code_3 
_pdbx_validate_rmsd_angle.label_alt_id_3 
_pdbx_validate_rmsd_angle.angle_value 
_pdbx_validate_rmsd_angle.angle_target_value 
_pdbx_validate_rmsd_angle.angle_deviation 
_pdbx_validate_rmsd_angle.angle_standard_deviation 
_pdbx_validate_rmsd_angle.linker_flag 
1  1 CG  A MET 21  ? ? SD A MET 21  ? ? CE  A MET 21  ? ? 110.51 100.20 10.31  1.60 N 
2  1 NE  A ARG 30  ? ? CZ A ARG 30  ? ? NH1 A ARG 30  ? ? 116.20 120.30 -4.10  0.50 N 
3  1 NE  A ARG 30  ? ? CZ A ARG 30  ? ? NH2 A ARG 30  ? ? 123.59 120.30 3.29   0.50 N 
4  1 CB  A ARG 57  ? ? CG A ARG 57  ? ? CD  A ARG 57  ? ? 130.76 111.60 19.16  2.60 N 
5  1 CG  A ARG 57  ? ? CD A ARG 57  ? ? NE  A ARG 57  ? ? 125.80 111.80 14.00  2.10 N 
6  1 OE1 A GLU 64  ? ? CD A GLU 64  ? ? OE2 A GLU 64  ? ? 115.89 123.30 -7.41  1.20 N 
7  1 CB  A ASP 89  ? ? CG A ASP 89  ? ? OD1 A ASP 89  ? ? 125.30 118.30 7.00   0.90 N 
8  1 CG1 A ILE 96  ? ? CB A ILE 96  ? ? CG2 A ILE 96  ? ? 95.26  111.40 -16.14 2.20 N 
9  1 CB  A LEU 98  ? ? CG A LEU 98  ? ? CD2 A LEU 98  ? ? 96.02  111.00 -14.98 1.70 N 
10 1 CB  A ASP 101 ? ? CG A ASP 101 ? ? OD1 A ASP 101 ? ? 124.19 118.30 5.89   0.90 N 
11 1 CB  A ASP 101 ? ? CG A ASP 101 ? ? OD2 A ASP 101 ? ? 110.20 118.30 -8.10  0.90 N 
12 1 NE  A ARG 105 ? ? CZ A ARG 105 ? ? NH1 A ARG 105 ? ? 124.22 120.30 3.92   0.50 N 
# 
loop_
_pdbx_validate_torsion.id 
_pdbx_validate_torsion.PDB_model_num 
_pdbx_validate_torsion.auth_comp_id 
_pdbx_validate_torsion.auth_asym_id 
_pdbx_validate_torsion.auth_seq_id 
_pdbx_validate_torsion.PDB_ins_code 
_pdbx_validate_torsion.label_alt_id 
_pdbx_validate_torsion.phi 
_pdbx_validate_torsion.psi 
1 1 LEU A 22  ? ? -57.42 108.17 
2 1 LEU A 106 ? ? 62.56  -70.79 
# 
loop_
_pdbx_distant_solvent_atoms.id 
_pdbx_distant_solvent_atoms.PDB_model_num 
_pdbx_distant_solvent_atoms.auth_atom_id 
_pdbx_distant_solvent_atoms.label_alt_id 
_pdbx_distant_solvent_atoms.auth_asym_id 
_pdbx_distant_solvent_atoms.auth_comp_id 
_pdbx_distant_solvent_atoms.auth_seq_id 
_pdbx_distant_solvent_atoms.PDB_ins_code 
_pdbx_distant_solvent_atoms.neighbor_macromolecule_distance 
_pdbx_distant_solvent_atoms.neighbor_ligand_distance 
1 1 O ? A HOH 298 ? 6.48 . 
2 1 O ? A HOH 299 ? 7.36 . 
# 
loop_
_pdbx_unobs_or_zero_occ_residues.id 
_pdbx_unobs_or_zero_occ_residues.PDB_model_num 
_pdbx_unobs_or_zero_occ_residues.polymer_flag 
_pdbx_unobs_or_zero_occ_residues.occupancy_flag 
_pdbx_unobs_or_zero_occ_residues.auth_asym_id 
_pdbx_unobs_or_zero_occ_residues.auth_comp_id 
_pdbx_unobs_or_zero_occ_residues.auth_seq_id 
_pdbx_unobs_or_zero_occ_residues.PDB_ins_code 
_pdbx_unobs_or_zero_occ_residues.label_asym_id 
_pdbx_unobs_or_zero_occ_residues.label_comp_id 
_pdbx_unobs_or_zero_occ_residues.label_seq_id 
1  1 Y 1 A MET 1   ? A MET 1   
2  1 Y 1 A GLY 2   ? A GLY 2   
3  1 Y 1 A SER 3   ? A SER 3   
4  1 Y 1 A SER 4   ? A SER 4   
5  1 Y 1 A HIS 5   ? A HIS 5   
6  1 Y 1 A HIS 6   ? A HIS 6   
7  1 Y 1 A HIS 7   ? A HIS 7   
8  1 Y 1 A HIS 8   ? A HIS 8   
9  1 Y 1 A HIS 9   ? A HIS 9   
10 1 Y 1 A HIS 10  ? A HIS 10  
11 1 Y 1 A SER 11  ? A SER 11  
12 1 Y 1 A SER 12  ? A SER 12  
13 1 Y 1 A GLY 13  ? A GLY 13  
14 1 Y 1 A LEU 14  ? A LEU 14  
15 1 Y 1 A VAL 15  ? A VAL 15  
16 1 Y 1 A PRO 16  ? A PRO 16  
17 1 Y 1 A ARG 17  ? A ARG 17  
18 1 Y 1 A GLY 18  ? A GLY 18  
19 1 Y 1 A SER 19  ? A SER 19  
20 1 Y 1 A HIS 20  ? A HIS 20  
21 1 Y 1 A SER 108 ? A SER 108 
22 1 Y 1 A GLY 109 ? A GLY 109 
23 1 Y 1 A SER 110 ? A SER 110 
24 1 Y 1 A GLY 111 ? A GLY 111 
25 1 Y 1 A SER 112 ? A SER 112 
26 1 Y 1 A GLY 113 ? A GLY 113 
27 1 Y 1 A VAL 114 ? A VAL 114 
28 1 Y 1 A ALA 115 ? A ALA 115 
29 1 Y 1 A ALA 116 ? A ALA 116 
30 1 Y 1 A GLY 117 ? A GLY 117 
31 1 Y 1 A VAL 118 ? A VAL 118 
32 1 Y 1 A GLY 119 ? A GLY 119 
33 1 Y 1 A TYR 120 ? A TYR 120 
34 1 Y 1 A GLN 121 ? A GLN 121 
35 1 Y 1 A TRP 122 ? A TRP 122 
# 
loop_
_chem_comp_atom.comp_id 
_chem_comp_atom.atom_id 
_chem_comp_atom.type_symbol 
_chem_comp_atom.pdbx_aromatic_flag 
_chem_comp_atom.pdbx_stereo_config 
_chem_comp_atom.pdbx_ordinal 
ALA N    N N N 1   
ALA CA   C N S 2   
ALA C    C N N 3   
ALA O    O N N 4   
ALA CB   C N N 5   
ALA OXT  O N N 6   
ALA H    H N N 7   
ALA H2   H N N 8   
ALA HA   H N N 9   
ALA HB1  H N N 10  
ALA HB2  H N N 11  
ALA HB3  H N N 12  
ALA HXT  H N N 13  
ARG N    N N N 14  
ARG CA   C N S 15  
ARG C    C N N 16  
ARG O    O N N 17  
ARG CB   C N N 18  
ARG CG   C N N 19  
ARG CD   C N N 20  
ARG NE   N N N 21  
ARG CZ   C N N 22  
ARG NH1  N N N 23  
ARG NH2  N N N 24  
ARG OXT  O N N 25  
ARG H    H N N 26  
ARG H2   H N N 27  
ARG HA   H N N 28  
ARG HB2  H N N 29  
ARG HB3  H N N 30  
ARG HG2  H N N 31  
ARG HG3  H N N 32  
ARG HD2  H N N 33  
ARG HD3  H N N 34  
ARG HE   H N N 35  
ARG HH11 H N N 36  
ARG HH12 H N N 37  
ARG HH21 H N N 38  
ARG HH22 H N N 39  
ARG HXT  H N N 40  
ASN N    N N N 41  
ASN CA   C N S 42  
ASN C    C N N 43  
ASN O    O N N 44  
ASN CB   C N N 45  
ASN CG   C N N 46  
ASN OD1  O N N 47  
ASN ND2  N N N 48  
ASN OXT  O N N 49  
ASN H    H N N 50  
ASN H2   H N N 51  
ASN HA   H N N 52  
ASN HB2  H N N 53  
ASN HB3  H N N 54  
ASN HD21 H N N 55  
ASN HD22 H N N 56  
ASN HXT  H N N 57  
ASP N    N N N 58  
ASP CA   C N S 59  
ASP C    C N N 60  
ASP O    O N N 61  
ASP CB   C N N 62  
ASP CG   C N N 63  
ASP OD1  O N N 64  
ASP OD2  O N N 65  
ASP OXT  O N N 66  
ASP H    H N N 67  
ASP H2   H N N 68  
ASP HA   H N N 69  
ASP HB2  H N N 70  
ASP HB3  H N N 71  
ASP HD2  H N N 72  
ASP HXT  H N N 73  
GLN N    N N N 74  
GLN CA   C N S 75  
GLN C    C N N 76  
GLN O    O N N 77  
GLN CB   C N N 78  
GLN CG   C N N 79  
GLN CD   C N N 80  
GLN OE1  O N N 81  
GLN NE2  N N N 82  
GLN OXT  O N N 83  
GLN H    H N N 84  
GLN H2   H N N 85  
GLN HA   H N N 86  
GLN HB2  H N N 87  
GLN HB3  H N N 88  
GLN HG2  H N N 89  
GLN HG3  H N N 90  
GLN HE21 H N N 91  
GLN HE22 H N N 92  
GLN HXT  H N N 93  
GLU N    N N N 94  
GLU CA   C N S 95  
GLU C    C N N 96  
GLU O    O N N 97  
GLU CB   C N N 98  
GLU CG   C N N 99  
GLU CD   C N N 100 
GLU OE1  O N N 101 
GLU OE2  O N N 102 
GLU OXT  O N N 103 
GLU H    H N N 104 
GLU H2   H N N 105 
GLU HA   H N N 106 
GLU HB2  H N N 107 
GLU HB3  H N N 108 
GLU HG2  H N N 109 
GLU HG3  H N N 110 
GLU HE2  H N N 111 
GLU HXT  H N N 112 
GLY N    N N N 113 
GLY CA   C N N 114 
GLY C    C N N 115 
GLY O    O N N 116 
GLY OXT  O N N 117 
GLY H    H N N 118 
GLY H2   H N N 119 
GLY HA2  H N N 120 
GLY HA3  H N N 121 
GLY HXT  H N N 122 
HIS N    N N N 123 
HIS CA   C N S 124 
HIS C    C N N 125 
HIS O    O N N 126 
HIS CB   C N N 127 
HIS CG   C Y N 128 
HIS ND1  N Y N 129 
HIS CD2  C Y N 130 
HIS CE1  C Y N 131 
HIS NE2  N Y N 132 
HIS OXT  O N N 133 
HIS H    H N N 134 
HIS H2   H N N 135 
HIS HA   H N N 136 
HIS HB2  H N N 137 
HIS HB3  H N N 138 
HIS HD1  H N N 139 
HIS HD2  H N N 140 
HIS HE1  H N N 141 
HIS HE2  H N N 142 
HIS HXT  H N N 143 
HOH O    O N N 144 
HOH H1   H N N 145 
HOH H2   H N N 146 
ILE N    N N N 147 
ILE CA   C N S 148 
ILE C    C N N 149 
ILE O    O N N 150 
ILE CB   C N S 151 
ILE CG1  C N N 152 
ILE CG2  C N N 153 
ILE CD1  C N N 154 
ILE OXT  O N N 155 
ILE H    H N N 156 
ILE H2   H N N 157 
ILE HA   H N N 158 
ILE HB   H N N 159 
ILE HG12 H N N 160 
ILE HG13 H N N 161 
ILE HG21 H N N 162 
ILE HG22 H N N 163 
ILE HG23 H N N 164 
ILE HD11 H N N 165 
ILE HD12 H N N 166 
ILE HD13 H N N 167 
ILE HXT  H N N 168 
LEU N    N N N 169 
LEU CA   C N S 170 
LEU C    C N N 171 
LEU O    O N N 172 
LEU CB   C N N 173 
LEU CG   C N N 174 
LEU CD1  C N N 175 
LEU CD2  C N N 176 
LEU OXT  O N N 177 
LEU H    H N N 178 
LEU H2   H N N 179 
LEU HA   H N N 180 
LEU HB2  H N N 181 
LEU HB3  H N N 182 
LEU HG   H N N 183 
LEU HD11 H N N 184 
LEU HD12 H N N 185 
LEU HD13 H N N 186 
LEU HD21 H N N 187 
LEU HD22 H N N 188 
LEU HD23 H N N 189 
LEU HXT  H N N 190 
LYS N    N N N 191 
LYS CA   C N S 192 
LYS C    C N N 193 
LYS O    O N N 194 
LYS CB   C N N 195 
LYS CG   C N N 196 
LYS CD   C N N 197 
LYS CE   C N N 198 
LYS NZ   N N N 199 
LYS OXT  O N N 200 
LYS H    H N N 201 
LYS H2   H N N 202 
LYS HA   H N N 203 
LYS HB2  H N N 204 
LYS HB3  H N N 205 
LYS HG2  H N N 206 
LYS HG3  H N N 207 
LYS HD2  H N N 208 
LYS HD3  H N N 209 
LYS HE2  H N N 210 
LYS HE3  H N N 211 
LYS HZ1  H N N 212 
LYS HZ2  H N N 213 
LYS HZ3  H N N 214 
LYS HXT  H N N 215 
MET N    N N N 216 
MET CA   C N S 217 
MET C    C N N 218 
MET O    O N N 219 
MET CB   C N N 220 
MET CG   C N N 221 
MET SD   S N N 222 
MET CE   C N N 223 
MET OXT  O N N 224 
MET H    H N N 225 
MET H2   H N N 226 
MET HA   H N N 227 
MET HB2  H N N 228 
MET HB3  H N N 229 
MET HG2  H N N 230 
MET HG3  H N N 231 
MET HE1  H N N 232 
MET HE2  H N N 233 
MET HE3  H N N 234 
MET HXT  H N N 235 
PHE N    N N N 236 
PHE CA   C N S 237 
PHE C    C N N 238 
PHE O    O N N 239 
PHE CB   C N N 240 
PHE CG   C Y N 241 
PHE CD1  C Y N 242 
PHE CD2  C Y N 243 
PHE CE1  C Y N 244 
PHE CE2  C Y N 245 
PHE CZ   C Y N 246 
PHE OXT  O N N 247 
PHE H    H N N 248 
PHE H2   H N N 249 
PHE HA   H N N 250 
PHE HB2  H N N 251 
PHE HB3  H N N 252 
PHE HD1  H N N 253 
PHE HD2  H N N 254 
PHE HE1  H N N 255 
PHE HE2  H N N 256 
PHE HZ   H N N 257 
PHE HXT  H N N 258 
PRO N    N N N 259 
PRO CA   C N S 260 
PRO C    C N N 261 
PRO O    O N N 262 
PRO CB   C N N 263 
PRO CG   C N N 264 
PRO CD   C N N 265 
PRO OXT  O N N 266 
PRO H    H N N 267 
PRO HA   H N N 268 
PRO HB2  H N N 269 
PRO HB3  H N N 270 
PRO HG2  H N N 271 
PRO HG3  H N N 272 
PRO HD2  H N N 273 
PRO HD3  H N N 274 
PRO HXT  H N N 275 
SER N    N N N 276 
SER CA   C N S 277 
SER C    C N N 278 
SER O    O N N 279 
SER CB   C N N 280 
SER OG   O N N 281 
SER OXT  O N N 282 
SER H    H N N 283 
SER H2   H N N 284 
SER HA   H N N 285 
SER HB2  H N N 286 
SER HB3  H N N 287 
SER HG   H N N 288 
SER HXT  H N N 289 
THR N    N N N 290 
THR CA   C N S 291 
THR C    C N N 292 
THR O    O N N 293 
THR CB   C N R 294 
THR OG1  O N N 295 
THR CG2  C N N 296 
THR OXT  O N N 297 
THR H    H N N 298 
THR H2   H N N 299 
THR HA   H N N 300 
THR HB   H N N 301 
THR HG1  H N N 302 
THR HG21 H N N 303 
THR HG22 H N N 304 
THR HG23 H N N 305 
THR HXT  H N N 306 
TRP N    N N N 307 
TRP CA   C N S 308 
TRP C    C N N 309 
TRP O    O N N 310 
TRP CB   C N N 311 
TRP CG   C Y N 312 
TRP CD1  C Y N 313 
TRP CD2  C Y N 314 
TRP NE1  N Y N 315 
TRP CE2  C Y N 316 
TRP CE3  C Y N 317 
TRP CZ2  C Y N 318 
TRP CZ3  C Y N 319 
TRP CH2  C Y N 320 
TRP OXT  O N N 321 
TRP H    H N N 322 
TRP H2   H N N 323 
TRP HA   H N N 324 
TRP HB2  H N N 325 
TRP HB3  H N N 326 
TRP HD1  H N N 327 
TRP HE1  H N N 328 
TRP HE3  H N N 329 
TRP HZ2  H N N 330 
TRP HZ3  H N N 331 
TRP HH2  H N N 332 
TRP HXT  H N N 333 
TYR N    N N N 334 
TYR CA   C N S 335 
TYR C    C N N 336 
TYR O    O N N 337 
TYR CB   C N N 338 
TYR CG   C Y N 339 
TYR CD1  C Y N 340 
TYR CD2  C Y N 341 
TYR CE1  C Y N 342 
TYR CE2  C Y N 343 
TYR CZ   C Y N 344 
TYR OH   O N N 345 
TYR OXT  O N N 346 
TYR H    H N N 347 
TYR H2   H N N 348 
TYR HA   H N N 349 
TYR HB2  H N N 350 
TYR HB3  H N N 351 
TYR HD1  H N N 352 
TYR HD2  H N N 353 
TYR HE1  H N N 354 
TYR HE2  H N N 355 
TYR HH   H N N 356 
TYR HXT  H N N 357 
VAL N    N N N 358 
VAL CA   C N S 359 
VAL C    C N N 360 
VAL O    O N N 361 
VAL CB   C N N 362 
VAL CG1  C N N 363 
VAL CG2  C N N 364 
VAL OXT  O N N 365 
VAL H    H N N 366 
VAL H2   H N N 367 
VAL HA   H N N 368 
VAL HB   H N N 369 
VAL HG11 H N N 370 
VAL HG12 H N N 371 
VAL HG13 H N N 372 
VAL HG21 H N N 373 
VAL HG22 H N N 374 
VAL HG23 H N N 375 
VAL HXT  H N N 376 
# 
loop_
_chem_comp_bond.comp_id 
_chem_comp_bond.atom_id_1 
_chem_comp_bond.atom_id_2 
_chem_comp_bond.value_order 
_chem_comp_bond.pdbx_aromatic_flag 
_chem_comp_bond.pdbx_stereo_config 
_chem_comp_bond.pdbx_ordinal 
ALA N   CA   sing N N 1   
ALA N   H    sing N N 2   
ALA N   H2   sing N N 3   
ALA CA  C    sing N N 4   
ALA CA  CB   sing N N 5   
ALA CA  HA   sing N N 6   
ALA C   O    doub N N 7   
ALA C   OXT  sing N N 8   
ALA CB  HB1  sing N N 9   
ALA CB  HB2  sing N N 10  
ALA CB  HB3  sing N N 11  
ALA OXT HXT  sing N N 12  
ARG N   CA   sing N N 13  
ARG N   H    sing N N 14  
ARG N   H2   sing N N 15  
ARG CA  C    sing N N 16  
ARG CA  CB   sing N N 17  
ARG CA  HA   sing N N 18  
ARG C   O    doub N N 19  
ARG C   OXT  sing N N 20  
ARG CB  CG   sing N N 21  
ARG CB  HB2  sing N N 22  
ARG CB  HB3  sing N N 23  
ARG CG  CD   sing N N 24  
ARG CG  HG2  sing N N 25  
ARG CG  HG3  sing N N 26  
ARG CD  NE   sing N N 27  
ARG CD  HD2  sing N N 28  
ARG CD  HD3  sing N N 29  
ARG NE  CZ   sing N N 30  
ARG NE  HE   sing N N 31  
ARG CZ  NH1  sing N N 32  
ARG CZ  NH2  doub N N 33  
ARG NH1 HH11 sing N N 34  
ARG NH1 HH12 sing N N 35  
ARG NH2 HH21 sing N N 36  
ARG NH2 HH22 sing N N 37  
ARG OXT HXT  sing N N 38  
ASN N   CA   sing N N 39  
ASN N   H    sing N N 40  
ASN N   H2   sing N N 41  
ASN CA  C    sing N N 42  
ASN CA  CB   sing N N 43  
ASN CA  HA   sing N N 44  
ASN C   O    doub N N 45  
ASN C   OXT  sing N N 46  
ASN CB  CG   sing N N 47  
ASN CB  HB2  sing N N 48  
ASN CB  HB3  sing N N 49  
ASN CG  OD1  doub N N 50  
ASN CG  ND2  sing N N 51  
ASN ND2 HD21 sing N N 52  
ASN ND2 HD22 sing N N 53  
ASN OXT HXT  sing N N 54  
ASP N   CA   sing N N 55  
ASP N   H    sing N N 56  
ASP N   H2   sing N N 57  
ASP CA  C    sing N N 58  
ASP CA  CB   sing N N 59  
ASP CA  HA   sing N N 60  
ASP C   O    doub N N 61  
ASP C   OXT  sing N N 62  
ASP CB  CG   sing N N 63  
ASP CB  HB2  sing N N 64  
ASP CB  HB3  sing N N 65  
ASP CG  OD1  doub N N 66  
ASP CG  OD2  sing N N 67  
ASP OD2 HD2  sing N N 68  
ASP OXT HXT  sing N N 69  
GLN N   CA   sing N N 70  
GLN N   H    sing N N 71  
GLN N   H2   sing N N 72  
GLN CA  C    sing N N 73  
GLN CA  CB   sing N N 74  
GLN CA  HA   sing N N 75  
GLN C   O    doub N N 76  
GLN C   OXT  sing N N 77  
GLN CB  CG   sing N N 78  
GLN CB  HB2  sing N N 79  
GLN CB  HB3  sing N N 80  
GLN CG  CD   sing N N 81  
GLN CG  HG2  sing N N 82  
GLN CG  HG3  sing N N 83  
GLN CD  OE1  doub N N 84  
GLN CD  NE2  sing N N 85  
GLN NE2 HE21 sing N N 86  
GLN NE2 HE22 sing N N 87  
GLN OXT HXT  sing N N 88  
GLU N   CA   sing N N 89  
GLU N   H    sing N N 90  
GLU N   H2   sing N N 91  
GLU CA  C    sing N N 92  
GLU CA  CB   sing N N 93  
GLU CA  HA   sing N N 94  
GLU C   O    doub N N 95  
GLU C   OXT  sing N N 96  
GLU CB  CG   sing N N 97  
GLU CB  HB2  sing N N 98  
GLU CB  HB3  sing N N 99  
GLU CG  CD   sing N N 100 
GLU CG  HG2  sing N N 101 
GLU CG  HG3  sing N N 102 
GLU CD  OE1  doub N N 103 
GLU CD  OE2  sing N N 104 
GLU OE2 HE2  sing N N 105 
GLU OXT HXT  sing N N 106 
GLY N   CA   sing N N 107 
GLY N   H    sing N N 108 
GLY N   H2   sing N N 109 
GLY CA  C    sing N N 110 
GLY CA  HA2  sing N N 111 
GLY CA  HA3  sing N N 112 
GLY C   O    doub N N 113 
GLY C   OXT  sing N N 114 
GLY OXT HXT  sing N N 115 
HIS N   CA   sing N N 116 
HIS N   H    sing N N 117 
HIS N   H2   sing N N 118 
HIS CA  C    sing N N 119 
HIS CA  CB   sing N N 120 
HIS CA  HA   sing N N 121 
HIS C   O    doub N N 122 
HIS C   OXT  sing N N 123 
HIS CB  CG   sing N N 124 
HIS CB  HB2  sing N N 125 
HIS CB  HB3  sing N N 126 
HIS CG  ND1  sing Y N 127 
HIS CG  CD2  doub Y N 128 
HIS ND1 CE1  doub Y N 129 
HIS ND1 HD1  sing N N 130 
HIS CD2 NE2  sing Y N 131 
HIS CD2 HD2  sing N N 132 
HIS CE1 NE2  sing Y N 133 
HIS CE1 HE1  sing N N 134 
HIS NE2 HE2  sing N N 135 
HIS OXT HXT  sing N N 136 
HOH O   H1   sing N N 137 
HOH O   H2   sing N N 138 
ILE N   CA   sing N N 139 
ILE N   H    sing N N 140 
ILE N   H2   sing N N 141 
ILE CA  C    sing N N 142 
ILE CA  CB   sing N N 143 
ILE CA  HA   sing N N 144 
ILE C   O    doub N N 145 
ILE C   OXT  sing N N 146 
ILE CB  CG1  sing N N 147 
ILE CB  CG2  sing N N 148 
ILE CB  HB   sing N N 149 
ILE CG1 CD1  sing N N 150 
ILE CG1 HG12 sing N N 151 
ILE CG1 HG13 sing N N 152 
ILE CG2 HG21 sing N N 153 
ILE CG2 HG22 sing N N 154 
ILE CG2 HG23 sing N N 155 
ILE CD1 HD11 sing N N 156 
ILE CD1 HD12 sing N N 157 
ILE CD1 HD13 sing N N 158 
ILE OXT HXT  sing N N 159 
LEU N   CA   sing N N 160 
LEU N   H    sing N N 161 
LEU N   H2   sing N N 162 
LEU CA  C    sing N N 163 
LEU CA  CB   sing N N 164 
LEU CA  HA   sing N N 165 
LEU C   O    doub N N 166 
LEU C   OXT  sing N N 167 
LEU CB  CG   sing N N 168 
LEU CB  HB2  sing N N 169 
LEU CB  HB3  sing N N 170 
LEU CG  CD1  sing N N 171 
LEU CG  CD2  sing N N 172 
LEU CG  HG   sing N N 173 
LEU CD1 HD11 sing N N 174 
LEU CD1 HD12 sing N N 175 
LEU CD1 HD13 sing N N 176 
LEU CD2 HD21 sing N N 177 
LEU CD2 HD22 sing N N 178 
LEU CD2 HD23 sing N N 179 
LEU OXT HXT  sing N N 180 
LYS N   CA   sing N N 181 
LYS N   H    sing N N 182 
LYS N   H2   sing N N 183 
LYS CA  C    sing N N 184 
LYS CA  CB   sing N N 185 
LYS CA  HA   sing N N 186 
LYS C   O    doub N N 187 
LYS C   OXT  sing N N 188 
LYS CB  CG   sing N N 189 
LYS CB  HB2  sing N N 190 
LYS CB  HB3  sing N N 191 
LYS CG  CD   sing N N 192 
LYS CG  HG2  sing N N 193 
LYS CG  HG3  sing N N 194 
LYS CD  CE   sing N N 195 
LYS CD  HD2  sing N N 196 
LYS CD  HD3  sing N N 197 
LYS CE  NZ   sing N N 198 
LYS CE  HE2  sing N N 199 
LYS CE  HE3  sing N N 200 
LYS NZ  HZ1  sing N N 201 
LYS NZ  HZ2  sing N N 202 
LYS NZ  HZ3  sing N N 203 
LYS OXT HXT  sing N N 204 
MET N   CA   sing N N 205 
MET N   H    sing N N 206 
MET N   H2   sing N N 207 
MET CA  C    sing N N 208 
MET CA  CB   sing N N 209 
MET CA  HA   sing N N 210 
MET C   O    doub N N 211 
MET C   OXT  sing N N 212 
MET CB  CG   sing N N 213 
MET CB  HB2  sing N N 214 
MET CB  HB3  sing N N 215 
MET CG  SD   sing N N 216 
MET CG  HG2  sing N N 217 
MET CG  HG3  sing N N 218 
MET SD  CE   sing N N 219 
MET CE  HE1  sing N N 220 
MET CE  HE2  sing N N 221 
MET CE  HE3  sing N N 222 
MET OXT HXT  sing N N 223 
PHE N   CA   sing N N 224 
PHE N   H    sing N N 225 
PHE N   H2   sing N N 226 
PHE CA  C    sing N N 227 
PHE CA  CB   sing N N 228 
PHE CA  HA   sing N N 229 
PHE C   O    doub N N 230 
PHE C   OXT  sing N N 231 
PHE CB  CG   sing N N 232 
PHE CB  HB2  sing N N 233 
PHE CB  HB3  sing N N 234 
PHE CG  CD1  doub Y N 235 
PHE CG  CD2  sing Y N 236 
PHE CD1 CE1  sing Y N 237 
PHE CD1 HD1  sing N N 238 
PHE CD2 CE2  doub Y N 239 
PHE CD2 HD2  sing N N 240 
PHE CE1 CZ   doub Y N 241 
PHE CE1 HE1  sing N N 242 
PHE CE2 CZ   sing Y N 243 
PHE CE2 HE2  sing N N 244 
PHE CZ  HZ   sing N N 245 
PHE OXT HXT  sing N N 246 
PRO N   CA   sing N N 247 
PRO N   CD   sing N N 248 
PRO N   H    sing N N 249 
PRO CA  C    sing N N 250 
PRO CA  CB   sing N N 251 
PRO CA  HA   sing N N 252 
PRO C   O    doub N N 253 
PRO C   OXT  sing N N 254 
PRO CB  CG   sing N N 255 
PRO CB  HB2  sing N N 256 
PRO CB  HB3  sing N N 257 
PRO CG  CD   sing N N 258 
PRO CG  HG2  sing N N 259 
PRO CG  HG3  sing N N 260 
PRO CD  HD2  sing N N 261 
PRO CD  HD3  sing N N 262 
PRO OXT HXT  sing N N 263 
SER N   CA   sing N N 264 
SER N   H    sing N N 265 
SER N   H2   sing N N 266 
SER CA  C    sing N N 267 
SER CA  CB   sing N N 268 
SER CA  HA   sing N N 269 
SER C   O    doub N N 270 
SER C   OXT  sing N N 271 
SER CB  OG   sing N N 272 
SER CB  HB2  sing N N 273 
SER CB  HB3  sing N N 274 
SER OG  HG   sing N N 275 
SER OXT HXT  sing N N 276 
THR N   CA   sing N N 277 
THR N   H    sing N N 278 
THR N   H2   sing N N 279 
THR CA  C    sing N N 280 
THR CA  CB   sing N N 281 
THR CA  HA   sing N N 282 
THR C   O    doub N N 283 
THR C   OXT  sing N N 284 
THR CB  OG1  sing N N 285 
THR CB  CG2  sing N N 286 
THR CB  HB   sing N N 287 
THR OG1 HG1  sing N N 288 
THR CG2 HG21 sing N N 289 
THR CG2 HG22 sing N N 290 
THR CG2 HG23 sing N N 291 
THR OXT HXT  sing N N 292 
TRP N   CA   sing N N 293 
TRP N   H    sing N N 294 
TRP N   H2   sing N N 295 
TRP CA  C    sing N N 296 
TRP CA  CB   sing N N 297 
TRP CA  HA   sing N N 298 
TRP C   O    doub N N 299 
TRP C   OXT  sing N N 300 
TRP CB  CG   sing N N 301 
TRP CB  HB2  sing N N 302 
TRP CB  HB3  sing N N 303 
TRP CG  CD1  doub Y N 304 
TRP CG  CD2  sing Y N 305 
TRP CD1 NE1  sing Y N 306 
TRP CD1 HD1  sing N N 307 
TRP CD2 CE2  doub Y N 308 
TRP CD2 CE3  sing Y N 309 
TRP NE1 CE2  sing Y N 310 
TRP NE1 HE1  sing N N 311 
TRP CE2 CZ2  sing Y N 312 
TRP CE3 CZ3  doub Y N 313 
TRP CE3 HE3  sing N N 314 
TRP CZ2 CH2  doub Y N 315 
TRP CZ2 HZ2  sing N N 316 
TRP CZ3 CH2  sing Y N 317 
TRP CZ3 HZ3  sing N N 318 
TRP CH2 HH2  sing N N 319 
TRP OXT HXT  sing N N 320 
TYR N   CA   sing N N 321 
TYR N   H    sing N N 322 
TYR N   H2   sing N N 323 
TYR CA  C    sing N N 324 
TYR CA  CB   sing N N 325 
TYR CA  HA   sing N N 326 
TYR C   O    doub N N 327 
TYR C   OXT  sing N N 328 
TYR CB  CG   sing N N 329 
TYR CB  HB2  sing N N 330 
TYR CB  HB3  sing N N 331 
TYR CG  CD1  doub Y N 332 
TYR CG  CD2  sing Y N 333 
TYR CD1 CE1  sing Y N 334 
TYR CD1 HD1  sing N N 335 
TYR CD2 CE2  doub Y N 336 
TYR CD2 HD2  sing N N 337 
TYR CE1 CZ   doub Y N 338 
TYR CE1 HE1  sing N N 339 
TYR CE2 CZ   sing Y N 340 
TYR CE2 HE2  sing N N 341 
TYR CZ  OH   sing N N 342 
TYR OH  HH   sing N N 343 
TYR OXT HXT  sing N N 344 
VAL N   CA   sing N N 345 
VAL N   H    sing N N 346 
VAL N   H2   sing N N 347 
VAL CA  C    sing N N 348 
VAL CA  CB   sing N N 349 
VAL CA  HA   sing N N 350 
VAL C   O    doub N N 351 
VAL C   OXT  sing N N 352 
VAL CB  CG1  sing N N 353 
VAL CB  CG2  sing N N 354 
VAL CB  HB   sing N N 355 
VAL CG1 HG11 sing N N 356 
VAL CG1 HG12 sing N N 357 
VAL CG1 HG13 sing N N 358 
VAL CG2 HG21 sing N N 359 
VAL CG2 HG22 sing N N 360 
VAL CG2 HG23 sing N N 361 
VAL OXT HXT  sing N N 362 
# 
_pdbx_audit_support.funding_organization   'National Natural Science Foundation of China' 
_pdbx_audit_support.country                China 
_pdbx_audit_support.grant_number           81770142 
_pdbx_audit_support.ordinal                1 
# 
_pdbx_entity_nonpoly.entity_id   2 
_pdbx_entity_nonpoly.name        water 
_pdbx_entity_nonpoly.comp_id     HOH 
# 
_pdbx_initial_refinement_model.id               1 
_pdbx_initial_refinement_model.entity_id_list   ? 
_pdbx_initial_refinement_model.type             'experimental model' 
_pdbx_initial_refinement_model.source_name      PDB 
_pdbx_initial_refinement_model.accession_code   2QDF 
_pdbx_initial_refinement_model.details          ? 
# 
_pdbx_struct_assembly_auth_evidence.id                     1 
_pdbx_struct_assembly_auth_evidence.assembly_id            1 
_pdbx_struct_assembly_auth_evidence.experimental_support   none 
_pdbx_struct_assembly_auth_evidence.details                ? 
# 
